data_5VSO
#
_entry.id   5VSO
#
_entity_poly.entity_id   1
_entity_poly.type   'polypeptide(L)'
_entity_poly.pdbx_seq_one_letter_code
;GEFGSMVKETKFYDILGVPVTATDVEIKKAYRKCALKYHPDKNPSEEAAEKFKEASAAYEILSDPEKRDIYDQFG
;
_entity_poly.pdbx_strand_id   A
#
# COMPACT_ATOMS: atom_id res chain seq x y z
N GLY A 1 4.64 4.50 20.18
CA GLY A 1 3.38 5.22 20.42
C GLY A 1 3.10 6.27 19.38
N GLU A 2 3.80 7.39 19.47
CA GLU A 2 3.61 8.49 18.54
C GLU A 2 4.57 8.36 17.35
N PHE A 3 4.20 8.98 16.25
CA PHE A 3 4.98 8.94 15.03
C PHE A 3 5.27 10.35 14.52
N GLY A 4 6.44 10.52 13.93
CA GLY A 4 6.79 11.80 13.37
C GLY A 4 6.36 11.92 11.93
N SER A 5 6.61 13.07 11.32
CA SER A 5 6.26 13.34 9.92
C SER A 5 4.76 13.29 9.68
N MET A 6 4.12 14.45 9.76
CA MET A 6 2.69 14.54 9.49
C MET A 6 2.41 14.16 8.04
N VAL A 7 3.31 14.55 7.16
CA VAL A 7 3.19 14.25 5.76
C VAL A 7 3.58 12.80 5.51
N LYS A 8 2.66 12.03 4.97
CA LYS A 8 2.88 10.63 4.70
C LYS A 8 3.21 10.42 3.22
N GLU A 9 4.46 10.21 2.92
CA GLU A 9 4.88 9.99 1.55
C GLU A 9 5.63 8.68 1.41
N THR A 10 5.32 7.93 0.35
CA THR A 10 6.03 6.73 0.00
C THR A 10 5.66 5.52 0.88
N LYS A 11 4.97 5.76 1.99
CA LYS A 11 4.64 4.67 2.91
C LYS A 11 3.77 3.62 2.25
N PHE A 12 2.78 4.04 1.50
CA PHE A 12 1.92 3.11 0.81
C PHE A 12 2.65 2.42 -0.33
N TYR A 13 3.56 3.15 -0.95
CA TYR A 13 4.35 2.60 -2.03
C TYR A 13 5.30 1.53 -1.47
N ASP A 14 5.94 1.88 -0.35
CA ASP A 14 6.83 0.96 0.37
C ASP A 14 6.10 -0.28 0.86
N ILE A 15 4.92 -0.07 1.38
CA ILE A 15 4.11 -1.17 1.87
C ILE A 15 3.75 -2.14 0.73
N LEU A 16 3.28 -1.61 -0.39
CA LEU A 16 3.01 -2.46 -1.56
C LEU A 16 4.28 -3.03 -2.17
N GLY A 17 5.38 -2.34 -2.02
CA GLY A 17 6.61 -2.81 -2.61
C GLY A 17 6.82 -2.22 -4.00
N VAL A 18 6.24 -1.06 -4.20
CA VAL A 18 6.36 -0.34 -5.47
C VAL A 18 7.08 0.99 -5.28
N PRO A 19 7.67 1.52 -6.35
CA PRO A 19 8.32 2.84 -6.32
C PRO A 19 7.30 3.95 -6.22
N VAL A 20 7.73 5.12 -5.82
CA VAL A 20 6.86 6.29 -5.81
C VAL A 20 6.37 6.54 -7.23
N THR A 21 7.27 6.31 -8.17
CA THR A 21 7.00 6.51 -9.59
C THR A 21 6.29 5.27 -10.20
N ALA A 22 5.66 4.47 -9.35
CA ALA A 22 5.00 3.24 -9.77
C ALA A 22 3.84 3.49 -10.72
N THR A 23 3.67 2.55 -11.62
CA THR A 23 2.59 2.55 -12.57
C THR A 23 1.47 1.65 -12.06
N ASP A 24 0.30 1.69 -12.70
CA ASP A 24 -0.85 0.89 -12.26
C ASP A 24 -0.52 -0.59 -12.24
N VAL A 25 0.22 -1.07 -13.22
CA VAL A 25 0.57 -2.49 -13.30
C VAL A 25 1.43 -2.91 -12.09
N GLU A 26 2.40 -2.06 -11.76
CA GLU A 26 3.29 -2.34 -10.63
C GLU A 26 2.49 -2.35 -9.36
N ILE A 27 1.56 -1.42 -9.30
CA ILE A 27 0.66 -1.26 -8.18
C ILE A 27 -0.25 -2.50 -8.03
N LYS A 28 -0.79 -2.98 -9.15
CA LYS A 28 -1.66 -4.14 -9.14
C LYS A 28 -0.93 -5.37 -8.63
N LYS A 29 0.25 -5.62 -9.19
CA LYS A 29 1.01 -6.82 -8.85
C LYS A 29 1.50 -6.78 -7.42
N ALA A 30 1.85 -5.60 -6.97
CA ALA A 30 2.28 -5.40 -5.60
C ALA A 30 1.15 -5.71 -4.66
N TYR A 31 -0.05 -5.27 -5.03
CA TYR A 31 -1.23 -5.58 -4.29
C TYR A 31 -1.46 -7.07 -4.27
N ARG A 32 -1.33 -7.66 -5.46
CA ARG A 32 -1.54 -9.08 -5.64
C ARG A 32 -0.59 -9.88 -4.79
N LYS A 33 0.67 -9.50 -4.81
CA LYS A 33 1.64 -10.23 -4.04
C LYS A 33 1.47 -9.97 -2.55
N CYS A 34 1.24 -8.72 -2.17
CA CYS A 34 1.09 -8.41 -0.76
C CYS A 34 -0.13 -9.11 -0.15
N ALA A 35 -1.25 -9.08 -0.87
CA ALA A 35 -2.45 -9.72 -0.41
C ALA A 35 -2.30 -11.25 -0.37
N LEU A 36 -1.81 -11.81 -1.46
CA LEU A 36 -1.64 -13.25 -1.57
C LEU A 36 -0.61 -13.79 -0.58
N LYS A 37 0.47 -13.06 -0.41
CA LYS A 37 1.55 -13.47 0.48
C LYS A 37 1.14 -13.42 1.97
N TYR A 38 0.39 -12.39 2.37
CA TYR A 38 0.05 -12.22 3.79
C TYR A 38 -1.46 -12.17 4.11
N HIS A 39 -2.29 -12.68 3.21
CA HIS A 39 -3.74 -12.71 3.46
C HIS A 39 -4.08 -13.54 4.71
N PRO A 40 -5.02 -13.06 5.54
CA PRO A 40 -5.39 -13.69 6.82
C PRO A 40 -5.97 -15.11 6.70
N ASP A 41 -6.50 -15.45 5.54
CA ASP A 41 -7.11 -16.77 5.34
C ASP A 41 -6.06 -17.87 5.19
N LYS A 42 -4.80 -17.49 5.11
CA LYS A 42 -3.70 -18.47 5.02
C LYS A 42 -2.58 -18.08 5.94
N ASN A 43 -2.47 -16.78 6.18
CA ASN A 43 -1.49 -16.25 7.08
C ASN A 43 -2.21 -15.74 8.32
N PRO A 44 -2.09 -16.48 9.43
CA PRO A 44 -2.82 -16.20 10.66
C PRO A 44 -2.29 -15.01 11.47
N SER A 45 -1.10 -14.53 11.13
CA SER A 45 -0.51 -13.45 11.87
C SER A 45 -1.30 -12.17 11.74
N GLU A 46 -1.40 -11.48 12.83
CA GLU A 46 -2.07 -10.20 12.90
C GLU A 46 -1.40 -9.22 11.96
N GLU A 47 -0.08 -9.22 11.99
CA GLU A 47 0.73 -8.34 11.19
C GLU A 47 0.50 -8.59 9.72
N ALA A 48 0.35 -9.86 9.37
CA ALA A 48 0.10 -10.25 8.00
C ALA A 48 -1.19 -9.65 7.54
N ALA A 49 -2.15 -9.72 8.41
CA ALA A 49 -3.47 -9.15 8.19
C ALA A 49 -3.38 -7.63 8.07
N GLU A 50 -2.52 -7.03 8.90
CA GLU A 50 -2.30 -5.59 8.88
C GLU A 50 -1.77 -5.20 7.52
N LYS A 51 -0.84 -6.00 7.03
CA LYS A 51 -0.24 -5.78 5.75
C LYS A 51 -1.27 -5.85 4.65
N PHE A 52 -2.17 -6.80 4.78
CA PHE A 52 -3.26 -6.97 3.85
C PHE A 52 -4.14 -5.70 3.83
N LYS A 53 -4.50 -5.22 5.03
CA LYS A 53 -5.36 -4.05 5.14
C LYS A 53 -4.68 -2.81 4.58
N GLU A 54 -3.43 -2.62 4.93
CA GLU A 54 -2.65 -1.50 4.40
C GLU A 54 -2.50 -1.61 2.90
N ALA A 55 -2.31 -2.82 2.42
CA ALA A 55 -2.17 -3.07 1.00
C ALA A 55 -3.43 -2.70 0.27
N SER A 56 -4.58 -3.02 0.87
CA SER A 56 -5.86 -2.72 0.25
C SER A 56 -6.11 -1.21 0.18
N ALA A 57 -5.72 -0.49 1.24
CA ALA A 57 -5.88 0.97 1.24
C ALA A 57 -4.92 1.62 0.27
N ALA A 58 -3.70 1.11 0.22
CA ALA A 58 -2.71 1.57 -0.72
C ALA A 58 -3.24 1.35 -2.10
N TYR A 59 -3.82 0.19 -2.31
CA TYR A 59 -4.44 -0.16 -3.56
C TYR A 59 -5.57 0.77 -3.90
N GLU A 60 -6.44 1.07 -2.95
CA GLU A 60 -7.61 1.88 -3.25
C GLU A 60 -7.23 3.29 -3.76
N ILE A 61 -6.09 3.82 -3.31
CA ILE A 61 -5.65 5.11 -3.80
C ILE A 61 -4.69 4.98 -4.97
N LEU A 62 -3.68 4.16 -4.80
CA LEU A 62 -2.66 3.95 -5.79
C LEU A 62 -3.19 3.34 -7.09
N SER A 63 -4.14 2.42 -6.97
CA SER A 63 -4.75 1.80 -8.16
C SER A 63 -5.57 2.83 -8.95
N ASP A 64 -5.63 4.05 -8.42
CA ASP A 64 -6.31 5.15 -9.08
C ASP A 64 -5.32 6.27 -9.26
N PRO A 65 -4.82 6.44 -10.47
CA PRO A 65 -3.79 7.44 -10.79
C PRO A 65 -4.16 8.84 -10.30
N GLU A 66 -5.45 9.13 -10.30
CA GLU A 66 -5.92 10.43 -9.86
C GLU A 66 -5.77 10.55 -8.36
N LYS A 67 -6.07 9.47 -7.67
CA LYS A 67 -5.97 9.39 -6.24
C LYS A 67 -4.53 9.31 -5.85
N ARG A 68 -3.78 8.67 -6.71
CA ARG A 68 -2.39 8.43 -6.55
C ARG A 68 -1.67 9.77 -6.56
N ASP A 69 -2.06 10.63 -7.50
CA ASP A 69 -1.47 11.96 -7.61
C ASP A 69 -1.91 12.81 -6.46
N ILE A 70 -3.15 12.66 -6.07
CA ILE A 70 -3.70 13.35 -4.94
C ILE A 70 -2.92 12.99 -3.67
N TYR A 71 -2.71 11.69 -3.47
CA TYR A 71 -1.91 11.21 -2.34
C TYR A 71 -0.49 11.76 -2.43
N ASP A 72 0.09 11.66 -3.61
CA ASP A 72 1.47 12.05 -3.87
C ASP A 72 1.76 13.53 -3.54
N GLN A 73 0.87 14.42 -3.93
CA GLN A 73 1.07 15.81 -3.73
C GLN A 73 0.63 16.28 -2.33
N PHE A 74 -0.53 15.82 -1.89
CA PHE A 74 -1.04 16.22 -0.57
C PHE A 74 -0.27 15.54 0.55
N GLY A 75 0.25 14.36 0.28
CA GLY A 75 1.02 13.66 1.29
C GLY A 75 0.15 13.19 2.45
N GLY A 1 0.11 0.22 15.26
CA GLY A 1 -0.76 1.38 15.52
C GLY A 1 -0.08 2.66 15.12
N GLU A 2 -0.86 3.61 14.64
CA GLU A 2 -0.29 4.85 14.20
C GLU A 2 -0.79 5.99 15.06
N PHE A 3 0.14 6.76 15.62
CA PHE A 3 -0.20 7.88 16.47
C PHE A 3 0.52 9.13 16.00
N GLY A 4 -0.06 10.27 16.32
CA GLY A 4 0.50 11.53 15.90
C GLY A 4 -0.06 11.96 14.57
N SER A 5 0.55 12.94 13.95
CA SER A 5 0.07 13.40 12.67
C SER A 5 1.24 13.60 11.71
N MET A 6 1.45 12.64 10.86
CA MET A 6 2.49 12.70 9.85
C MET A 6 1.99 12.11 8.55
N VAL A 7 2.71 12.35 7.49
CA VAL A 7 2.32 11.85 6.19
C VAL A 7 3.41 10.92 5.68
N LYS A 8 3.05 9.68 5.43
CA LYS A 8 4.02 8.73 4.93
C LYS A 8 4.16 8.91 3.44
N GLU A 9 5.37 9.22 3.01
CA GLU A 9 5.62 9.49 1.61
C GLU A 9 6.58 8.47 1.05
N THR A 10 6.29 7.99 -0.17
CA THR A 10 7.10 7.00 -0.87
C THR A 10 6.95 5.60 -0.22
N LYS A 11 6.66 5.58 1.07
CA LYS A 11 6.49 4.36 1.83
C LYS A 11 5.37 3.50 1.28
N PHE A 12 4.31 4.12 0.79
CA PHE A 12 3.21 3.36 0.23
C PHE A 12 3.64 2.61 -1.02
N TYR A 13 4.53 3.23 -1.81
CA TYR A 13 5.05 2.58 -2.99
C TYR A 13 5.97 1.44 -2.53
N ASP A 14 6.76 1.72 -1.51
CA ASP A 14 7.67 0.75 -0.90
C ASP A 14 6.93 -0.45 -0.35
N ILE A 15 5.85 -0.19 0.37
CA ILE A 15 5.04 -1.22 0.98
C ILE A 15 4.47 -2.18 -0.07
N LEU A 16 3.90 -1.62 -1.12
CA LEU A 16 3.44 -2.43 -2.23
C LEU A 16 4.60 -3.08 -3.00
N GLY A 17 5.76 -2.44 -2.94
CA GLY A 17 6.90 -2.98 -3.66
C GLY A 17 6.94 -2.47 -5.08
N VAL A 18 6.30 -1.34 -5.30
CA VAL A 18 6.21 -0.73 -6.60
C VAL A 18 7.06 0.53 -6.66
N PRO A 19 7.46 0.93 -7.87
CA PRO A 19 8.24 2.16 -8.07
C PRO A 19 7.40 3.40 -7.79
N VAL A 20 8.05 4.49 -7.41
CA VAL A 20 7.33 5.75 -7.25
C VAL A 20 6.63 6.12 -8.58
N THR A 21 7.17 5.62 -9.69
CA THR A 21 6.64 5.83 -11.02
C THR A 21 5.64 4.70 -11.39
N ALA A 22 5.13 4.00 -10.38
CA ALA A 22 4.22 2.89 -10.59
C ALA A 22 2.89 3.34 -11.17
N THR A 23 2.32 2.49 -11.98
CA THR A 23 1.02 2.74 -12.55
C THR A 23 0.00 1.79 -11.93
N ASP A 24 -1.25 1.86 -12.38
CA ASP A 24 -2.33 1.04 -11.82
C ASP A 24 -1.98 -0.43 -11.87
N VAL A 25 -1.32 -0.84 -12.94
CA VAL A 25 -1.00 -2.24 -13.14
C VAL A 25 -0.03 -2.75 -12.07
N GLU A 26 1.02 -1.98 -11.79
CA GLU A 26 2.00 -2.40 -10.80
C GLU A 26 1.39 -2.36 -9.43
N ILE A 27 0.61 -1.33 -9.23
CA ILE A 27 -0.04 -1.08 -7.97
C ILE A 27 -1.00 -2.20 -7.58
N LYS A 28 -1.82 -2.60 -8.53
CA LYS A 28 -2.80 -3.63 -8.28
C LYS A 28 -2.16 -5.01 -8.08
N LYS A 29 -1.17 -5.34 -8.89
CA LYS A 29 -0.51 -6.62 -8.74
C LYS A 29 0.30 -6.67 -7.46
N ALA A 30 0.86 -5.55 -7.10
CA ALA A 30 1.55 -5.43 -5.84
C ALA A 30 0.59 -5.61 -4.70
N TYR A 31 -0.60 -5.04 -4.85
CA TYR A 31 -1.63 -5.19 -3.86
C TYR A 31 -2.01 -6.63 -3.70
N ARG A 32 -2.30 -7.31 -4.82
CA ARG A 32 -2.70 -8.69 -4.74
C ARG A 32 -1.57 -9.55 -4.20
N LYS A 33 -0.31 -9.25 -4.55
CA LYS A 33 0.79 -10.06 -4.02
C LYS A 33 0.95 -9.78 -2.55
N CYS A 34 0.89 -8.52 -2.15
CA CYS A 34 1.04 -8.18 -0.74
C CYS A 34 -0.08 -8.83 0.09
N ALA A 35 -1.30 -8.73 -0.42
CA ALA A 35 -2.45 -9.32 0.25
C ALA A 35 -2.35 -10.85 0.27
N LEU A 36 -2.06 -11.45 -0.88
CA LEU A 36 -1.98 -12.91 -0.96
C LEU A 36 -0.83 -13.45 -0.11
N LYS A 37 0.27 -12.75 -0.12
CA LYS A 37 1.44 -13.17 0.64
C LYS A 37 1.21 -13.11 2.16
N TYR A 38 0.53 -12.08 2.65
CA TYR A 38 0.34 -11.91 4.11
C TYR A 38 -1.13 -11.80 4.57
N HIS A 39 -2.06 -12.27 3.78
CA HIS A 39 -3.49 -12.23 4.18
C HIS A 39 -3.74 -13.14 5.39
N PRO A 40 -4.67 -12.73 6.28
CA PRO A 40 -5.00 -13.51 7.49
C PRO A 40 -5.62 -14.87 7.18
N ASP A 41 -6.13 -15.01 5.97
CA ASP A 41 -6.76 -16.26 5.50
C ASP A 41 -5.78 -17.43 5.54
N LYS A 42 -4.49 -17.15 5.38
CA LYS A 42 -3.48 -18.19 5.36
C LYS A 42 -2.30 -17.82 6.26
N ASN A 43 -2.21 -16.55 6.58
CA ASN A 43 -1.16 -16.03 7.44
C ASN A 43 -1.76 -15.57 8.76
N PRO A 44 -1.56 -16.35 9.83
CA PRO A 44 -2.14 -16.07 11.14
C PRO A 44 -1.49 -14.89 11.88
N SER A 45 -0.30 -14.49 11.45
CA SER A 45 0.44 -13.45 12.14
C SER A 45 -0.29 -12.13 12.11
N GLU A 46 -0.25 -11.46 13.22
CA GLU A 46 -0.85 -10.16 13.38
C GLU A 46 -0.18 -9.15 12.46
N GLU A 47 1.14 -9.25 12.37
CA GLU A 47 1.94 -8.37 11.51
C GLU A 47 1.53 -8.54 10.08
N ALA A 48 1.27 -9.77 9.70
CA ALA A 48 0.87 -10.11 8.35
C ALA A 48 -0.43 -9.43 8.02
N ALA A 49 -1.30 -9.48 8.98
CA ALA A 49 -2.60 -8.84 8.87
C ALA A 49 -2.43 -7.33 8.78
N GLU A 50 -1.48 -6.81 9.54
CA GLU A 50 -1.20 -5.38 9.54
C GLU A 50 -0.67 -4.95 8.17
N LYS A 51 0.17 -5.81 7.60
CA LYS A 51 0.73 -5.57 6.28
C LYS A 51 -0.37 -5.48 5.24
N PHE A 52 -1.35 -6.37 5.40
CA PHE A 52 -2.51 -6.37 4.54
C PHE A 52 -3.20 -5.01 4.59
N LYS A 53 -3.38 -4.50 5.81
CA LYS A 53 -4.04 -3.21 6.00
C LYS A 53 -3.27 -2.09 5.32
N GLU A 54 -1.95 -2.12 5.43
CA GLU A 54 -1.11 -1.11 4.80
C GLU A 54 -1.21 -1.21 3.29
N ALA A 55 -1.23 -2.44 2.80
CA ALA A 55 -1.33 -2.69 1.38
C ALA A 55 -2.66 -2.18 0.86
N SER A 56 -3.70 -2.41 1.65
CA SER A 56 -5.02 -1.97 1.31
C SER A 56 -5.10 -0.44 1.25
N ALA A 57 -4.52 0.25 2.25
CA ALA A 57 -4.53 1.72 2.26
C ALA A 57 -3.75 2.29 1.09
N ALA A 58 -2.62 1.65 0.81
CA ALA A 58 -1.80 2.03 -0.32
C ALA A 58 -2.59 1.88 -1.59
N TYR A 59 -3.30 0.77 -1.69
CA TYR A 59 -4.15 0.49 -2.81
C TYR A 59 -5.28 1.52 -2.92
N GLU A 60 -5.79 1.94 -1.78
CA GLU A 60 -6.91 2.86 -1.76
C GLU A 60 -6.55 4.17 -2.47
N ILE A 61 -5.32 4.64 -2.26
CA ILE A 61 -4.90 5.87 -2.92
C ILE A 61 -4.22 5.60 -4.24
N LEU A 62 -3.28 4.69 -4.23
CA LEU A 62 -2.48 4.36 -5.39
C LEU A 62 -3.31 3.77 -6.55
N SER A 63 -4.29 2.92 -6.24
CA SER A 63 -5.14 2.30 -7.29
C SER A 63 -6.01 3.35 -7.98
N ASP A 64 -6.02 4.56 -7.46
CA ASP A 64 -6.74 5.65 -8.06
C ASP A 64 -5.75 6.68 -8.54
N PRO A 65 -5.58 6.81 -9.85
CA PRO A 65 -4.59 7.70 -10.47
C PRO A 65 -4.66 9.12 -9.94
N GLU A 66 -5.85 9.59 -9.65
CA GLU A 66 -6.01 10.94 -9.16
C GLU A 66 -5.52 11.03 -7.74
N LYS A 67 -5.79 9.99 -6.97
CA LYS A 67 -5.40 9.91 -5.60
C LYS A 67 -3.92 9.70 -5.53
N ARG A 68 -3.43 8.98 -6.50
CA ARG A 68 -2.04 8.64 -6.61
C ARG A 68 -1.24 9.90 -6.89
N ASP A 69 -1.75 10.74 -7.79
CA ASP A 69 -1.11 12.02 -8.11
C ASP A 69 -1.23 12.97 -6.95
N ILE A 70 -2.37 12.92 -6.29
CA ILE A 70 -2.57 13.72 -5.09
C ILE A 70 -1.55 13.32 -4.03
N TYR A 71 -1.42 12.02 -3.84
CA TYR A 71 -0.44 11.47 -2.92
C TYR A 71 0.97 11.86 -3.35
N ASP A 72 1.23 11.73 -4.63
CA ASP A 72 2.53 12.05 -5.22
C ASP A 72 2.91 13.53 -5.00
N GLN A 73 1.97 14.42 -5.27
CA GLN A 73 2.18 15.86 -5.16
C GLN A 73 2.33 16.31 -3.71
N PHE A 74 1.51 15.74 -2.83
CA PHE A 74 1.55 16.10 -1.41
C PHE A 74 2.48 15.18 -0.64
N GLY A 75 3.09 14.25 -1.36
CA GLY A 75 4.04 13.34 -0.78
C GLY A 75 5.45 13.78 -1.03
N GLY A 1 8.68 -1.69 15.78
CA GLY A 1 9.88 -0.92 16.15
C GLY A 1 9.58 0.21 17.11
N GLU A 2 10.52 1.11 17.26
CA GLU A 2 10.37 2.24 18.16
C GLU A 2 9.58 3.37 17.51
N PHE A 3 8.86 4.13 18.33
CA PHE A 3 8.02 5.25 17.90
C PHE A 3 6.84 4.78 17.04
N GLY A 4 6.47 3.52 17.22
CA GLY A 4 5.35 2.96 16.51
C GLY A 4 5.64 2.77 15.04
N SER A 5 4.59 2.70 14.25
CA SER A 5 4.75 2.54 12.83
C SER A 5 4.90 3.91 12.18
N MET A 6 5.97 4.11 11.45
CA MET A 6 6.25 5.41 10.86
C MET A 6 6.47 5.30 9.36
N VAL A 7 5.75 6.13 8.62
CA VAL A 7 5.91 6.21 7.18
C VAL A 7 5.85 7.67 6.75
N LYS A 8 6.76 8.05 5.87
CA LYS A 8 6.82 9.41 5.33
C LYS A 8 5.64 9.70 4.40
N GLU A 9 5.49 10.98 4.05
CA GLU A 9 4.46 11.41 3.11
C GLU A 9 4.55 10.54 1.84
N THR A 10 3.43 10.38 1.14
CA THR A 10 3.27 9.40 0.05
C THR A 10 3.24 8.01 0.68
N LYS A 11 2.45 7.96 1.77
CA LYS A 11 2.31 6.81 2.64
C LYS A 11 1.81 5.58 1.88
N PHE A 12 0.89 5.77 0.97
CA PHE A 12 0.35 4.64 0.25
C PHE A 12 1.37 4.04 -0.70
N TYR A 13 2.24 4.89 -1.27
CA TYR A 13 3.28 4.37 -2.14
C TYR A 13 4.27 3.57 -1.30
N ASP A 14 4.66 4.15 -0.17
CA ASP A 14 5.59 3.50 0.77
C ASP A 14 5.04 2.21 1.35
N ILE A 15 3.76 2.21 1.69
CA ILE A 15 3.13 1.03 2.23
C ILE A 15 3.18 -0.13 1.22
N LEU A 16 2.81 0.15 -0.03
CA LEU A 16 2.91 -0.85 -1.08
C LEU A 16 4.37 -1.20 -1.38
N GLY A 17 5.27 -0.27 -1.16
CA GLY A 17 6.66 -0.50 -1.44
C GLY A 17 7.02 -0.04 -2.83
N VAL A 18 6.22 0.86 -3.35
CA VAL A 18 6.42 1.40 -4.68
C VAL A 18 6.85 2.86 -4.61
N PRO A 19 7.56 3.34 -5.64
CA PRO A 19 7.99 4.73 -5.71
C PRO A 19 6.80 5.65 -5.94
N VAL A 20 6.97 6.91 -5.64
CA VAL A 20 5.94 7.89 -5.92
C VAL A 20 5.69 7.90 -7.43
N THR A 21 6.77 7.72 -8.17
CA THR A 21 6.73 7.69 -9.62
C THR A 21 6.31 6.29 -10.15
N ALA A 22 5.72 5.47 -9.28
CA ALA A 22 5.32 4.11 -9.62
C ALA A 22 4.26 4.04 -10.70
N THR A 23 4.32 3.00 -11.47
CA THR A 23 3.36 2.71 -12.51
C THR A 23 2.36 1.66 -12.03
N ASP A 24 1.29 1.41 -12.81
CA ASP A 24 0.25 0.44 -12.44
C ASP A 24 0.84 -0.93 -12.16
N VAL A 25 1.83 -1.32 -12.94
CA VAL A 25 2.44 -2.63 -12.80
C VAL A 25 3.11 -2.77 -11.45
N GLU A 26 3.83 -1.72 -11.05
CA GLU A 26 4.56 -1.72 -9.79
C GLU A 26 3.58 -1.73 -8.66
N ILE A 27 2.54 -0.97 -8.84
CA ILE A 27 1.49 -0.83 -7.88
C ILE A 27 0.77 -2.16 -7.65
N LYS A 28 0.43 -2.84 -8.73
CA LYS A 28 -0.27 -4.09 -8.64
C LYS A 28 0.56 -5.17 -7.98
N LYS A 29 1.81 -5.29 -8.39
CA LYS A 29 2.67 -6.32 -7.82
C LYS A 29 2.96 -6.05 -6.37
N ALA A 30 3.03 -4.78 -6.03
CA ALA A 30 3.18 -4.37 -4.66
C ALA A 30 1.97 -4.76 -3.85
N TYR A 31 0.79 -4.56 -4.45
CA TYR A 31 -0.44 -4.97 -3.83
C TYR A 31 -0.45 -6.46 -3.65
N ARG A 32 -0.09 -7.15 -4.72
CA ARG A 32 -0.06 -8.59 -4.71
C ARG A 32 0.88 -9.10 -3.64
N LYS A 33 2.05 -8.49 -3.53
CA LYS A 33 3.01 -8.94 -2.54
C LYS A 33 2.53 -8.57 -1.15
N CYS A 34 2.03 -7.35 -0.97
CA CYS A 34 1.59 -6.92 0.34
C CYS A 34 0.43 -7.78 0.85
N ALA A 35 -0.54 -8.02 -0.02
CA ALA A 35 -1.69 -8.83 0.34
C ALA A 35 -1.30 -10.28 0.57
N LEU A 36 -0.55 -10.85 -0.36
CA LEU A 36 -0.12 -12.24 -0.24
C LEU A 36 0.74 -12.46 0.98
N LYS A 37 1.62 -11.53 1.24
CA LYS A 37 2.53 -11.63 2.37
C LYS A 37 1.83 -11.46 3.73
N TYR A 38 0.87 -10.53 3.84
CA TYR A 38 0.24 -10.23 5.15
C TYR A 38 -1.29 -10.40 5.21
N HIS A 39 -1.89 -11.06 4.23
CA HIS A 39 -3.36 -11.26 4.26
C HIS A 39 -3.80 -12.07 5.48
N PRO A 40 -4.90 -11.65 6.15
CA PRO A 40 -5.40 -12.29 7.38
C PRO A 40 -5.84 -13.75 7.18
N ASP A 41 -6.12 -14.10 5.93
CA ASP A 41 -6.56 -15.45 5.61
C ASP A 41 -5.47 -16.49 5.86
N LYS A 42 -4.23 -16.04 5.89
CA LYS A 42 -3.09 -16.93 6.14
C LYS A 42 -2.19 -16.36 7.22
N ASN A 43 -2.22 -15.05 7.37
CA ASN A 43 -1.45 -14.36 8.40
C ASN A 43 -2.39 -13.91 9.51
N PRO A 44 -2.35 -14.59 10.66
CA PRO A 44 -3.26 -14.33 11.78
C PRO A 44 -3.00 -13.01 12.50
N SER A 45 -1.83 -12.43 12.30
CA SER A 45 -1.46 -11.22 12.99
C SER A 45 -2.35 -10.08 12.55
N GLU A 46 -2.80 -9.33 13.51
CA GLU A 46 -3.66 -8.21 13.27
C GLU A 46 -2.97 -7.15 12.45
N GLU A 47 -1.69 -6.94 12.73
CA GLU A 47 -0.89 -5.96 12.00
C GLU A 47 -0.85 -6.32 10.54
N ALA A 48 -0.74 -7.59 10.28
CA ALA A 48 -0.70 -8.09 8.92
C ALA A 48 -1.99 -7.74 8.23
N ALA A 49 -3.05 -7.93 8.96
CA ALA A 49 -4.39 -7.60 8.50
C ALA A 49 -4.51 -6.10 8.25
N GLU A 50 -3.90 -5.31 9.14
CA GLU A 50 -3.92 -3.85 9.03
C GLU A 50 -3.24 -3.46 7.73
N LYS A 51 -2.12 -4.11 7.48
CA LYS A 51 -1.33 -3.89 6.27
C LYS A 51 -2.10 -4.25 5.03
N PHE A 52 -2.84 -5.35 5.12
CA PHE A 52 -3.68 -5.80 4.03
C PHE A 52 -4.69 -4.72 3.68
N LYS A 53 -5.35 -4.17 4.69
CA LYS A 53 -6.33 -3.11 4.50
C LYS A 53 -5.68 -1.88 3.88
N GLU A 54 -4.47 -1.55 4.32
CA GLU A 54 -3.74 -0.41 3.77
C GLU A 54 -3.39 -0.67 2.31
N ALA A 55 -2.98 -1.90 2.03
CA ALA A 55 -2.58 -2.30 0.70
C ALA A 55 -3.75 -2.23 -0.24
N SER A 56 -4.91 -2.67 0.22
CA SER A 56 -6.09 -2.67 -0.58
C SER A 56 -6.55 -1.24 -0.88
N ALA A 57 -6.46 -0.36 0.12
CA ALA A 57 -6.84 1.04 -0.08
C ALA A 57 -5.86 1.74 -1.00
N ALA A 58 -4.59 1.44 -0.80
CA ALA A 58 -3.56 1.98 -1.65
C ALA A 58 -3.79 1.52 -3.06
N TYR A 59 -4.10 0.24 -3.20
CA TYR A 59 -4.38 -0.34 -4.49
C TYR A 59 -5.59 0.28 -5.14
N GLU A 60 -6.66 0.47 -4.38
CA GLU A 60 -7.88 0.96 -4.96
C GLU A 60 -7.71 2.36 -5.57
N ILE A 61 -6.80 3.17 -5.01
CA ILE A 61 -6.55 4.48 -5.58
C ILE A 61 -5.38 4.45 -6.55
N LEU A 62 -4.27 3.94 -6.08
CA LEU A 62 -3.04 3.89 -6.85
C LEU A 62 -3.13 3.04 -8.11
N SER A 63 -3.81 1.90 -8.03
CA SER A 63 -3.95 1.01 -9.19
C SER A 63 -4.76 1.66 -10.30
N ASP A 64 -5.37 2.79 -9.99
CA ASP A 64 -6.12 3.54 -10.97
C ASP A 64 -5.39 4.83 -11.21
N PRO A 65 -4.83 5.00 -12.40
CA PRO A 65 -3.94 6.13 -12.75
C PRO A 65 -4.54 7.48 -12.44
N GLU A 66 -5.84 7.58 -12.55
CA GLU A 66 -6.52 8.83 -12.33
C GLU A 66 -6.64 9.09 -10.86
N LYS A 67 -6.78 8.04 -10.10
CA LYS A 67 -6.93 8.12 -8.68
C LYS A 67 -5.57 8.17 -8.03
N ARG A 68 -4.61 7.68 -8.76
CA ARG A 68 -3.24 7.69 -8.34
C ARG A 68 -2.76 9.12 -8.35
N ASP A 69 -3.15 9.86 -9.41
CA ASP A 69 -2.83 11.27 -9.53
C ASP A 69 -3.59 12.06 -8.51
N ILE A 70 -4.83 11.65 -8.28
CA ILE A 70 -5.68 12.26 -7.27
C ILE A 70 -5.02 12.11 -5.89
N TYR A 71 -4.60 10.90 -5.57
CA TYR A 71 -3.88 10.66 -4.33
C TYR A 71 -2.62 11.49 -4.30
N ASP A 72 -1.92 11.49 -5.42
CA ASP A 72 -0.68 12.22 -5.58
C ASP A 72 -0.87 13.71 -5.27
N GLN A 73 -2.07 14.23 -5.60
CA GLN A 73 -2.39 15.62 -5.31
C GLN A 73 -2.40 15.84 -3.82
N PHE A 74 -3.02 14.91 -3.09
CA PHE A 74 -3.04 14.97 -1.62
C PHE A 74 -1.67 14.68 -1.05
N GLY A 75 -0.94 13.81 -1.73
CA GLY A 75 0.36 13.39 -1.27
C GLY A 75 0.26 12.24 -0.28
N GLY A 1 8.96 5.70 24.90
CA GLY A 1 10.28 5.99 24.30
C GLY A 1 10.26 7.23 23.45
N GLU A 2 9.11 7.50 22.82
CA GLU A 2 8.93 8.67 21.97
C GLU A 2 9.81 8.59 20.72
N PHE A 3 9.33 7.86 19.72
CA PHE A 3 10.04 7.71 18.46
C PHE A 3 10.14 9.07 17.78
N GLY A 4 9.07 9.82 17.89
CA GLY A 4 9.01 11.13 17.29
C GLY A 4 7.87 11.22 16.30
N SER A 5 7.26 12.37 16.23
CA SER A 5 6.17 12.58 15.32
C SER A 5 6.69 13.04 13.98
N MET A 6 6.27 12.39 12.92
CA MET A 6 6.71 12.72 11.58
C MET A 6 5.53 12.93 10.68
N VAL A 7 5.75 13.69 9.64
CA VAL A 7 4.71 13.93 8.66
C VAL A 7 4.77 12.79 7.66
N LYS A 8 3.74 11.98 7.64
CA LYS A 8 3.75 10.79 6.82
C LYS A 8 3.28 11.08 5.40
N GLU A 9 4.06 10.60 4.45
CA GLU A 9 3.80 10.79 3.04
C GLU A 9 4.22 9.54 2.30
N THR A 10 3.54 9.24 1.18
CA THR A 10 3.84 8.08 0.32
C THR A 10 3.56 6.78 1.05
N LYS A 11 2.64 6.88 2.00
CA LYS A 11 2.28 5.77 2.87
C LYS A 11 1.79 4.57 2.07
N PHE A 12 0.93 4.82 1.10
CA PHE A 12 0.38 3.74 0.32
C PHE A 12 1.40 3.13 -0.62
N TYR A 13 2.31 3.95 -1.13
CA TYR A 13 3.36 3.45 -2.02
C TYR A 13 4.28 2.53 -1.21
N ASP A 14 4.70 3.03 -0.06
CA ASP A 14 5.55 2.27 0.84
C ASP A 14 4.91 0.99 1.32
N ILE A 15 3.63 1.06 1.63
CA ILE A 15 2.90 -0.11 2.08
C ILE A 15 2.87 -1.20 1.00
N LEU A 16 2.54 -0.83 -0.23
CA LEU A 16 2.57 -1.79 -1.35
C LEU A 16 3.99 -2.24 -1.70
N GLY A 17 4.97 -1.41 -1.45
CA GLY A 17 6.33 -1.76 -1.82
C GLY A 17 6.67 -1.22 -3.19
N VAL A 18 5.93 -0.22 -3.58
CA VAL A 18 6.09 0.44 -4.86
C VAL A 18 6.69 1.83 -4.66
N PRO A 19 7.35 2.36 -5.68
CA PRO A 19 7.92 3.71 -5.63
C PRO A 19 6.84 4.76 -5.63
N VAL A 20 7.20 5.96 -5.28
CA VAL A 20 6.27 7.07 -5.33
C VAL A 20 5.84 7.27 -6.78
N THR A 21 6.79 7.04 -7.67
CA THR A 21 6.60 7.18 -9.09
C THR A 21 6.07 5.86 -9.71
N ALA A 22 5.38 5.06 -8.89
CA ALA A 22 4.86 3.76 -9.32
C ALA A 22 3.82 3.85 -10.43
N THR A 23 3.82 2.84 -11.27
CA THR A 23 2.88 2.69 -12.35
C THR A 23 1.87 1.58 -12.04
N ASP A 24 0.83 1.46 -12.86
CA ASP A 24 -0.25 0.47 -12.64
C ASP A 24 0.30 -0.94 -12.56
N VAL A 25 1.29 -1.23 -13.37
CA VAL A 25 1.87 -2.57 -13.43
C VAL A 25 2.53 -2.91 -12.09
N GLU A 26 3.27 -1.95 -11.56
CA GLU A 26 3.99 -2.13 -10.31
C GLU A 26 2.99 -2.24 -9.17
N ILE A 27 1.95 -1.45 -9.27
CA ILE A 27 0.87 -1.40 -8.30
C ILE A 27 0.13 -2.74 -8.24
N LYS A 28 -0.18 -3.29 -9.41
CA LYS A 28 -0.88 -4.54 -9.52
C LYS A 28 -0.08 -5.69 -8.88
N LYS A 29 1.19 -5.76 -9.23
CA LYS A 29 2.04 -6.82 -8.72
C LYS A 29 2.30 -6.66 -7.24
N ALA A 30 2.43 -5.42 -6.80
CA ALA A 30 2.59 -5.13 -5.40
C ALA A 30 1.36 -5.56 -4.64
N TYR A 31 0.21 -5.30 -5.22
CA TYR A 31 -1.04 -5.71 -4.64
C TYR A 31 -1.12 -7.22 -4.55
N ARG A 32 -0.80 -7.89 -5.67
CA ARG A 32 -0.88 -9.34 -5.70
C ARG A 32 0.13 -9.97 -4.75
N LYS A 33 1.33 -9.38 -4.64
CA LYS A 33 2.31 -9.94 -3.73
C LYS A 33 1.95 -9.62 -2.30
N CYS A 34 1.56 -8.39 -2.03
CA CYS A 34 1.24 -8.00 -0.65
C CYS A 34 0.08 -8.83 -0.11
N ALA A 35 -0.98 -8.93 -0.91
CA ALA A 35 -2.14 -9.70 -0.52
C ALA A 35 -1.81 -11.19 -0.35
N LEU A 36 -1.10 -11.75 -1.32
CA LEU A 36 -0.73 -13.16 -1.27
C LEU A 36 0.26 -13.47 -0.15
N LYS A 37 1.19 -12.57 0.06
CA LYS A 37 2.21 -12.76 1.09
C LYS A 37 1.63 -12.73 2.52
N TYR A 38 0.69 -11.83 2.78
CA TYR A 38 0.12 -11.68 4.13
C TYR A 38 -1.38 -11.99 4.24
N HIS A 39 -1.92 -12.70 3.26
CA HIS A 39 -3.34 -13.06 3.28
C HIS A 39 -3.72 -13.88 4.53
N PRO A 40 -4.89 -13.59 5.12
CA PRO A 40 -5.36 -14.21 6.38
C PRO A 40 -5.60 -15.72 6.32
N ASP A 41 -5.78 -16.27 5.12
CA ASP A 41 -6.04 -17.71 4.97
C ASP A 41 -4.77 -18.54 5.12
N LYS A 42 -3.63 -17.87 5.22
CA LYS A 42 -2.35 -18.55 5.43
C LYS A 42 -1.57 -17.85 6.53
N ASN A 43 -1.71 -16.55 6.57
CA ASN A 43 -1.10 -15.73 7.58
C ASN A 43 -2.15 -15.42 8.64
N PRO A 44 -2.03 -16.05 9.82
CA PRO A 44 -3.02 -15.91 10.89
C PRO A 44 -2.92 -14.58 11.62
N SER A 45 -1.82 -13.89 11.44
CA SER A 45 -1.58 -12.67 12.15
C SER A 45 -2.59 -11.60 11.75
N GLU A 46 -3.10 -10.96 12.75
CA GLU A 46 -4.07 -9.89 12.58
C GLU A 46 -3.45 -8.75 11.81
N GLU A 47 -2.19 -8.48 12.10
CA GLU A 47 -1.41 -7.46 11.43
C GLU A 47 -1.30 -7.77 9.94
N ALA A 48 -1.12 -9.04 9.64
CA ALA A 48 -1.01 -9.49 8.26
C ALA A 48 -2.27 -9.17 7.52
N ALA A 49 -3.36 -9.41 8.19
CA ALA A 49 -4.68 -9.10 7.67
C ALA A 49 -4.82 -7.59 7.48
N GLU A 50 -4.26 -6.83 8.43
CA GLU A 50 -4.29 -5.36 8.36
C GLU A 50 -3.54 -4.90 7.12
N LYS A 51 -2.41 -5.55 6.89
CA LYS A 51 -1.57 -5.26 5.73
C LYS A 51 -2.33 -5.54 4.44
N PHE A 52 -3.09 -6.62 4.46
CA PHE A 52 -3.90 -7.02 3.34
C PHE A 52 -4.91 -5.90 3.02
N LYS A 53 -5.57 -5.41 4.07
CA LYS A 53 -6.55 -4.33 3.94
C LYS A 53 -5.90 -3.02 3.48
N GLU A 54 -4.72 -2.72 3.99
CA GLU A 54 -4.00 -1.53 3.57
C GLU A 54 -3.62 -1.63 2.11
N ALA A 55 -3.22 -2.83 1.71
CA ALA A 55 -2.84 -3.10 0.35
C ALA A 55 -4.01 -2.90 -0.59
N SER A 56 -5.19 -3.33 -0.15
CA SER A 56 -6.36 -3.20 -0.96
C SER A 56 -6.76 -1.74 -1.11
N ALA A 57 -6.66 -0.94 -0.04
CA ALA A 57 -7.01 0.49 -0.11
C ALA A 57 -6.03 1.22 -1.03
N ALA A 58 -4.78 0.86 -0.91
CA ALA A 58 -3.73 1.41 -1.74
C ALA A 58 -4.03 1.10 -3.18
N TYR A 59 -4.42 -0.13 -3.41
CA TYR A 59 -4.82 -0.60 -4.73
C TYR A 59 -6.01 0.19 -5.24
N GLU A 60 -6.93 0.49 -4.36
CA GLU A 60 -8.15 1.17 -4.75
C GLU A 60 -7.86 2.53 -5.39
N ILE A 61 -6.89 3.27 -4.84
CA ILE A 61 -6.54 4.57 -5.39
C ILE A 61 -5.41 4.48 -6.39
N LEU A 62 -4.39 3.78 -6.03
CA LEU A 62 -3.22 3.62 -6.86
C LEU A 62 -3.51 2.90 -8.18
N SER A 63 -4.37 1.88 -8.15
CA SER A 63 -4.74 1.15 -9.38
C SER A 63 -5.56 2.05 -10.32
N ASP A 64 -5.83 3.26 -9.88
CA ASP A 64 -6.49 4.26 -10.68
C ASP A 64 -5.52 5.37 -10.92
N PRO A 65 -4.97 5.46 -12.12
CA PRO A 65 -3.92 6.44 -12.48
C PRO A 65 -4.32 7.86 -12.12
N GLU A 66 -5.59 8.13 -12.20
CA GLU A 66 -6.11 9.45 -11.92
C GLU A 66 -6.12 9.70 -10.44
N LYS A 67 -6.37 8.66 -9.69
CA LYS A 67 -6.45 8.73 -8.27
C LYS A 67 -5.07 8.59 -7.69
N ARG A 68 -4.21 7.99 -8.47
CA ARG A 68 -2.84 7.80 -8.13
C ARG A 68 -2.13 9.16 -8.18
N ASP A 69 -2.47 9.95 -9.20
CA ASP A 69 -1.91 11.30 -9.33
C ASP A 69 -2.49 12.20 -8.27
N ILE A 70 -3.76 12.02 -8.01
CA ILE A 70 -4.45 12.75 -6.97
C ILE A 70 -3.81 12.43 -5.62
N TYR A 71 -3.64 11.14 -5.34
CA TYR A 71 -2.98 10.70 -4.11
C TYR A 71 -1.56 11.23 -4.03
N ASP A 72 -0.84 11.11 -5.13
CA ASP A 72 0.55 11.54 -5.21
C ASP A 72 0.72 12.99 -4.81
N GLN A 73 -0.21 13.82 -5.22
CA GLN A 73 -0.17 15.24 -4.92
C GLN A 73 -0.41 15.49 -3.43
N PHE A 74 -1.36 14.76 -2.85
CA PHE A 74 -1.63 14.87 -1.42
C PHE A 74 -0.53 14.20 -0.60
N GLY A 75 0.06 13.17 -1.18
CA GLY A 75 1.09 12.44 -0.49
C GLY A 75 0.55 11.23 0.27
N GLY A 1 0.03 7.87 19.05
CA GLY A 1 -0.27 6.45 19.22
C GLY A 1 0.97 5.61 19.37
N GLU A 2 0.81 4.30 19.31
CA GLU A 2 1.93 3.37 19.43
C GLU A 2 2.90 3.56 18.28
N PHE A 3 2.36 3.79 17.11
CA PHE A 3 3.17 4.01 15.93
C PHE A 3 3.12 5.46 15.52
N GLY A 4 4.28 6.00 15.19
CA GLY A 4 4.35 7.38 14.76
C GLY A 4 3.98 7.52 13.31
N SER A 5 3.95 8.74 12.82
CA SER A 5 3.58 9.02 11.43
C SER A 5 2.09 8.71 11.20
N MET A 6 1.24 9.68 11.51
CA MET A 6 -0.21 9.53 11.36
C MET A 6 -0.55 9.32 9.90
N VAL A 7 0.16 10.05 9.05
CA VAL A 7 -0.01 9.93 7.63
C VAL A 7 1.29 9.46 7.02
N LYS A 8 1.25 8.34 6.33
CA LYS A 8 2.43 7.80 5.74
C LYS A 8 2.55 8.23 4.28
N GLU A 9 3.63 8.92 4.00
CA GLU A 9 3.87 9.53 2.70
C GLU A 9 5.09 8.91 2.06
N THR A 10 5.05 8.68 0.74
CA THR A 10 6.15 8.07 -0.02
C THR A 10 6.29 6.56 0.31
N LYS A 11 6.07 6.23 1.55
CA LYS A 11 6.13 4.89 2.08
C LYS A 11 5.15 3.95 1.39
N PHE A 12 4.12 4.51 0.77
CA PHE A 12 3.09 3.69 0.14
C PHE A 12 3.63 2.88 -1.04
N TYR A 13 4.54 3.46 -1.83
CA TYR A 13 5.07 2.68 -2.95
C TYR A 13 6.07 1.68 -2.41
N ASP A 14 6.77 2.10 -1.35
CA ASP A 14 7.73 1.24 -0.65
C ASP A 14 7.04 0.02 -0.08
N ILE A 15 5.91 0.25 0.54
CA ILE A 15 5.10 -0.81 1.12
C ILE A 15 4.64 -1.82 0.05
N LEU A 16 4.10 -1.32 -1.04
CA LEU A 16 3.70 -2.18 -2.15
C LEU A 16 4.91 -2.85 -2.83
N GLY A 17 6.06 -2.21 -2.75
CA GLY A 17 7.25 -2.76 -3.39
C GLY A 17 7.38 -2.29 -4.82
N VAL A 18 6.62 -1.29 -5.15
CA VAL A 18 6.62 -0.72 -6.49
C VAL A 18 7.49 0.54 -6.52
N PRO A 19 7.94 0.94 -7.72
CA PRO A 19 8.75 2.17 -7.89
C PRO A 19 7.93 3.41 -7.62
N VAL A 20 8.60 4.55 -7.56
CA VAL A 20 7.91 5.81 -7.36
C VAL A 20 7.07 6.05 -8.61
N THR A 21 7.66 5.63 -9.73
CA THR A 21 7.09 5.79 -11.06
C THR A 21 6.18 4.59 -11.41
N ALA A 22 5.66 3.93 -10.38
CA ALA A 22 4.83 2.74 -10.57
C ALA A 22 3.56 3.04 -11.35
N THR A 23 3.20 2.12 -12.21
CA THR A 23 1.99 2.21 -12.99
C THR A 23 0.87 1.42 -12.30
N ASP A 24 -0.37 1.56 -12.80
CA ASP A 24 -1.53 0.88 -12.21
C ASP A 24 -1.33 -0.62 -12.14
N VAL A 25 -0.72 -1.18 -13.17
CA VAL A 25 -0.50 -2.62 -13.21
C VAL A 25 0.42 -3.07 -12.08
N GLU A 26 1.53 -2.36 -11.91
CA GLU A 26 2.50 -2.66 -10.87
C GLU A 26 1.88 -2.48 -9.51
N ILE A 27 1.11 -1.42 -9.40
CA ILE A 27 0.44 -1.08 -8.16
C ILE A 27 -0.55 -2.15 -7.74
N LYS A 28 -1.38 -2.58 -8.67
CA LYS A 28 -2.36 -3.56 -8.40
C LYS A 28 -1.76 -4.92 -8.08
N LYS A 29 -0.80 -5.36 -8.88
CA LYS A 29 -0.18 -6.65 -8.64
C LYS A 29 0.57 -6.66 -7.32
N ALA A 30 1.11 -5.51 -6.97
CA ALA A 30 1.78 -5.33 -5.70
C ALA A 30 0.81 -5.50 -4.57
N TYR A 31 -0.38 -4.94 -4.74
CA TYR A 31 -1.45 -5.12 -3.79
C TYR A 31 -1.81 -6.57 -3.69
N ARG A 32 -1.97 -7.18 -4.86
CA ARG A 32 -2.37 -8.57 -4.94
C ARG A 32 -1.34 -9.46 -4.27
N LYS A 33 -0.08 -9.20 -4.51
CA LYS A 33 0.96 -10.00 -3.89
C LYS A 33 1.04 -9.71 -2.40
N CYS A 34 0.99 -8.44 -2.03
CA CYS A 34 1.10 -8.08 -0.62
C CYS A 34 -0.06 -8.66 0.18
N ALA A 35 -1.26 -8.54 -0.37
CA ALA A 35 -2.44 -9.08 0.28
C ALA A 35 -2.40 -10.60 0.34
N LEU A 36 -2.13 -11.23 -0.79
CA LEU A 36 -2.10 -12.69 -0.84
C LEU A 36 -0.99 -13.27 0.04
N LYS A 37 0.15 -12.63 0.01
CA LYS A 37 1.29 -13.07 0.78
C LYS A 37 1.08 -12.94 2.30
N TYR A 38 0.45 -11.85 2.75
CA TYR A 38 0.27 -11.60 4.18
C TYR A 38 -1.18 -11.37 4.63
N HIS A 39 -2.14 -11.93 3.92
CA HIS A 39 -3.54 -11.76 4.34
C HIS A 39 -3.85 -12.54 5.62
N PRO A 40 -4.62 -11.95 6.54
CA PRO A 40 -4.95 -12.57 7.84
C PRO A 40 -5.73 -13.88 7.73
N ASP A 41 -6.36 -14.09 6.58
CA ASP A 41 -7.13 -15.31 6.32
C ASP A 41 -6.27 -16.56 6.31
N LYS A 42 -5.00 -16.41 5.94
CA LYS A 42 -4.10 -17.56 5.86
C LYS A 42 -2.80 -17.27 6.60
N ASN A 43 -2.55 -16.01 6.86
CA ASN A 43 -1.40 -15.57 7.60
C ASN A 43 -1.88 -15.03 8.95
N PRO A 44 -1.66 -15.81 10.02
CA PRO A 44 -2.17 -15.47 11.36
C PRO A 44 -1.44 -14.33 12.06
N SER A 45 -0.31 -13.91 11.53
CA SER A 45 0.43 -12.85 12.15
C SER A 45 -0.28 -11.51 12.06
N GLU A 46 -0.34 -10.83 13.18
CA GLU A 46 -1.00 -9.54 13.26
C GLU A 46 -0.30 -8.54 12.37
N GLU A 47 1.01 -8.67 12.30
CA GLU A 47 1.85 -7.83 11.46
C GLU A 47 1.49 -8.02 10.01
N ALA A 48 1.22 -9.26 9.65
CA ALA A 48 0.82 -9.58 8.29
C ALA A 48 -0.46 -8.87 7.97
N ALA A 49 -1.34 -8.88 8.94
CA ALA A 49 -2.62 -8.20 8.84
C ALA A 49 -2.40 -6.69 8.70
N GLU A 50 -1.42 -6.18 9.43
CA GLU A 50 -1.06 -4.78 9.38
C GLU A 50 -0.61 -4.42 7.97
N LYS A 51 0.19 -5.31 7.41
CA LYS A 51 0.71 -5.16 6.06
C LYS A 51 -0.42 -5.15 5.06
N PHE A 52 -1.38 -6.01 5.28
CA PHE A 52 -2.56 -6.11 4.45
C PHE A 52 -3.30 -4.77 4.44
N LYS A 53 -3.46 -4.19 5.62
CA LYS A 53 -4.15 -2.90 5.77
C LYS A 53 -3.41 -1.80 5.00
N GLU A 54 -2.09 -1.81 5.08
CA GLU A 54 -1.28 -0.83 4.38
C GLU A 54 -1.40 -1.00 2.88
N ALA A 55 -1.42 -2.26 2.47
CA ALA A 55 -1.51 -2.59 1.06
C ALA A 55 -2.83 -2.08 0.50
N SER A 56 -3.90 -2.24 1.27
CA SER A 56 -5.19 -1.81 0.83
C SER A 56 -5.28 -0.29 0.70
N ALA A 57 -4.66 0.44 1.64
CA ALA A 57 -4.66 1.92 1.57
C ALA A 57 -3.78 2.42 0.43
N ALA A 58 -2.63 1.81 0.27
CA ALA A 58 -1.73 2.16 -0.80
C ALA A 58 -2.43 1.92 -2.10
N TYR A 59 -3.09 0.79 -2.19
CA TYR A 59 -3.84 0.41 -3.35
C TYR A 59 -4.98 1.38 -3.63
N GLU A 60 -5.72 1.77 -2.60
CA GLU A 60 -6.89 2.61 -2.82
C GLU A 60 -6.52 3.96 -3.45
N ILE A 61 -5.34 4.48 -3.12
CA ILE A 61 -4.93 5.74 -3.71
C ILE A 61 -4.11 5.54 -4.96
N LEU A 62 -3.12 4.68 -4.86
CA LEU A 62 -2.22 4.41 -5.96
C LEU A 62 -2.91 3.72 -7.16
N SER A 63 -3.82 2.79 -6.89
CA SER A 63 -4.53 2.06 -7.97
C SER A 63 -5.50 2.98 -8.69
N ASP A 64 -5.73 4.13 -8.12
CA ASP A 64 -6.57 5.13 -8.72
C ASP A 64 -5.71 6.27 -9.16
N PRO A 65 -5.41 6.33 -10.46
CA PRO A 65 -4.48 7.32 -11.03
C PRO A 65 -4.83 8.74 -10.65
N GLU A 66 -6.09 9.00 -10.51
CA GLU A 66 -6.55 10.32 -10.21
C GLU A 66 -6.27 10.63 -8.76
N LYS A 67 -6.46 9.63 -7.91
CA LYS A 67 -6.21 9.74 -6.51
C LYS A 67 -4.73 9.83 -6.29
N ARG A 68 -4.04 9.07 -7.09
CA ARG A 68 -2.62 8.97 -7.08
C ARG A 68 -1.99 10.32 -7.44
N ASP A 69 -2.52 10.96 -8.49
CA ASP A 69 -2.03 12.26 -8.90
C ASP A 69 -2.29 13.28 -7.84
N ILE A 70 -3.43 13.15 -7.21
CA ILE A 70 -3.78 13.97 -6.08
C ILE A 70 -2.80 13.73 -4.93
N TYR A 71 -2.53 12.46 -4.67
CA TYR A 71 -1.59 12.05 -3.64
C TYR A 71 -0.21 12.61 -3.90
N ASP A 72 0.25 12.50 -5.13
CA ASP A 72 1.57 13.00 -5.51
C ASP A 72 1.70 14.50 -5.28
N GLN A 73 0.64 15.23 -5.59
CA GLN A 73 0.63 16.68 -5.44
C GLN A 73 0.77 17.07 -3.99
N PHE A 74 0.13 16.31 -3.13
CA PHE A 74 0.17 16.60 -1.69
C PHE A 74 1.19 15.72 -0.98
N GLY A 75 1.85 14.87 -1.73
CA GLY A 75 2.86 14.01 -1.16
C GLY A 75 4.14 14.03 -1.95
N GLY A 1 7.97 2.11 16.62
CA GLY A 1 7.68 3.41 17.25
C GLY A 1 7.84 4.55 16.27
N GLU A 2 7.39 5.72 16.66
CA GLU A 2 7.48 6.90 15.81
C GLU A 2 7.69 8.14 16.66
N PHE A 3 7.99 9.25 16.02
CA PHE A 3 8.26 10.50 16.71
C PHE A 3 7.21 11.53 16.36
N GLY A 4 7.07 12.52 17.22
CA GLY A 4 6.10 13.56 17.00
C GLY A 4 6.46 14.47 15.85
N SER A 5 5.42 15.04 15.24
CA SER A 5 5.58 15.97 14.12
C SER A 5 6.23 15.30 12.88
N MET A 6 5.93 14.03 12.67
CA MET A 6 6.43 13.34 11.49
C MET A 6 5.38 13.33 10.40
N VAL A 7 5.75 13.80 9.23
CA VAL A 7 4.84 13.83 8.10
C VAL A 7 4.84 12.48 7.41
N LYS A 8 3.72 11.78 7.50
CA LYS A 8 3.58 10.47 6.91
C LYS A 8 3.43 10.61 5.41
N GLU A 9 4.49 10.29 4.71
CA GLU A 9 4.57 10.49 3.29
C GLU A 9 4.91 9.19 2.55
N THR A 10 4.20 8.95 1.43
CA THR A 10 4.45 7.80 0.53
C THR A 10 4.28 6.44 1.23
N LYS A 11 3.48 6.44 2.30
CA LYS A 11 3.26 5.21 3.06
C LYS A 11 2.66 4.13 2.21
N PHE A 12 1.75 4.48 1.32
CA PHE A 12 1.11 3.48 0.51
C PHE A 12 2.05 2.89 -0.53
N TYR A 13 2.99 3.71 -1.02
CA TYR A 13 3.99 3.21 -1.97
C TYR A 13 4.90 2.24 -1.22
N ASP A 14 5.30 2.67 -0.02
CA ASP A 14 6.13 1.87 0.87
C ASP A 14 5.47 0.55 1.24
N ILE A 15 4.19 0.62 1.58
CA ILE A 15 3.43 -0.56 1.96
C ILE A 15 3.35 -1.58 0.82
N LEU A 16 2.98 -1.13 -0.37
CA LEU A 16 2.94 -2.02 -1.52
C LEU A 16 4.33 -2.49 -1.94
N GLY A 17 5.34 -1.69 -1.67
CA GLY A 17 6.68 -2.05 -2.08
C GLY A 17 6.98 -1.53 -3.46
N VAL A 18 6.22 -0.53 -3.86
CA VAL A 18 6.36 0.08 -5.15
C VAL A 18 7.06 1.43 -5.02
N PRO A 19 7.69 1.91 -6.09
CA PRO A 19 8.32 3.24 -6.09
C PRO A 19 7.26 4.32 -6.03
N VAL A 20 7.68 5.52 -5.69
CA VAL A 20 6.77 6.65 -5.68
C VAL A 20 6.30 6.89 -7.12
N THR A 21 7.20 6.62 -8.05
CA THR A 21 6.98 6.79 -9.47
C THR A 21 6.32 5.52 -10.09
N ALA A 22 5.74 4.67 -9.23
CA ALA A 22 5.14 3.41 -9.64
C ALA A 22 3.97 3.60 -10.59
N THR A 23 3.75 2.62 -11.43
CA THR A 23 2.64 2.62 -12.36
C THR A 23 1.60 1.60 -11.92
N ASP A 24 0.51 1.53 -12.68
CA ASP A 24 -0.60 0.63 -12.40
C ASP A 24 -0.12 -0.81 -12.35
N VAL A 25 0.82 -1.12 -13.23
CA VAL A 25 1.32 -2.48 -13.34
C VAL A 25 2.07 -2.90 -12.07
N GLU A 26 2.91 -1.99 -11.57
CA GLU A 26 3.69 -2.24 -10.36
C GLU A 26 2.75 -2.34 -9.18
N ILE A 27 1.75 -1.48 -9.19
CA ILE A 27 0.75 -1.42 -8.16
C ILE A 27 -0.04 -2.74 -8.10
N LYS A 28 -0.41 -3.25 -9.27
CA LYS A 28 -1.16 -4.47 -9.39
C LYS A 28 -0.39 -5.65 -8.80
N LYS A 29 0.87 -5.81 -9.21
CA LYS A 29 1.68 -6.93 -8.74
C LYS A 29 2.04 -6.81 -7.28
N ALA A 30 2.26 -5.59 -6.84
CA ALA A 30 2.51 -5.32 -5.44
C ALA A 30 1.33 -5.69 -4.60
N TYR A 31 0.14 -5.37 -5.11
CA TYR A 31 -1.09 -5.75 -4.46
C TYR A 31 -1.18 -7.26 -4.41
N ARG A 32 -0.87 -7.88 -5.54
CA ARG A 32 -0.92 -9.32 -5.68
C ARG A 32 -0.01 -9.97 -4.68
N LYS A 33 1.22 -9.48 -4.58
CA LYS A 33 2.17 -10.07 -3.67
C LYS A 33 1.82 -9.78 -2.23
N CYS A 34 1.47 -8.54 -1.94
CA CYS A 34 1.16 -8.17 -0.56
C CYS A 34 -0.05 -8.96 -0.04
N ALA A 35 -1.09 -9.03 -0.85
CA ALA A 35 -2.29 -9.77 -0.48
C ALA A 35 -2.01 -11.27 -0.34
N LEU A 36 -1.32 -11.83 -1.33
CA LEU A 36 -0.99 -13.25 -1.32
C LEU A 36 -0.03 -13.63 -0.21
N LYS A 37 0.96 -12.79 0.02
CA LYS A 37 1.98 -13.06 1.03
C LYS A 37 1.43 -13.04 2.47
N TYR A 38 0.55 -12.09 2.77
CA TYR A 38 0.03 -11.95 4.13
C TYR A 38 -1.48 -12.17 4.27
N HIS A 39 -2.06 -12.85 3.31
CA HIS A 39 -3.50 -13.14 3.36
C HIS A 39 -3.88 -13.96 4.61
N PRO A 40 -5.03 -13.65 5.22
CA PRO A 40 -5.50 -14.33 6.46
C PRO A 40 -5.81 -15.82 6.21
N ASP A 41 -5.92 -16.19 4.94
CA ASP A 41 -6.21 -17.57 4.56
C ASP A 41 -5.07 -18.51 4.92
N LYS A 42 -3.89 -17.95 5.13
CA LYS A 42 -2.70 -18.74 5.46
C LYS A 42 -1.91 -18.06 6.56
N ASN A 43 -1.98 -16.75 6.60
CA ASN A 43 -1.32 -15.96 7.60
C ASN A 43 -2.30 -15.66 8.71
N PRO A 44 -2.12 -16.29 9.86
CA PRO A 44 -3.06 -16.17 10.98
C PRO A 44 -2.93 -14.87 11.78
N SER A 45 -1.86 -14.13 11.58
CA SER A 45 -1.66 -12.90 12.32
C SER A 45 -2.62 -11.81 11.90
N GLU A 46 -3.15 -11.12 12.90
CA GLU A 46 -4.03 -9.99 12.65
C GLU A 46 -3.27 -8.91 11.91
N GLU A 47 -2.01 -8.77 12.24
CA GLU A 47 -1.11 -7.81 11.61
C GLU A 47 -1.04 -8.10 10.12
N ALA A 48 -0.98 -9.37 9.78
CA ALA A 48 -0.92 -9.80 8.39
C ALA A 48 -2.17 -9.38 7.67
N ALA A 49 -3.27 -9.56 8.35
CA ALA A 49 -4.56 -9.15 7.85
C ALA A 49 -4.61 -7.66 7.66
N GLU A 50 -4.01 -6.93 8.60
CA GLU A 50 -3.94 -5.48 8.52
C GLU A 50 -3.14 -5.07 7.32
N LYS A 51 -2.05 -5.81 7.09
CA LYS A 51 -1.18 -5.56 5.94
C LYS A 51 -1.96 -5.76 4.65
N PHE A 52 -2.80 -6.79 4.64
CA PHE A 52 -3.64 -7.07 3.51
C PHE A 52 -4.54 -5.87 3.24
N LYS A 53 -5.20 -5.38 4.29
CA LYS A 53 -6.11 -4.24 4.17
C LYS A 53 -5.41 -2.96 3.77
N GLU A 54 -4.23 -2.71 4.34
CA GLU A 54 -3.48 -1.51 3.99
C GLU A 54 -3.05 -1.57 2.53
N ALA A 55 -2.65 -2.76 2.10
CA ALA A 55 -2.26 -2.98 0.72
C ALA A 55 -3.46 -2.78 -0.19
N SER A 56 -4.61 -3.27 0.27
CA SER A 56 -5.85 -3.17 -0.47
C SER A 56 -6.28 -1.70 -0.60
N ALA A 57 -6.19 -0.94 0.50
CA ALA A 57 -6.53 0.48 0.48
C ALA A 57 -5.58 1.24 -0.45
N ALA A 58 -4.32 0.83 -0.40
CA ALA A 58 -3.30 1.39 -1.24
C ALA A 58 -3.68 1.16 -2.68
N TYR A 59 -4.10 -0.05 -2.96
CA TYR A 59 -4.55 -0.43 -4.28
C TYR A 59 -5.76 0.39 -4.68
N GLU A 60 -6.65 0.62 -3.74
CA GLU A 60 -7.89 1.32 -4.02
C GLU A 60 -7.62 2.72 -4.59
N ILE A 61 -6.62 3.41 -4.06
CA ILE A 61 -6.28 4.74 -4.56
C ILE A 61 -5.22 4.69 -5.64
N LEU A 62 -4.19 3.93 -5.39
CA LEU A 62 -3.08 3.81 -6.30
C LEU A 62 -3.47 3.17 -7.65
N SER A 63 -4.35 2.16 -7.63
CA SER A 63 -4.80 1.49 -8.86
C SER A 63 -5.64 2.44 -9.72
N ASP A 64 -5.93 3.59 -9.18
CA ASP A 64 -6.63 4.64 -9.88
C ASP A 64 -5.72 5.83 -9.99
N PRO A 65 -5.08 5.99 -11.12
CA PRO A 65 -4.06 7.04 -11.35
C PRO A 65 -4.55 8.43 -10.98
N GLU A 66 -5.84 8.66 -11.09
CA GLU A 66 -6.40 9.94 -10.74
C GLU A 66 -6.32 10.14 -9.25
N LYS A 67 -6.55 9.06 -8.55
CA LYS A 67 -6.53 9.03 -7.12
C LYS A 67 -5.11 8.93 -6.66
N ARG A 68 -4.29 8.38 -7.53
CA ARG A 68 -2.88 8.19 -7.30
C ARG A 68 -2.16 9.52 -7.37
N ASP A 69 -2.52 10.34 -8.37
CA ASP A 69 -1.93 11.68 -8.53
C ASP A 69 -2.33 12.52 -7.36
N ILE A 70 -3.57 12.36 -6.97
CA ILE A 70 -4.09 13.03 -5.81
C ILE A 70 -3.32 12.60 -4.56
N TYR A 71 -3.15 11.29 -4.41
CA TYR A 71 -2.39 10.76 -3.28
C TYR A 71 -0.96 11.26 -3.27
N ASP A 72 -0.32 11.22 -4.41
CA ASP A 72 1.09 11.60 -4.53
C ASP A 72 1.32 13.04 -4.08
N GLN A 73 0.45 13.92 -4.51
CA GLN A 73 0.58 15.34 -4.23
C GLN A 73 0.32 15.68 -2.77
N PHE A 74 -0.68 15.03 -2.20
CA PHE A 74 -1.11 15.35 -0.84
C PHE A 74 -0.75 14.27 0.17
N GLY A 75 -0.01 13.26 -0.25
CA GLY A 75 0.34 12.18 0.67
C GLY A 75 1.77 11.71 0.50
N GLY A 1 -6.40 13.74 16.07
CA GLY A 1 -4.98 14.05 15.84
C GLY A 1 -4.48 13.48 14.53
N GLU A 2 -3.39 12.72 14.60
CA GLU A 2 -2.78 12.08 13.42
C GLU A 2 -2.32 13.10 12.38
N PHE A 3 -1.99 14.29 12.84
CA PHE A 3 -1.49 15.31 11.93
C PHE A 3 0.01 15.15 11.81
N GLY A 4 0.70 15.25 12.95
CA GLY A 4 2.13 15.06 12.99
C GLY A 4 2.88 15.93 12.02
N SER A 5 3.80 15.32 11.31
CA SER A 5 4.58 16.01 10.31
C SER A 5 4.93 15.05 9.18
N MET A 6 5.41 15.58 8.07
CA MET A 6 5.77 14.75 6.92
C MET A 6 7.07 14.00 7.16
N VAL A 7 7.00 12.96 7.96
CA VAL A 7 8.15 12.11 8.23
C VAL A 7 8.01 10.80 7.48
N LYS A 8 6.80 10.51 7.07
CA LYS A 8 6.49 9.30 6.37
C LYS A 8 6.37 9.58 4.89
N GLU A 9 7.17 8.94 4.07
CA GLU A 9 7.02 9.06 2.64
C GLU A 9 7.38 7.74 1.97
N THR A 10 6.63 7.39 0.92
CA THR A 10 6.91 6.23 0.10
C THR A 10 6.58 4.90 0.81
N LYS A 11 6.00 4.97 1.99
CA LYS A 11 5.69 3.76 2.75
C LYS A 11 4.73 2.86 2.00
N PHE A 12 3.72 3.45 1.41
CA PHE A 12 2.74 2.65 0.70
C PHE A 12 3.27 2.09 -0.60
N TYR A 13 4.14 2.86 -1.27
CA TYR A 13 4.74 2.36 -2.49
C TYR A 13 5.67 1.19 -2.16
N ASP A 14 6.49 1.39 -1.13
CA ASP A 14 7.40 0.33 -0.65
C ASP A 14 6.68 -0.89 -0.13
N ILE A 15 5.58 -0.68 0.57
CA ILE A 15 4.79 -1.78 1.08
C ILE A 15 4.29 -2.68 -0.05
N LEU A 16 3.71 -2.06 -1.07
CA LEU A 16 3.28 -2.82 -2.25
C LEU A 16 4.48 -3.31 -3.07
N GLY A 17 5.59 -2.58 -3.00
CA GLY A 17 6.77 -2.96 -3.76
C GLY A 17 6.82 -2.26 -5.08
N VAL A 18 5.99 -1.26 -5.21
CA VAL A 18 5.91 -0.46 -6.42
C VAL A 18 6.76 0.81 -6.27
N PRO A 19 7.17 1.42 -7.39
CA PRO A 19 7.95 2.66 -7.36
C PRO A 19 7.09 3.83 -6.92
N VAL A 20 7.71 4.97 -6.67
CA VAL A 20 6.97 6.18 -6.33
C VAL A 20 6.17 6.57 -7.58
N THR A 21 6.74 6.20 -8.71
CA THR A 21 6.21 6.44 -10.04
C THR A 21 5.23 5.34 -10.47
N ALA A 22 4.69 4.63 -9.48
CA ALA A 22 3.81 3.49 -9.73
C ALA A 22 2.57 3.84 -10.52
N THR A 23 2.18 2.92 -11.37
CA THR A 23 0.97 3.02 -12.16
C THR A 23 -0.05 2.00 -11.66
N ASP A 24 -1.30 2.11 -12.11
CA ASP A 24 -2.39 1.23 -11.64
C ASP A 24 -2.06 -0.24 -11.83
N VAL A 25 -1.42 -0.56 -12.96
CA VAL A 25 -1.11 -1.94 -13.28
C VAL A 25 -0.12 -2.51 -12.26
N GLU A 26 0.90 -1.72 -11.95
CA GLU A 26 1.95 -2.12 -11.01
C GLU A 26 1.35 -2.23 -9.62
N ILE A 27 0.49 -1.30 -9.33
CA ILE A 27 -0.20 -1.21 -8.08
C ILE A 27 -1.10 -2.42 -7.85
N LYS A 28 -1.87 -2.81 -8.86
CA LYS A 28 -2.76 -3.94 -8.74
C LYS A 28 -2.02 -5.24 -8.61
N LYS A 29 -0.93 -5.40 -9.35
CA LYS A 29 -0.16 -6.63 -9.26
C LYS A 29 0.51 -6.72 -7.91
N ALA A 30 0.98 -5.59 -7.42
CA ALA A 30 1.54 -5.51 -6.12
C ALA A 30 0.50 -5.83 -5.07
N TYR A 31 -0.70 -5.30 -5.26
CA TYR A 31 -1.79 -5.60 -4.36
C TYR A 31 -2.13 -7.06 -4.40
N ARG A 32 -2.33 -7.59 -5.60
CA ARG A 32 -2.70 -8.99 -5.73
C ARG A 32 -1.60 -9.91 -5.18
N LYS A 33 -0.35 -9.50 -5.34
CA LYS A 33 0.74 -10.32 -4.81
C LYS A 33 0.85 -10.15 -3.31
N CYS A 34 0.85 -8.92 -2.82
CA CYS A 34 0.98 -8.70 -1.38
C CYS A 34 -0.18 -9.32 -0.62
N ALA A 35 -1.39 -9.13 -1.12
CA ALA A 35 -2.57 -9.69 -0.49
C ALA A 35 -2.56 -11.21 -0.53
N LEU A 36 -2.29 -11.78 -1.70
CA LEU A 36 -2.26 -13.22 -1.85
C LEU A 36 -1.11 -13.88 -1.09
N LYS A 37 0.03 -13.23 -1.07
CA LYS A 37 1.19 -13.76 -0.37
C LYS A 37 1.00 -13.84 1.16
N TYR A 38 0.38 -12.81 1.75
CA TYR A 38 0.21 -12.76 3.23
C TYR A 38 -1.26 -12.71 3.68
N HIS A 39 -2.17 -13.12 2.83
CA HIS A 39 -3.60 -13.14 3.17
C HIS A 39 -3.90 -14.08 4.34
N PRO A 40 -4.88 -13.71 5.19
CA PRO A 40 -5.27 -14.52 6.36
C PRO A 40 -5.84 -15.89 5.95
N ASP A 41 -6.20 -16.00 4.68
CA ASP A 41 -6.77 -17.23 4.13
C ASP A 41 -5.78 -18.39 4.16
N LYS A 42 -4.50 -18.06 4.19
CA LYS A 42 -3.45 -19.08 4.22
C LYS A 42 -2.39 -18.71 5.23
N ASN A 43 -2.28 -17.44 5.51
CA ASN A 43 -1.32 -16.94 6.47
C ASN A 43 -2.04 -16.58 7.76
N PRO A 44 -1.89 -17.42 8.79
CA PRO A 44 -2.55 -17.21 10.08
C PRO A 44 -1.87 -16.16 10.94
N SER A 45 -0.67 -15.77 10.55
CA SER A 45 0.09 -14.82 11.31
C SER A 45 -0.58 -13.47 11.32
N GLU A 46 -0.57 -12.88 12.48
CA GLU A 46 -1.16 -11.57 12.69
C GLU A 46 -0.45 -10.54 11.85
N GLU A 47 0.87 -10.65 11.80
CA GLU A 47 1.73 -9.75 11.03
C GLU A 47 1.37 -9.82 9.57
N ALA A 48 1.14 -11.02 9.10
CA ALA A 48 0.79 -11.26 7.71
C ALA A 48 -0.51 -10.61 7.39
N ALA A 49 -1.42 -10.76 8.30
CA ALA A 49 -2.74 -10.18 8.19
C ALA A 49 -2.64 -8.66 8.19
N GLU A 50 -1.74 -8.14 9.03
CA GLU A 50 -1.53 -6.71 9.10
C GLU A 50 -0.97 -6.20 7.79
N LYS A 51 -0.10 -6.99 7.20
CA LYS A 51 0.49 -6.67 5.90
C LYS A 51 -0.60 -6.58 4.84
N PHE A 52 -1.55 -7.50 4.92
CA PHE A 52 -2.68 -7.49 4.02
C PHE A 52 -3.42 -6.17 4.14
N LYS A 53 -3.66 -5.74 5.37
CA LYS A 53 -4.37 -4.50 5.63
C LYS A 53 -3.59 -3.30 5.09
N GLU A 54 -2.26 -3.32 5.25
CA GLU A 54 -1.43 -2.25 4.73
C GLU A 54 -1.48 -2.21 3.21
N ALA A 55 -1.46 -3.39 2.61
CA ALA A 55 -1.52 -3.52 1.16
C ALA A 55 -2.86 -2.99 0.68
N SER A 56 -3.89 -3.32 1.43
CA SER A 56 -5.24 -2.90 1.13
C SER A 56 -5.36 -1.38 1.22
N ALA A 57 -4.80 -0.78 2.28
CA ALA A 57 -4.83 0.69 2.44
C ALA A 57 -4.05 1.36 1.33
N ALA A 58 -2.93 0.77 0.98
CA ALA A 58 -2.10 1.25 -0.09
C ALA A 58 -2.87 1.25 -1.37
N TYR A 59 -3.59 0.17 -1.59
CA TYR A 59 -4.42 0.02 -2.75
C TYR A 59 -5.55 1.04 -2.74
N GLU A 60 -6.06 1.33 -1.57
CA GLU A 60 -7.17 2.27 -1.44
C GLU A 60 -6.80 3.64 -2.01
N ILE A 61 -5.59 4.08 -1.76
CA ILE A 61 -5.15 5.37 -2.28
C ILE A 61 -4.45 5.23 -3.62
N LEU A 62 -3.54 4.31 -3.69
CA LEU A 62 -2.73 4.09 -4.88
C LEU A 62 -3.55 3.65 -6.10
N SER A 63 -4.58 2.81 -5.88
CA SER A 63 -5.43 2.33 -7.00
C SER A 63 -6.23 3.50 -7.60
N ASP A 64 -6.17 4.65 -6.94
CA ASP A 64 -6.83 5.84 -7.43
C ASP A 64 -5.77 6.87 -7.71
N PRO A 65 -5.50 7.12 -8.99
CA PRO A 65 -4.42 8.04 -9.43
C PRO A 65 -4.51 9.41 -8.77
N GLU A 66 -5.72 9.80 -8.46
CA GLU A 66 -5.95 11.09 -7.86
C GLU A 66 -5.54 11.06 -6.40
N LYS A 67 -5.75 9.92 -5.78
CA LYS A 67 -5.41 9.71 -4.42
C LYS A 67 -3.95 9.35 -4.32
N ARG A 68 -3.44 8.83 -5.42
CA ARG A 68 -2.08 8.45 -5.53
C ARG A 68 -1.24 9.71 -5.55
N ASP A 69 -1.70 10.72 -6.31
CA ASP A 69 -1.03 12.03 -6.35
C ASP A 69 -1.14 12.72 -5.03
N ILE A 70 -2.30 12.57 -4.41
CA ILE A 70 -2.53 13.12 -3.10
C ILE A 70 -1.55 12.51 -2.10
N TYR A 71 -1.45 11.19 -2.11
CA TYR A 71 -0.48 10.51 -1.26
C TYR A 71 0.95 10.90 -1.62
N ASP A 72 1.21 10.94 -2.90
CA ASP A 72 2.52 11.23 -3.47
C ASP A 72 3.07 12.58 -2.98
N GLN A 73 2.19 13.55 -2.85
CA GLN A 73 2.60 14.89 -2.44
C GLN A 73 2.67 15.04 -0.92
N PHE A 74 1.69 14.47 -0.22
CA PHE A 74 1.62 14.59 1.24
C PHE A 74 2.55 13.62 1.95
N GLY A 75 2.91 12.55 1.26
CA GLY A 75 3.80 11.56 1.85
C GLY A 75 3.05 10.51 2.67
N GLY A 1 16.29 -2.91 15.81
CA GLY A 1 15.80 -2.13 14.65
C GLY A 1 14.70 -1.18 15.04
N GLU A 2 14.42 -0.21 14.18
CA GLU A 2 13.39 0.77 14.42
C GLU A 2 12.11 0.41 13.68
N PHE A 3 10.98 0.75 14.25
CA PHE A 3 9.70 0.46 13.62
C PHE A 3 9.00 1.74 13.24
N GLY A 4 8.59 1.82 11.98
CA GLY A 4 7.91 3.00 11.51
C GLY A 4 6.42 2.90 11.68
N SER A 5 5.97 2.91 12.93
CA SER A 5 4.56 2.81 13.25
C SER A 5 3.78 3.99 12.67
N MET A 6 4.40 5.15 12.65
CA MET A 6 3.80 6.32 12.07
C MET A 6 4.23 6.46 10.63
N VAL A 7 3.31 6.21 9.71
CA VAL A 7 3.63 6.28 8.31
C VAL A 7 3.60 7.73 7.84
N LYS A 8 4.71 8.18 7.29
CA LYS A 8 4.87 9.55 6.81
C LYS A 8 4.08 9.82 5.53
N GLU A 9 4.04 11.10 5.17
CA GLU A 9 3.30 11.60 3.99
C GLU A 9 3.54 10.71 2.76
N THR A 10 2.55 10.68 1.85
CA THR A 10 2.52 9.75 0.70
C THR A 10 2.47 8.34 1.25
N LYS A 11 1.58 8.21 2.23
CA LYS A 11 1.40 7.03 3.05
C LYS A 11 1.04 5.82 2.22
N PHE A 12 0.21 5.99 1.22
CA PHE A 12 -0.21 4.85 0.44
C PHE A 12 0.93 4.29 -0.40
N TYR A 13 1.81 5.16 -0.87
CA TYR A 13 2.97 4.70 -1.63
C TYR A 13 3.90 4.00 -0.66
N ASP A 14 4.09 4.63 0.50
CA ASP A 14 4.96 4.12 1.56
C ASP A 14 4.50 2.75 2.05
N ILE A 15 3.19 2.61 2.23
CA ILE A 15 2.59 1.37 2.70
C ILE A 15 2.84 0.21 1.74
N LEU A 16 2.57 0.44 0.45
CA LEU A 16 2.84 -0.58 -0.56
C LEU A 16 4.34 -0.83 -0.76
N GLY A 17 5.15 0.17 -0.47
CA GLY A 17 6.58 0.03 -0.67
C GLY A 17 7.00 0.50 -2.03
N VAL A 18 6.11 1.25 -2.66
CA VAL A 18 6.35 1.81 -3.96
C VAL A 18 6.74 3.28 -3.84
N PRO A 19 7.47 3.81 -4.82
CA PRO A 19 7.82 5.22 -4.84
C PRO A 19 6.61 6.07 -5.19
N VAL A 20 6.67 7.35 -4.90
CA VAL A 20 5.61 8.25 -5.31
C VAL A 20 5.50 8.22 -6.83
N THR A 21 6.66 8.08 -7.46
CA THR A 21 6.77 8.02 -8.92
C THR A 21 6.53 6.58 -9.42
N ALA A 22 5.82 5.78 -8.62
CA ALA A 22 5.56 4.37 -8.94
C ALA A 22 4.73 4.20 -10.19
N THR A 23 5.01 3.13 -10.89
CA THR A 23 4.26 2.75 -12.06
C THR A 23 3.16 1.75 -11.67
N ASP A 24 2.21 1.50 -12.57
CA ASP A 24 1.10 0.59 -12.30
C ASP A 24 1.63 -0.79 -11.96
N VAL A 25 2.68 -1.21 -12.66
CA VAL A 25 3.28 -2.52 -12.44
C VAL A 25 3.79 -2.65 -11.00
N GLU A 26 4.52 -1.64 -10.55
CA GLU A 26 5.05 -1.61 -9.18
C GLU A 26 3.93 -1.63 -8.20
N ILE A 27 2.90 -0.91 -8.52
CA ILE A 27 1.73 -0.81 -7.69
C ILE A 27 1.04 -2.17 -7.55
N LYS A 28 0.89 -2.87 -8.68
CA LYS A 28 0.25 -4.18 -8.70
C LYS A 28 1.03 -5.19 -7.87
N LYS A 29 2.34 -5.24 -8.08
CA LYS A 29 3.18 -6.20 -7.38
C LYS A 29 3.36 -5.87 -5.92
N ALA A 30 3.39 -4.59 -5.60
CA ALA A 30 3.47 -4.15 -4.23
C ALA A 30 2.22 -4.55 -3.48
N TYR A 31 1.09 -4.41 -4.15
CA TYR A 31 -0.17 -4.84 -3.60
C TYR A 31 -0.13 -6.33 -3.39
N ARG A 32 0.36 -7.03 -4.40
CA ARG A 32 0.46 -8.46 -4.38
C ARG A 32 1.32 -8.93 -3.24
N LYS A 33 2.47 -8.30 -3.06
CA LYS A 33 3.34 -8.72 -1.99
C LYS A 33 2.77 -8.32 -0.66
N CYS A 34 2.27 -7.09 -0.55
CA CYS A 34 1.75 -6.63 0.73
C CYS A 34 0.57 -7.49 1.19
N ALA A 35 -0.38 -7.70 0.29
CA ALA A 35 -1.55 -8.50 0.61
C ALA A 35 -1.19 -9.96 0.89
N LEU A 36 -0.37 -10.54 0.02
CA LEU A 36 0.04 -11.93 0.17
C LEU A 36 0.91 -12.16 1.41
N LYS A 37 1.77 -11.22 1.70
CA LYS A 37 2.64 -11.31 2.87
C LYS A 37 1.86 -11.27 4.20
N TYR A 38 0.84 -10.41 4.28
CA TYR A 38 0.09 -10.22 5.53
C TYR A 38 -1.39 -10.61 5.44
N HIS A 39 -1.76 -11.39 4.45
CA HIS A 39 -3.16 -11.81 4.27
C HIS A 39 -3.67 -12.63 5.46
N PRO A 40 -4.94 -12.41 5.84
CA PRO A 40 -5.57 -13.11 6.98
C PRO A 40 -5.72 -14.61 6.72
N ASP A 41 -5.58 -14.98 5.45
CA ASP A 41 -5.70 -16.38 5.03
C ASP A 41 -4.62 -17.24 5.67
N LYS A 42 -3.50 -16.63 6.02
CA LYS A 42 -2.37 -17.34 6.60
C LYS A 42 -1.84 -16.58 7.82
N ASN A 43 -1.90 -15.27 7.75
CA ASN A 43 -1.48 -14.40 8.83
C ASN A 43 -2.67 -14.07 9.70
N PRO A 44 -2.71 -14.61 10.91
CA PRO A 44 -3.84 -14.43 11.83
C PRO A 44 -3.81 -13.11 12.59
N SER A 45 -2.71 -12.38 12.49
CA SER A 45 -2.55 -11.14 13.22
C SER A 45 -3.51 -10.09 12.73
N GLU A 46 -4.06 -9.38 13.67
CA GLU A 46 -5.00 -8.32 13.40
C GLU A 46 -4.34 -7.22 12.59
N GLU A 47 -3.12 -6.90 12.98
CA GLU A 47 -2.33 -5.88 12.33
C GLU A 47 -2.05 -6.24 10.89
N ALA A 48 -1.78 -7.51 10.67
CA ALA A 48 -1.51 -8.02 9.34
C ALA A 48 -2.72 -7.81 8.47
N ALA A 49 -3.84 -8.09 9.05
CA ALA A 49 -5.13 -7.89 8.39
C ALA A 49 -5.35 -6.42 8.10
N GLU A 50 -4.96 -5.57 9.04
CA GLU A 50 -5.08 -4.13 8.88
C GLU A 50 -4.23 -3.67 7.72
N LYS A 51 -3.04 -4.24 7.63
CA LYS A 51 -2.11 -3.96 6.56
C LYS A 51 -2.71 -4.34 5.22
N PHE A 52 -3.41 -5.46 5.21
CA PHE A 52 -4.10 -5.92 4.03
C PHE A 52 -5.10 -4.85 3.58
N LYS A 53 -5.85 -4.33 4.54
CA LYS A 53 -6.85 -3.30 4.26
C LYS A 53 -6.20 -2.05 3.67
N GLU A 54 -5.05 -1.66 4.23
CA GLU A 54 -4.32 -0.49 3.77
C GLU A 54 -3.81 -0.71 2.36
N ALA A 55 -3.31 -1.91 2.10
CA ALA A 55 -2.79 -2.27 0.80
C ALA A 55 -3.89 -2.22 -0.22
N SER A 56 -5.06 -2.70 0.19
CA SER A 56 -6.20 -2.74 -0.67
C SER A 56 -6.64 -1.32 -1.05
N ALA A 57 -6.70 -0.41 -0.06
CA ALA A 57 -7.09 0.98 -0.33
C ALA A 57 -6.05 1.68 -1.23
N ALA A 58 -4.80 1.41 -0.95
CA ALA A 58 -3.70 1.97 -1.72
C ALA A 58 -3.83 1.51 -3.15
N TYR A 59 -4.12 0.25 -3.29
CA TYR A 59 -4.34 -0.37 -4.58
C TYR A 59 -5.52 0.28 -5.29
N GLU A 60 -6.55 0.58 -4.53
CA GLU A 60 -7.77 1.14 -5.09
C GLU A 60 -7.48 2.46 -5.81
N ILE A 61 -6.62 3.28 -5.25
CA ILE A 61 -6.29 4.54 -5.90
C ILE A 61 -5.08 4.41 -6.81
N LEU A 62 -4.04 3.81 -6.30
CA LEU A 62 -2.80 3.67 -7.02
C LEU A 62 -2.92 2.80 -8.28
N SER A 63 -3.70 1.72 -8.22
CA SER A 63 -3.86 0.82 -9.38
C SER A 63 -4.59 1.53 -10.54
N ASP A 64 -5.01 2.76 -10.29
CA ASP A 64 -5.62 3.59 -11.31
C ASP A 64 -4.83 4.86 -11.42
N PRO A 65 -4.08 5.03 -12.51
CA PRO A 65 -3.21 6.20 -12.72
C PRO A 65 -3.92 7.52 -12.55
N GLU A 66 -5.22 7.51 -12.83
CA GLU A 66 -6.01 8.70 -12.71
C GLU A 66 -6.18 9.04 -11.25
N LYS A 67 -6.35 8.01 -10.47
CA LYS A 67 -6.55 8.12 -9.06
C LYS A 67 -5.21 8.27 -8.37
N ARG A 68 -4.20 7.78 -9.03
CA ARG A 68 -2.85 7.83 -8.56
C ARG A 68 -2.39 9.29 -8.61
N ASP A 69 -2.73 9.98 -9.71
CA ASP A 69 -2.43 11.39 -9.86
C ASP A 69 -3.30 12.22 -8.96
N ILE A 70 -4.53 11.79 -8.80
CA ILE A 70 -5.44 12.43 -7.88
C ILE A 70 -4.89 12.36 -6.47
N TYR A 71 -4.45 11.17 -6.05
CA TYR A 71 -3.82 11.00 -4.75
C TYR A 71 -2.56 11.81 -4.66
N ASP A 72 -1.82 11.87 -5.75
CA ASP A 72 -0.60 12.66 -5.85
C ASP A 72 -0.90 14.14 -5.58
N GLN A 73 -1.97 14.64 -6.16
CA GLN A 73 -2.40 16.03 -5.98
C GLN A 73 -2.88 16.27 -4.54
N PHE A 74 -3.61 15.29 -4.01
CA PHE A 74 -4.12 15.37 -2.64
C PHE A 74 -3.03 15.01 -1.63
N GLY A 75 -1.89 14.59 -2.13
CA GLY A 75 -0.76 14.27 -1.28
C GLY A 75 -0.24 15.49 -0.55
N GLY A 1 5.13 1.24 9.06
CA GLY A 1 5.15 2.62 9.56
C GLY A 1 6.54 3.05 9.98
N GLU A 2 6.62 3.94 10.98
CA GLU A 2 7.89 4.48 11.46
C GLU A 2 8.67 5.13 10.35
N PHE A 3 8.20 6.31 9.94
CA PHE A 3 8.80 7.04 8.85
C PHE A 3 9.88 7.97 9.39
N GLY A 4 10.00 8.03 10.71
CA GLY A 4 11.00 8.89 11.33
C GLY A 4 10.72 10.34 11.05
N SER A 5 9.47 10.65 10.82
CA SER A 5 9.06 11.99 10.46
C SER A 5 7.95 12.48 11.38
N MET A 6 7.85 13.80 11.50
CA MET A 6 6.84 14.43 12.35
C MET A 6 5.46 14.19 11.76
N VAL A 7 5.42 14.03 10.45
CA VAL A 7 4.18 13.78 9.75
C VAL A 7 4.31 12.50 8.94
N LYS A 8 3.21 11.82 8.76
CA LYS A 8 3.20 10.59 8.02
C LYS A 8 2.81 10.85 6.57
N GLU A 9 3.69 10.47 5.66
CA GLU A 9 3.46 10.69 4.23
C GLU A 9 3.87 9.52 3.42
N THR A 10 3.22 9.37 2.26
CA THR A 10 3.51 8.31 1.30
C THR A 10 3.29 6.97 1.96
N LYS A 11 2.41 6.97 2.94
CA LYS A 11 2.13 5.78 3.74
C LYS A 11 1.68 4.63 2.86
N PHE A 12 0.85 4.91 1.89
CA PHE A 12 0.35 3.86 1.03
C PHE A 12 1.43 3.32 0.11
N TYR A 13 2.36 4.17 -0.31
CA TYR A 13 3.46 3.73 -1.15
C TYR A 13 4.38 2.85 -0.32
N ASP A 14 4.67 3.32 0.89
CA ASP A 14 5.50 2.59 1.85
C ASP A 14 4.89 1.25 2.23
N ILE A 15 3.59 1.24 2.46
CA ILE A 15 2.90 0.02 2.83
C ILE A 15 2.99 -1.04 1.72
N LEU A 16 2.70 -0.65 0.48
CA LEU A 16 2.84 -1.57 -0.66
C LEU A 16 4.31 -1.91 -0.96
N GLY A 17 5.22 -1.00 -0.64
CA GLY A 17 6.63 -1.23 -0.94
C GLY A 17 7.01 -0.62 -2.28
N VAL A 18 6.13 0.21 -2.79
CA VAL A 18 6.33 0.88 -4.06
C VAL A 18 6.88 2.28 -3.83
N PRO A 19 7.59 2.84 -4.82
CA PRO A 19 8.12 4.21 -4.73
C PRO A 19 6.99 5.22 -4.78
N VAL A 20 7.27 6.44 -4.39
CA VAL A 20 6.31 7.51 -4.49
C VAL A 20 5.93 7.68 -5.96
N THR A 21 6.93 7.50 -6.80
CA THR A 21 6.80 7.64 -8.24
C THR A 21 6.31 6.32 -8.89
N ALA A 22 5.65 5.48 -8.08
CA ALA A 22 5.20 4.16 -8.52
C ALA A 22 4.20 4.21 -9.66
N THR A 23 4.27 3.19 -10.49
CA THR A 23 3.37 3.02 -11.59
C THR A 23 2.38 1.90 -11.28
N ASP A 24 1.36 1.76 -12.11
CA ASP A 24 0.30 0.76 -11.90
C ASP A 24 0.87 -0.65 -11.83
N VAL A 25 1.87 -0.94 -12.65
CA VAL A 25 2.46 -2.27 -12.69
C VAL A 25 3.12 -2.62 -11.35
N GLU A 26 3.84 -1.65 -10.81
CA GLU A 26 4.52 -1.81 -9.53
C GLU A 26 3.52 -1.99 -8.43
N ILE A 27 2.45 -1.24 -8.55
CA ILE A 27 1.36 -1.26 -7.64
C ILE A 27 0.65 -2.62 -7.63
N LYS A 28 0.47 -3.20 -8.82
CA LYS A 28 -0.19 -4.50 -8.95
C LYS A 28 0.57 -5.57 -8.21
N LYS A 29 1.87 -5.60 -8.44
CA LYS A 29 2.71 -6.61 -7.83
C LYS A 29 2.92 -6.39 -6.36
N ALA A 30 3.05 -5.15 -5.95
CA ALA A 30 3.18 -4.83 -4.56
C ALA A 30 1.93 -5.23 -3.81
N TYR A 31 0.78 -4.95 -4.42
CA TYR A 31 -0.48 -5.33 -3.85
C TYR A 31 -0.60 -6.83 -3.74
N ARG A 32 -0.32 -7.52 -4.83
CA ARG A 32 -0.45 -8.96 -4.81
C ARG A 32 0.58 -9.64 -3.94
N LYS A 33 1.80 -9.11 -3.88
CA LYS A 33 2.79 -9.72 -3.01
C LYS A 33 2.38 -9.48 -1.58
N CYS A 34 1.94 -8.28 -1.27
CA CYS A 34 1.53 -7.97 0.08
C CYS A 34 0.36 -8.84 0.49
N ALA A 35 -0.66 -8.91 -0.36
CA ALA A 35 -1.83 -9.71 -0.10
C ALA A 35 -1.49 -11.20 -0.01
N LEU A 36 -0.74 -11.71 -0.99
CA LEU A 36 -0.37 -13.12 -1.00
C LEU A 36 0.50 -13.49 0.18
N LYS A 37 1.41 -12.62 0.52
CA LYS A 37 2.34 -12.85 1.63
C LYS A 37 1.63 -12.84 3.00
N TYR A 38 0.69 -11.91 3.20
CA TYR A 38 0.03 -11.75 4.52
C TYR A 38 -1.50 -11.94 4.51
N HIS A 39 -2.03 -12.60 3.50
CA HIS A 39 -3.49 -12.87 3.44
C HIS A 39 -3.95 -13.74 4.61
N PRO A 40 -5.15 -13.44 5.16
CA PRO A 40 -5.69 -14.14 6.35
C PRO A 40 -5.98 -15.64 6.15
N ASP A 41 -6.10 -16.08 4.90
CA ASP A 41 -6.39 -17.50 4.64
C ASP A 41 -5.16 -18.39 4.81
N LYS A 42 -4.01 -17.77 5.01
CA LYS A 42 -2.78 -18.51 5.28
C LYS A 42 -2.00 -17.87 6.42
N ASN A 43 -2.29 -16.61 6.66
CA ASN A 43 -1.69 -15.86 7.75
C ASN A 43 -2.77 -15.46 8.74
N PRO A 44 -2.85 -16.16 9.87
CA PRO A 44 -3.90 -15.93 10.88
C PRO A 44 -3.71 -14.64 11.69
N SER A 45 -2.51 -14.08 11.66
CA SER A 45 -2.19 -12.92 12.48
C SER A 45 -3.04 -11.74 12.11
N GLU A 46 -3.42 -11.02 13.12
CA GLU A 46 -4.22 -9.81 12.97
C GLU A 46 -3.47 -8.80 12.15
N GLU A 47 -2.18 -8.68 12.42
CA GLU A 47 -1.31 -7.73 11.76
C GLU A 47 -1.25 -8.01 10.27
N ALA A 48 -1.20 -9.28 9.93
CA ALA A 48 -1.14 -9.69 8.54
C ALA A 48 -2.39 -9.26 7.84
N ALA A 49 -3.48 -9.44 8.52
CA ALA A 49 -4.78 -9.03 8.03
C ALA A 49 -4.86 -7.51 7.89
N GLU A 50 -4.26 -6.82 8.86
CA GLU A 50 -4.23 -5.35 8.87
C GLU A 50 -3.49 -4.88 7.62
N LYS A 51 -2.39 -5.55 7.34
CA LYS A 51 -1.58 -5.26 6.18
C LYS A 51 -2.34 -5.50 4.90
N PHE A 52 -3.11 -6.59 4.87
CA PHE A 52 -3.92 -6.92 3.71
C PHE A 52 -4.92 -5.81 3.43
N LYS A 53 -5.63 -5.38 4.47
CA LYS A 53 -6.65 -4.36 4.33
C LYS A 53 -6.07 -3.04 3.84
N GLU A 54 -4.95 -2.66 4.41
CA GLU A 54 -4.29 -1.42 4.02
C GLU A 54 -3.72 -1.51 2.62
N ALA A 55 -3.21 -2.68 2.27
CA ALA A 55 -2.69 -2.91 0.93
C ALA A 55 -3.82 -2.80 -0.07
N SER A 56 -4.98 -3.33 0.32
CA SER A 56 -6.16 -3.29 -0.51
C SER A 56 -6.60 -1.85 -0.74
N ALA A 57 -6.60 -1.04 0.32
CA ALA A 57 -6.97 0.37 0.23
C ALA A 57 -5.96 1.13 -0.63
N ALA A 58 -4.70 0.79 -0.46
CA ALA A 58 -3.63 1.36 -1.22
C ALA A 58 -3.83 1.09 -2.68
N TYR A 59 -4.19 -0.16 -2.98
CA TYR A 59 -4.50 -0.58 -4.33
C TYR A 59 -5.70 0.21 -4.85
N GLU A 60 -6.65 0.45 -4.00
CA GLU A 60 -7.87 1.14 -4.38
C GLU A 60 -7.58 2.53 -4.94
N ILE A 61 -6.66 3.26 -4.32
CA ILE A 61 -6.34 4.58 -4.80
C ILE A 61 -5.17 4.56 -5.77
N LEU A 62 -4.11 3.91 -5.37
CA LEU A 62 -2.90 3.86 -6.15
C LEU A 62 -3.07 3.15 -7.50
N SER A 63 -3.85 2.08 -7.55
CA SER A 63 -4.06 1.35 -8.81
C SER A 63 -4.92 2.17 -9.78
N ASP A 64 -5.34 3.32 -9.33
CA ASP A 64 -6.10 4.23 -10.15
C ASP A 64 -5.34 5.52 -10.25
N PRO A 65 -4.68 5.75 -11.39
CA PRO A 65 -3.77 6.90 -11.60
C PRO A 65 -4.38 8.24 -11.20
N GLU A 66 -5.66 8.39 -11.40
CA GLU A 66 -6.30 9.64 -11.06
C GLU A 66 -6.38 9.78 -9.57
N LYS A 67 -6.66 8.67 -8.91
CA LYS A 67 -6.76 8.61 -7.48
C LYS A 67 -5.39 8.71 -6.88
N ARG A 68 -4.45 8.15 -7.60
CA ARG A 68 -3.08 8.08 -7.22
C ARG A 68 -2.47 9.48 -7.22
N ASP A 69 -2.77 10.24 -8.27
CA ASP A 69 -2.29 11.61 -8.40
C ASP A 69 -2.90 12.46 -7.33
N ILE A 70 -4.16 12.21 -7.08
CA ILE A 70 -4.88 12.89 -6.03
C ILE A 70 -4.23 12.58 -4.68
N TYR A 71 -3.97 11.30 -4.44
CA TYR A 71 -3.32 10.88 -3.20
C TYR A 71 -1.95 11.52 -3.09
N ASP A 72 -1.20 11.47 -4.17
CA ASP A 72 0.16 12.00 -4.21
C ASP A 72 0.21 13.46 -3.80
N GLN A 73 -0.76 14.23 -4.27
CA GLN A 73 -0.82 15.66 -3.96
C GLN A 73 -1.03 15.87 -2.47
N PHE A 74 -1.90 15.07 -1.88
CA PHE A 74 -2.12 15.16 -0.45
C PHE A 74 -0.97 14.54 0.34
N GLY A 75 -0.34 13.53 -0.25
CA GLY A 75 0.76 12.85 0.41
C GLY A 75 0.30 11.63 1.20
N GLY A 1 7.02 -1.93 15.19
CA GLY A 1 6.09 -0.87 15.60
C GLY A 1 6.11 0.29 14.64
N GLU A 2 4.99 0.96 14.50
CA GLU A 2 4.90 2.10 13.62
C GLU A 2 5.00 3.40 14.38
N PHE A 3 5.73 4.34 13.81
CA PHE A 3 5.91 5.64 14.41
C PHE A 3 5.52 6.72 13.43
N GLY A 4 4.96 7.80 13.93
CA GLY A 4 4.53 8.87 13.08
C GLY A 4 5.69 9.71 12.60
N SER A 5 5.41 10.60 11.69
CA SER A 5 6.41 11.49 11.16
C SER A 5 5.83 12.89 11.03
N MET A 6 6.69 13.88 10.86
CA MET A 6 6.26 15.28 10.72
C MET A 6 5.26 15.44 9.59
N VAL A 7 5.48 14.68 8.52
CA VAL A 7 4.62 14.72 7.35
C VAL A 7 4.41 13.30 6.85
N LYS A 8 3.17 12.92 6.62
CA LYS A 8 2.90 11.61 6.09
C LYS A 8 3.07 11.66 4.59
N GLU A 9 4.20 11.17 4.11
CA GLU A 9 4.48 11.18 2.69
C GLU A 9 5.06 9.85 2.24
N THR A 10 4.55 9.33 1.11
CA THR A 10 5.04 8.11 0.50
C THR A 10 4.68 6.86 1.34
N LYS A 11 3.75 7.03 2.27
CA LYS A 11 3.38 5.95 3.17
C LYS A 11 2.85 4.76 2.40
N PHE A 12 1.96 5.04 1.48
CA PHE A 12 1.34 3.98 0.72
C PHE A 12 2.30 3.35 -0.28
N TYR A 13 3.22 4.15 -0.82
CA TYR A 13 4.19 3.61 -1.76
C TYR A 13 5.16 2.69 -1.01
N ASP A 14 5.61 3.16 0.15
CA ASP A 14 6.49 2.37 1.02
C ASP A 14 5.83 1.09 1.46
N ILE A 15 4.56 1.19 1.83
CA ILE A 15 3.81 0.02 2.27
C ILE A 15 3.71 -1.05 1.18
N LEU A 16 3.33 -0.65 -0.02
CA LEU A 16 3.28 -1.60 -1.14
C LEU A 16 4.66 -2.06 -1.60
N GLY A 17 5.68 -1.22 -1.40
CA GLY A 17 7.01 -1.57 -1.85
C GLY A 17 7.29 -1.04 -3.24
N VAL A 18 6.45 -0.11 -3.65
CA VAL A 18 6.55 0.53 -4.95
C VAL A 18 7.18 1.92 -4.83
N PRO A 19 7.76 2.44 -5.92
CA PRO A 19 8.36 3.77 -5.93
C PRO A 19 7.30 4.85 -5.84
N VAL A 20 7.73 6.08 -5.59
CA VAL A 20 6.81 7.20 -5.55
C VAL A 20 6.20 7.36 -6.95
N THR A 21 7.03 7.05 -7.94
CA THR A 21 6.66 7.16 -9.34
C THR A 21 6.05 5.82 -9.83
N ALA A 22 5.48 5.06 -8.90
CA ALA A 22 4.90 3.75 -9.22
C ALA A 22 3.82 3.84 -10.27
N THR A 23 3.78 2.83 -11.11
CA THR A 23 2.80 2.71 -12.15
C THR A 23 1.70 1.75 -11.70
N ASP A 24 0.59 1.70 -12.46
CA ASP A 24 -0.54 0.83 -12.13
C ASP A 24 -0.10 -0.62 -12.01
N VAL A 25 0.79 -1.04 -12.89
CA VAL A 25 1.27 -2.41 -12.93
C VAL A 25 2.04 -2.76 -11.66
N GLU A 26 2.91 -1.84 -11.25
CA GLU A 26 3.75 -2.03 -10.06
C GLU A 26 2.88 -2.05 -8.82
N ILE A 27 1.91 -1.17 -8.83
CA ILE A 27 0.96 -1.05 -7.76
C ILE A 27 0.13 -2.32 -7.62
N LYS A 28 -0.32 -2.84 -8.75
CA LYS A 28 -1.14 -4.01 -8.82
C LYS A 28 -0.40 -5.23 -8.27
N LYS A 29 0.85 -5.41 -8.73
CA LYS A 29 1.67 -6.55 -8.32
C LYS A 29 2.11 -6.44 -6.87
N ALA A 30 2.39 -5.24 -6.43
CA ALA A 30 2.76 -4.99 -5.06
C ALA A 30 1.63 -5.35 -4.14
N TYR A 31 0.43 -4.98 -4.56
CA TYR A 31 -0.76 -5.34 -3.83
C TYR A 31 -0.90 -6.85 -3.81
N ARG A 32 -0.69 -7.45 -4.97
CA ARG A 32 -0.78 -8.89 -5.13
C ARG A 32 0.19 -9.60 -4.22
N LYS A 33 1.42 -9.15 -4.19
CA LYS A 33 2.40 -9.80 -3.35
C LYS A 33 2.11 -9.51 -1.89
N CYS A 34 1.81 -8.27 -1.56
CA CYS A 34 1.57 -7.92 -0.16
C CYS A 34 0.35 -8.68 0.39
N ALA A 35 -0.74 -8.65 -0.35
CA ALA A 35 -1.96 -9.32 0.07
C ALA A 35 -1.77 -10.84 0.11
N LEU A 36 -1.22 -11.42 -0.95
CA LEU A 36 -1.02 -12.86 -1.00
C LEU A 36 -0.05 -13.34 0.08
N LYS A 37 1.00 -12.58 0.29
CA LYS A 37 2.00 -12.93 1.28
C LYS A 37 1.47 -12.90 2.72
N TYR A 38 0.65 -11.89 3.07
CA TYR A 38 0.17 -11.74 4.46
C TYR A 38 -1.36 -11.74 4.63
N HIS A 39 -2.10 -12.25 3.65
CA HIS A 39 -3.57 -12.28 3.78
C HIS A 39 -4.02 -13.16 4.94
N PRO A 40 -5.05 -12.72 5.70
CA PRO A 40 -5.58 -13.43 6.88
C PRO A 40 -6.05 -14.85 6.59
N ASP A 41 -6.44 -15.09 5.34
CA ASP A 41 -6.98 -16.40 4.93
C ASP A 41 -5.95 -17.53 5.07
N LYS A 42 -4.68 -17.17 5.04
CA LYS A 42 -3.62 -18.17 5.15
C LYS A 42 -2.60 -17.74 6.20
N ASN A 43 -2.60 -16.46 6.50
CA ASN A 43 -1.74 -15.90 7.53
C ASN A 43 -2.62 -15.44 8.69
N PRO A 44 -2.59 -16.19 9.79
CA PRO A 44 -3.48 -15.94 10.94
C PRO A 44 -3.13 -14.69 11.75
N SER A 45 -1.92 -14.18 11.59
CA SER A 45 -1.46 -13.05 12.38
C SER A 45 -2.29 -11.82 12.13
N GLU A 46 -2.58 -11.14 13.19
CA GLU A 46 -3.34 -9.91 13.16
C GLU A 46 -2.56 -8.83 12.43
N GLU A 47 -1.26 -8.80 12.67
CA GLU A 47 -0.37 -7.83 12.03
C GLU A 47 -0.33 -8.07 10.54
N ALA A 48 -0.33 -9.33 10.16
CA ALA A 48 -0.35 -9.72 8.76
C ALA A 48 -1.60 -9.20 8.12
N ALA A 49 -2.66 -9.31 8.87
CA ALA A 49 -3.96 -8.81 8.48
C ALA A 49 -3.93 -7.30 8.34
N GLU A 50 -3.19 -6.65 9.25
CA GLU A 50 -3.02 -5.20 9.22
C GLU A 50 -2.32 -4.80 7.94
N LYS A 51 -1.34 -5.58 7.58
CA LYS A 51 -0.59 -5.37 6.35
C LYS A 51 -1.52 -5.50 5.14
N PHE A 52 -2.40 -6.47 5.21
CA PHE A 52 -3.36 -6.69 4.16
C PHE A 52 -4.28 -5.47 3.97
N LYS A 53 -4.84 -4.96 5.08
CA LYS A 53 -5.76 -3.82 5.02
C LYS A 53 -5.06 -2.52 4.63
N GLU A 54 -3.83 -2.33 5.06
CA GLU A 54 -3.09 -1.15 4.65
C GLU A 54 -2.73 -1.23 3.18
N ALA A 55 -2.47 -2.46 2.72
CA ALA A 55 -2.17 -2.71 1.32
C ALA A 55 -3.39 -2.46 0.45
N SER A 56 -4.55 -2.86 0.94
CA SER A 56 -5.79 -2.69 0.21
C SER A 56 -6.14 -1.22 0.05
N ALA A 57 -5.88 -0.42 1.10
CA ALA A 57 -6.10 1.02 1.03
C ALA A 57 -5.14 1.68 0.05
N ALA A 58 -3.90 1.21 0.07
CA ALA A 58 -2.91 1.67 -0.85
C ALA A 58 -3.38 1.37 -2.25
N TYR A 59 -3.86 0.15 -2.41
CA TYR A 59 -4.40 -0.32 -3.67
C TYR A 59 -5.61 0.51 -4.11
N GLU A 60 -6.54 0.76 -3.20
CA GLU A 60 -7.77 1.44 -3.59
C GLU A 60 -7.51 2.82 -4.19
N ILE A 61 -6.46 3.51 -3.73
CA ILE A 61 -6.12 4.81 -4.28
C ILE A 61 -5.10 4.69 -5.39
N LEU A 62 -4.05 3.96 -5.13
CA LEU A 62 -2.96 3.81 -6.08
C LEU A 62 -3.37 3.05 -7.36
N SER A 63 -4.21 2.02 -7.23
CA SER A 63 -4.69 1.25 -8.39
C SER A 63 -5.57 2.11 -9.29
N ASP A 64 -5.87 3.31 -8.83
CA ASP A 64 -6.64 4.26 -9.59
C ASP A 64 -5.77 5.43 -9.88
N PRO A 65 -5.30 5.57 -11.11
CA PRO A 65 -4.33 6.60 -11.52
C PRO A 65 -4.77 7.99 -11.14
N GLU A 66 -6.06 8.21 -11.14
CA GLU A 66 -6.62 9.49 -10.83
C GLU A 66 -6.53 9.75 -9.34
N LYS A 67 -6.68 8.70 -8.57
CA LYS A 67 -6.61 8.76 -7.15
C LYS A 67 -5.17 8.71 -6.71
N ARG A 68 -4.39 8.12 -7.58
CA ARG A 68 -3.00 7.95 -7.39
C ARG A 68 -2.34 9.30 -7.55
N ASP A 69 -2.77 10.05 -8.58
CA ASP A 69 -2.27 11.39 -8.84
C ASP A 69 -2.68 12.31 -7.74
N ILE A 70 -3.92 12.13 -7.29
CA ILE A 70 -4.44 12.89 -6.18
C ILE A 70 -3.60 12.60 -4.94
N TYR A 71 -3.34 11.33 -4.68
CA TYR A 71 -2.49 10.93 -3.57
C TYR A 71 -1.09 11.54 -3.74
N ASP A 72 -0.57 11.44 -4.95
CA ASP A 72 0.76 11.94 -5.29
C ASP A 72 0.92 13.43 -4.99
N GLN A 73 -0.11 14.22 -5.27
CA GLN A 73 -0.09 15.64 -5.00
C GLN A 73 0.04 15.90 -3.52
N PHE A 74 -0.73 15.16 -2.74
CA PHE A 74 -0.67 15.27 -1.29
C PHE A 74 0.59 14.61 -0.74
N GLY A 75 1.07 13.60 -1.43
CA GLY A 75 2.26 12.89 -1.01
C GLY A 75 1.94 11.66 -0.17
N GLY A 1 12.48 8.46 23.61
CA GLY A 1 12.14 9.25 22.41
C GLY A 1 10.67 9.20 22.13
N GLU A 2 10.10 10.33 21.73
CA GLU A 2 8.68 10.41 21.48
C GLU A 2 8.34 9.86 20.12
N PHE A 3 7.41 8.92 20.08
CA PHE A 3 6.88 8.47 18.81
C PHE A 3 6.15 9.64 18.16
N GLY A 4 5.28 10.27 18.97
CA GLY A 4 4.54 11.44 18.54
C GLY A 4 3.76 11.21 17.27
N SER A 5 3.87 12.15 16.36
CA SER A 5 3.23 12.06 15.09
C SER A 5 4.25 12.34 14.00
N MET A 6 4.15 11.64 12.89
CA MET A 6 5.06 11.83 11.79
C MET A 6 4.28 11.99 10.51
N VAL A 7 4.72 12.92 9.67
CA VAL A 7 4.05 13.15 8.40
C VAL A 7 4.39 12.03 7.42
N LYS A 8 3.44 11.16 7.20
CA LYS A 8 3.62 10.04 6.31
C LYS A 8 3.58 10.46 4.86
N GLU A 9 4.66 10.19 4.15
CA GLU A 9 4.77 10.53 2.74
C GLU A 9 5.05 9.28 1.92
N THR A 10 4.25 9.08 0.86
CA THR A 10 4.40 7.96 -0.12
C THR A 10 4.45 6.57 0.52
N LYS A 11 3.93 6.49 1.74
CA LYS A 11 3.91 5.25 2.51
C LYS A 11 3.17 4.16 1.81
N PHE A 12 2.16 4.54 1.09
CA PHE A 12 1.38 3.55 0.34
C PHE A 12 2.21 2.92 -0.76
N TYR A 13 3.12 3.70 -1.35
CA TYR A 13 4.00 3.16 -2.37
C TYR A 13 4.98 2.19 -1.71
N ASP A 14 5.51 2.61 -0.56
CA ASP A 14 6.42 1.77 0.24
C ASP A 14 5.75 0.49 0.70
N ILE A 15 4.51 0.60 1.13
CA ILE A 15 3.76 -0.55 1.59
C ILE A 15 3.58 -1.59 0.48
N LEU A 16 3.17 -1.15 -0.70
CA LEU A 16 3.08 -2.06 -1.84
C LEU A 16 4.45 -2.53 -2.32
N GLY A 17 5.47 -1.70 -2.11
CA GLY A 17 6.80 -2.05 -2.58
C GLY A 17 7.06 -1.49 -3.96
N VAL A 18 6.29 -0.49 -4.31
CA VAL A 18 6.39 0.17 -5.60
C VAL A 18 7.04 1.56 -5.46
N PRO A 19 7.62 2.09 -6.54
CA PRO A 19 8.22 3.43 -6.54
C PRO A 19 7.13 4.49 -6.48
N VAL A 20 7.50 5.72 -6.15
CA VAL A 20 6.53 6.82 -6.14
C VAL A 20 6.02 7.06 -7.57
N THR A 21 6.84 6.65 -8.54
CA THR A 21 6.51 6.77 -9.94
C THR A 21 5.94 5.44 -10.46
N ALA A 22 5.35 4.68 -9.54
CA ALA A 22 4.78 3.38 -9.86
C ALA A 22 3.71 3.45 -10.92
N THR A 23 3.69 2.44 -11.74
CA THR A 23 2.71 2.30 -12.77
C THR A 23 1.63 1.33 -12.31
N ASP A 24 0.50 1.32 -12.99
CA ASP A 24 -0.63 0.46 -12.63
C ASP A 24 -0.20 -0.99 -12.58
N VAL A 25 0.66 -1.38 -13.50
CA VAL A 25 1.13 -2.77 -13.57
C VAL A 25 1.88 -3.15 -12.30
N GLU A 26 2.76 -2.26 -11.86
CA GLU A 26 3.57 -2.49 -10.66
C GLU A 26 2.67 -2.54 -9.47
N ILE A 27 1.69 -1.68 -9.48
CA ILE A 27 0.72 -1.56 -8.44
C ILE A 27 -0.12 -2.84 -8.31
N LYS A 28 -0.56 -3.39 -9.44
CA LYS A 28 -1.37 -4.60 -9.45
C LYS A 28 -0.60 -5.78 -8.88
N LYS A 29 0.64 -5.93 -9.33
CA LYS A 29 1.47 -7.04 -8.92
C LYS A 29 1.99 -6.89 -7.50
N ALA A 30 2.29 -5.67 -7.10
CA ALA A 30 2.68 -5.41 -5.73
C ALA A 30 1.54 -5.73 -4.80
N TYR A 31 0.33 -5.34 -5.22
CA TYR A 31 -0.85 -5.63 -4.46
C TYR A 31 -1.08 -7.12 -4.37
N ARG A 32 -1.00 -7.79 -5.52
CA ARG A 32 -1.24 -9.21 -5.56
C ARG A 32 -0.22 -9.97 -4.71
N LYS A 33 1.04 -9.55 -4.75
CA LYS A 33 2.04 -10.24 -3.94
C LYS A 33 1.85 -9.89 -2.49
N CYS A 34 1.62 -8.62 -2.19
CA CYS A 34 1.45 -8.22 -0.80
C CYS A 34 0.25 -8.93 -0.18
N ALA A 35 -0.87 -8.93 -0.89
CA ALA A 35 -2.08 -9.58 -0.42
C ALA A 35 -1.88 -11.09 -0.32
N LEU A 36 -1.35 -11.71 -1.36
CA LEU A 36 -1.15 -13.15 -1.36
C LEU A 36 -0.16 -13.58 -0.29
N LYS A 37 0.87 -12.82 -0.12
CA LYS A 37 1.90 -13.12 0.86
C LYS A 37 1.37 -13.04 2.32
N TYR A 38 0.53 -12.04 2.63
CA TYR A 38 0.05 -11.86 4.02
C TYR A 38 -1.48 -11.84 4.18
N HIS A 39 -2.21 -12.37 3.21
CA HIS A 39 -3.69 -12.40 3.31
C HIS A 39 -4.16 -13.25 4.48
N PRO A 40 -5.27 -12.84 5.12
CA PRO A 40 -5.85 -13.58 6.27
C PRO A 40 -6.36 -14.96 5.85
N ASP A 41 -6.51 -15.13 4.54
CA ASP A 41 -6.98 -16.38 3.95
C ASP A 41 -6.04 -17.53 4.28
N LYS A 42 -4.75 -17.22 4.45
CA LYS A 42 -3.74 -18.23 4.75
C LYS A 42 -2.83 -17.79 5.89
N ASN A 43 -2.83 -16.50 6.15
CA ASN A 43 -2.02 -15.93 7.22
C ASN A 43 -2.92 -15.49 8.37
N PRO A 44 -2.87 -16.22 9.49
CA PRO A 44 -3.72 -15.95 10.65
C PRO A 44 -3.32 -14.69 11.43
N SER A 45 -2.09 -14.23 11.22
CA SER A 45 -1.58 -13.09 11.94
C SER A 45 -2.40 -11.86 11.66
N GLU A 46 -2.72 -11.16 12.70
CA GLU A 46 -3.52 -9.96 12.61
C GLU A 46 -2.75 -8.87 11.89
N GLU A 47 -1.47 -8.79 12.17
CA GLU A 47 -0.59 -7.81 11.55
C GLU A 47 -0.46 -8.06 10.06
N ALA A 48 -0.41 -9.33 9.72
CA ALA A 48 -0.35 -9.73 8.32
C ALA A 48 -1.60 -9.26 7.63
N ALA A 49 -2.68 -9.40 8.35
CA ALA A 49 -3.98 -8.95 7.88
C ALA A 49 -3.99 -7.44 7.74
N GLU A 50 -3.31 -6.76 8.66
CA GLU A 50 -3.19 -5.30 8.63
C GLU A 50 -2.47 -4.90 7.36
N LYS A 51 -1.43 -5.65 7.03
CA LYS A 51 -0.66 -5.44 5.82
C LYS A 51 -1.55 -5.60 4.61
N PHE A 52 -2.43 -6.59 4.67
CA PHE A 52 -3.38 -6.84 3.62
C PHE A 52 -4.27 -5.63 3.43
N LYS A 53 -4.80 -5.12 4.52
CA LYS A 53 -5.69 -3.99 4.47
C LYS A 53 -5.02 -2.73 3.97
N GLU A 54 -3.78 -2.50 4.40
CA GLU A 54 -3.02 -1.34 3.95
C GLU A 54 -2.74 -1.45 2.47
N ALA A 55 -2.41 -2.67 2.03
CA ALA A 55 -2.17 -2.93 0.63
C ALA A 55 -3.43 -2.70 -0.17
N SER A 56 -4.55 -3.12 0.42
CA SER A 56 -5.84 -2.98 -0.20
C SER A 56 -6.19 -1.50 -0.37
N ALA A 57 -5.94 -0.70 0.67
CA ALA A 57 -6.20 0.74 0.62
C ALA A 57 -5.28 1.41 -0.40
N ALA A 58 -4.04 0.95 -0.41
CA ALA A 58 -3.05 1.44 -1.35
C ALA A 58 -3.51 1.15 -2.75
N TYR A 59 -4.01 -0.06 -2.95
CA TYR A 59 -4.57 -0.47 -4.22
C TYR A 59 -5.76 0.40 -4.59
N GLU A 60 -6.56 0.74 -3.61
CA GLU A 60 -7.77 1.49 -3.85
C GLU A 60 -7.45 2.84 -4.50
N ILE A 61 -6.39 3.49 -4.06
CA ILE A 61 -6.02 4.77 -4.64
C ILE A 61 -5.02 4.61 -5.78
N LEU A 62 -3.99 3.86 -5.52
CA LEU A 62 -2.92 3.66 -6.48
C LEU A 62 -3.36 2.95 -7.76
N SER A 63 -4.25 1.97 -7.65
CA SER A 63 -4.73 1.22 -8.82
C SER A 63 -5.51 2.12 -9.77
N ASP A 64 -5.78 3.33 -9.33
CA ASP A 64 -6.50 4.30 -10.12
C ASP A 64 -5.59 5.48 -10.34
N PRO A 65 -5.12 5.67 -11.56
CA PRO A 65 -4.12 6.70 -11.91
C PRO A 65 -4.52 8.10 -11.44
N GLU A 66 -5.81 8.35 -11.44
CA GLU A 66 -6.31 9.64 -11.05
C GLU A 66 -6.24 9.80 -9.55
N LYS A 67 -6.45 8.71 -8.86
CA LYS A 67 -6.40 8.67 -7.43
C LYS A 67 -4.97 8.59 -6.98
N ARG A 68 -4.18 7.99 -7.84
CA ARG A 68 -2.79 7.79 -7.64
C ARG A 68 -2.09 9.15 -7.66
N ASP A 69 -2.46 9.98 -8.63
CA ASP A 69 -1.90 11.32 -8.76
C ASP A 69 -2.38 12.18 -7.63
N ILE A 70 -3.63 11.98 -7.27
CA ILE A 70 -4.21 12.66 -6.13
C ILE A 70 -3.44 12.32 -4.86
N TYR A 71 -3.21 11.03 -4.66
CA TYR A 71 -2.41 10.58 -3.53
C TYR A 71 -1.01 11.16 -3.60
N ASP A 72 -0.42 11.14 -4.77
CA ASP A 72 0.92 11.66 -4.96
C ASP A 72 1.01 13.14 -4.57
N GLN A 73 -0.02 13.89 -4.93
CA GLN A 73 -0.10 15.33 -4.64
C GLN A 73 -0.24 15.62 -3.15
N PHE A 74 -1.05 14.82 -2.47
CA PHE A 74 -1.31 15.05 -1.04
C PHE A 74 -0.47 14.14 -0.17
N GLY A 75 0.33 13.30 -0.80
CA GLY A 75 1.16 12.38 -0.07
C GLY A 75 2.36 13.06 0.53
N GLY A 1 9.20 -6.33 15.47
CA GLY A 1 8.13 -5.58 14.80
C GLY A 1 7.09 -5.06 15.77
N GLU A 2 5.83 -5.12 15.37
CA GLU A 2 4.70 -4.63 16.17
C GLU A 2 4.76 -3.12 16.36
N PHE A 3 5.19 -2.43 15.33
CA PHE A 3 5.20 -0.97 15.33
C PHE A 3 4.33 -0.48 14.20
N GLY A 4 3.50 0.51 14.50
CA GLY A 4 2.55 1.01 13.53
C GLY A 4 3.20 1.74 12.38
N SER A 5 2.57 1.68 11.23
CA SER A 5 3.04 2.34 10.05
C SER A 5 2.13 3.53 9.74
N MET A 6 2.69 4.55 9.16
CA MET A 6 1.92 5.74 8.83
C MET A 6 1.57 5.78 7.36
N VAL A 7 0.35 6.19 7.07
CA VAL A 7 -0.16 6.20 5.70
C VAL A 7 -0.16 7.61 5.12
N LYS A 8 0.92 8.33 5.32
CA LYS A 8 1.00 9.70 4.85
C LYS A 8 1.74 9.77 3.52
N GLU A 9 1.70 10.95 2.88
CA GLU A 9 2.35 11.18 1.57
C GLU A 9 3.69 10.45 1.41
N THR A 10 3.86 9.86 0.22
CA THR A 10 5.04 9.06 -0.19
C THR A 10 5.09 7.70 0.52
N LYS A 11 4.67 7.68 1.78
CA LYS A 11 4.65 6.48 2.59
C LYS A 11 3.74 5.43 2.00
N PHE A 12 2.73 5.84 1.25
CA PHE A 12 1.85 4.89 0.59
C PHE A 12 2.61 4.08 -0.44
N TYR A 13 3.54 4.74 -1.12
CA TYR A 13 4.36 4.06 -2.12
C TYR A 13 5.32 3.11 -1.41
N ASP A 14 5.90 3.61 -0.30
CA ASP A 14 6.80 2.81 0.55
C ASP A 14 6.11 1.59 1.12
N ILE A 15 4.89 1.78 1.55
CA ILE A 15 4.10 0.69 2.10
C ILE A 15 3.89 -0.43 1.07
N LEU A 16 3.45 -0.07 -0.13
CA LEU A 16 3.31 -1.06 -1.19
C LEU A 16 4.66 -1.60 -1.69
N GLY A 17 5.70 -0.79 -1.57
CA GLY A 17 7.01 -1.20 -2.07
C GLY A 17 7.22 -0.74 -3.49
N VAL A 18 6.42 0.23 -3.89
CA VAL A 18 6.46 0.78 -5.23
C VAL A 18 7.10 2.17 -5.21
N PRO A 19 7.68 2.62 -6.33
CA PRO A 19 8.26 3.95 -6.43
C PRO A 19 7.16 5.00 -6.48
N VAL A 20 7.51 6.23 -6.22
CA VAL A 20 6.57 7.33 -6.32
C VAL A 20 6.08 7.43 -7.77
N THR A 21 6.98 7.08 -8.69
CA THR A 21 6.71 7.11 -10.12
C THR A 21 6.09 5.77 -10.60
N ALA A 22 5.56 4.99 -9.66
CA ALA A 22 5.02 3.65 -9.93
C ALA A 22 3.89 3.63 -10.94
N THR A 23 3.80 2.53 -11.64
CA THR A 23 2.76 2.28 -12.60
C THR A 23 1.65 1.45 -11.95
N ASP A 24 0.50 1.38 -12.60
CA ASP A 24 -0.67 0.65 -12.07
C ASP A 24 -0.32 -0.81 -11.83
N VAL A 25 0.45 -1.39 -12.73
CA VAL A 25 0.84 -2.79 -12.62
C VAL A 25 1.71 -3.03 -11.39
N GLU A 26 2.64 -2.11 -11.15
CA GLU A 26 3.55 -2.20 -10.00
C GLU A 26 2.75 -2.07 -8.74
N ILE A 27 1.82 -1.17 -8.78
CA ILE A 27 0.93 -0.89 -7.69
C ILE A 27 0.06 -2.10 -7.36
N LYS A 28 -0.51 -2.70 -8.40
CA LYS A 28 -1.36 -3.84 -8.24
C LYS A 28 -0.61 -5.04 -7.71
N LYS A 29 0.57 -5.31 -8.24
CA LYS A 29 1.33 -6.45 -7.80
C LYS A 29 1.86 -6.26 -6.39
N ALA A 30 2.18 -5.03 -6.06
CA ALA A 30 2.59 -4.68 -4.72
C ALA A 30 1.45 -4.93 -3.76
N TYR A 31 0.24 -4.58 -4.21
CA TYR A 31 -0.95 -4.82 -3.45
C TYR A 31 -1.15 -6.30 -3.22
N ARG A 32 -1.05 -7.08 -4.31
CA ARG A 32 -1.26 -8.51 -4.18
C ARG A 32 -0.19 -9.13 -3.29
N LYS A 33 1.08 -8.72 -3.45
CA LYS A 33 2.12 -9.31 -2.63
C LYS A 33 1.96 -8.90 -1.19
N CYS A 34 1.66 -7.64 -0.94
CA CYS A 34 1.50 -7.18 0.42
C CYS A 34 0.37 -7.93 1.10
N ALA A 35 -0.77 -8.02 0.43
CA ALA A 35 -1.92 -8.72 0.95
C ALA A 35 -1.64 -10.22 1.11
N LEU A 36 -1.05 -10.83 0.10
CA LEU A 36 -0.74 -12.25 0.12
C LEU A 36 0.30 -12.59 1.20
N LYS A 37 1.27 -11.74 1.34
CA LYS A 37 2.35 -11.94 2.30
C LYS A 37 1.85 -11.78 3.75
N TYR A 38 0.98 -10.79 4.00
CA TYR A 38 0.52 -10.48 5.36
C TYR A 38 -0.97 -10.74 5.59
N HIS A 39 -1.58 -11.52 4.73
CA HIS A 39 -3.01 -11.87 4.88
C HIS A 39 -3.28 -12.60 6.21
N PRO A 40 -4.43 -12.31 6.85
CA PRO A 40 -4.83 -12.93 8.14
C PRO A 40 -4.90 -14.45 8.09
N ASP A 41 -5.18 -14.99 6.91
CA ASP A 41 -5.33 -16.45 6.71
C ASP A 41 -4.06 -17.22 7.05
N LYS A 42 -2.93 -16.54 7.01
CA LYS A 42 -1.66 -17.20 7.29
C LYS A 42 -0.82 -16.36 8.25
N ASN A 43 -1.15 -15.08 8.33
CA ASN A 43 -0.50 -14.18 9.26
C ASN A 43 -1.49 -13.77 10.34
N PRO A 44 -1.34 -14.32 11.55
CA PRO A 44 -2.26 -14.07 12.67
C PRO A 44 -2.05 -12.71 13.33
N SER A 45 -0.99 -12.02 12.96
CA SER A 45 -0.66 -10.76 13.56
C SER A 45 -1.60 -9.65 13.15
N GLU A 46 -1.94 -8.83 14.14
CA GLU A 46 -2.77 -7.66 13.92
C GLU A 46 -2.09 -6.73 12.96
N GLU A 47 -0.77 -6.61 13.14
CA GLU A 47 0.06 -5.75 12.32
C GLU A 47 -0.04 -6.14 10.86
N ALA A 48 -0.06 -7.44 10.63
CA ALA A 48 -0.14 -7.97 9.27
C ALA A 48 -1.44 -7.54 8.65
N ALA A 49 -2.47 -7.65 9.43
CA ALA A 49 -3.80 -7.24 9.04
C ALA A 49 -3.86 -5.75 8.79
N GLU A 50 -3.16 -4.99 9.63
CA GLU A 50 -3.10 -3.54 9.52
C GLU A 50 -2.40 -3.17 8.22
N LYS A 51 -1.35 -3.91 7.90
CA LYS A 51 -0.61 -3.73 6.66
C LYS A 51 -1.51 -3.98 5.47
N PHE A 52 -2.35 -4.98 5.61
CA PHE A 52 -3.32 -5.32 4.59
C PHE A 52 -4.24 -4.11 4.34
N LYS A 53 -4.71 -3.50 5.43
CA LYS A 53 -5.56 -2.32 5.34
C LYS A 53 -4.83 -1.16 4.66
N GLU A 54 -3.57 -0.99 5.00
CA GLU A 54 -2.75 0.07 4.42
C GLU A 54 -2.53 -0.17 2.94
N ALA A 55 -2.27 -1.42 2.59
CA ALA A 55 -2.02 -1.81 1.22
C ALA A 55 -3.27 -1.60 0.38
N SER A 56 -4.40 -1.96 0.94
CA SER A 56 -5.65 -1.83 0.25
C SER A 56 -6.02 -0.36 0.03
N ALA A 57 -5.81 0.49 1.03
CA ALA A 57 -6.10 1.94 0.90
C ALA A 57 -5.18 2.58 -0.13
N ALA A 58 -3.92 2.17 -0.08
CA ALA A 58 -2.92 2.65 -1.00
C ALA A 58 -3.33 2.27 -2.40
N TYR A 59 -3.77 1.04 -2.55
CA TYR A 59 -4.26 0.54 -3.81
C TYR A 59 -5.46 1.35 -4.26
N GLU A 60 -6.30 1.75 -3.34
CA GLU A 60 -7.51 2.47 -3.67
C GLU A 60 -7.21 3.76 -4.42
N ILE A 61 -6.20 4.50 -3.99
CA ILE A 61 -5.85 5.74 -4.68
C ILE A 61 -4.79 5.51 -5.74
N LEU A 62 -3.77 4.78 -5.38
CA LEU A 62 -2.65 4.52 -6.27
C LEU A 62 -3.06 3.73 -7.52
N SER A 63 -3.95 2.76 -7.36
CA SER A 63 -4.44 1.98 -8.49
C SER A 63 -5.30 2.85 -9.41
N ASP A 64 -5.54 4.07 -8.98
CA ASP A 64 -6.28 5.01 -9.77
C ASP A 64 -5.29 6.06 -10.21
N PRO A 65 -4.90 6.04 -11.46
CA PRO A 65 -3.83 6.90 -12.00
C PRO A 65 -4.11 8.37 -11.77
N GLU A 66 -5.37 8.73 -11.73
CA GLU A 66 -5.73 10.12 -11.57
C GLU A 66 -5.70 10.50 -10.12
N LYS A 67 -6.10 9.57 -9.26
CA LYS A 67 -6.07 9.80 -7.85
C LYS A 67 -4.64 9.81 -7.41
N ARG A 68 -3.88 8.97 -8.07
CA ARG A 68 -2.48 8.81 -7.86
C ARG A 68 -1.75 10.09 -8.23
N ASP A 69 -2.16 10.72 -9.34
CA ASP A 69 -1.57 12.00 -9.76
C ASP A 69 -1.98 13.09 -8.83
N ILE A 70 -3.23 13.06 -8.42
CA ILE A 70 -3.74 14.01 -7.46
C ILE A 70 -2.97 13.88 -6.15
N TYR A 71 -2.82 12.65 -5.70
CA TYR A 71 -2.07 12.34 -4.50
C TYR A 71 -0.61 12.79 -4.63
N ASP A 72 -0.01 12.43 -5.74
CA ASP A 72 1.39 12.73 -6.03
C ASP A 72 1.68 14.23 -6.05
N GLN A 73 0.83 14.98 -6.72
CA GLN A 73 1.07 16.41 -6.91
C GLN A 73 0.62 17.24 -5.72
N PHE A 74 -0.55 16.93 -5.18
CA PHE A 74 -1.07 17.68 -4.05
C PHE A 74 -0.32 17.38 -2.77
N GLY A 75 0.22 16.18 -2.68
CA GLY A 75 0.98 15.83 -1.51
C GLY A 75 0.59 14.48 -0.97
N GLY A 1 5.45 -1.72 13.50
CA GLY A 1 5.82 -0.99 12.27
C GLY A 1 5.01 0.27 12.11
N GLU A 2 5.36 1.31 12.86
CA GLU A 2 4.63 2.57 12.80
C GLU A 2 4.78 3.23 11.43
N PHE A 3 6.02 3.24 10.93
CA PHE A 3 6.36 3.90 9.66
C PHE A 3 5.78 5.31 9.61
N GLY A 4 5.72 5.96 10.76
CA GLY A 4 5.15 7.27 10.85
C GLY A 4 6.13 8.29 11.36
N SER A 5 5.97 9.51 10.91
CA SER A 5 6.84 10.59 11.30
C SER A 5 6.12 11.91 11.10
N MET A 6 6.68 13.00 11.64
CA MET A 6 6.11 14.31 11.45
C MET A 6 6.11 14.65 9.98
N VAL A 7 4.96 15.10 9.48
CA VAL A 7 4.77 15.33 8.05
C VAL A 7 5.02 14.01 7.31
N LYS A 8 4.09 13.08 7.49
CA LYS A 8 4.21 11.77 6.90
C LYS A 8 3.91 11.81 5.42
N GLU A 9 4.78 11.23 4.63
CA GLU A 9 4.59 11.25 3.20
C GLU A 9 5.04 9.94 2.57
N THR A 10 4.32 9.52 1.53
CA THR A 10 4.62 8.31 0.72
C THR A 10 4.49 6.99 1.50
N LYS A 11 3.70 7.00 2.57
CA LYS A 11 3.50 5.80 3.39
C LYS A 11 2.90 4.66 2.59
N PHE A 12 1.97 4.97 1.72
CA PHE A 12 1.32 3.94 0.93
C PHE A 12 2.27 3.35 -0.09
N TYR A 13 3.17 4.18 -0.63
CA TYR A 13 4.15 3.69 -1.58
C TYR A 13 5.11 2.77 -0.82
N ASP A 14 5.49 3.21 0.38
CA ASP A 14 6.35 2.43 1.28
C ASP A 14 5.71 1.11 1.64
N ILE A 15 4.43 1.16 1.97
CA ILE A 15 3.70 -0.05 2.35
C ILE A 15 3.66 -1.07 1.22
N LEU A 16 3.29 -0.64 0.02
CA LEU A 16 3.29 -1.54 -1.12
C LEU A 16 4.70 -1.96 -1.55
N GLY A 17 5.69 -1.11 -1.30
CA GLY A 17 7.05 -1.44 -1.72
C GLY A 17 7.32 -0.97 -3.12
N VAL A 18 6.52 -0.02 -3.56
CA VAL A 18 6.64 0.56 -4.88
C VAL A 18 7.24 1.95 -4.78
N PRO A 19 7.82 2.48 -5.87
CA PRO A 19 8.37 3.83 -5.87
C PRO A 19 7.26 4.86 -5.77
N VAL A 20 7.61 6.08 -5.46
CA VAL A 20 6.63 7.14 -5.38
C VAL A 20 6.09 7.38 -6.79
N THR A 21 6.95 7.15 -7.76
CA THR A 21 6.64 7.30 -9.17
C THR A 21 6.08 5.98 -9.75
N ALA A 22 5.55 5.14 -8.88
CA ALA A 22 5.03 3.83 -9.27
C ALA A 22 3.86 3.91 -10.24
N THR A 23 3.78 2.92 -11.08
CA THR A 23 2.70 2.79 -12.02
C THR A 23 1.68 1.78 -11.48
N ASP A 24 0.49 1.76 -12.06
CA ASP A 24 -0.58 0.86 -11.59
C ASP A 24 -0.13 -0.58 -11.60
N VAL A 25 0.70 -0.92 -12.55
CA VAL A 25 1.20 -2.26 -12.68
C VAL A 25 2.06 -2.65 -11.48
N GLU A 26 2.95 -1.74 -11.08
CA GLU A 26 3.84 -1.95 -9.95
C GLU A 26 3.03 -2.00 -8.68
N ILE A 27 2.08 -1.11 -8.63
CA ILE A 27 1.18 -0.97 -7.51
C ILE A 27 0.34 -2.24 -7.32
N LYS A 28 -0.22 -2.74 -8.40
CA LYS A 28 -1.06 -3.91 -8.35
C LYS A 28 -0.27 -5.14 -7.94
N LYS A 29 0.93 -5.30 -8.49
CA LYS A 29 1.76 -6.45 -8.16
C LYS A 29 2.23 -6.37 -6.72
N ALA A 30 2.50 -5.17 -6.27
CA ALA A 30 2.83 -4.93 -4.88
C ALA A 30 1.66 -5.27 -4.01
N TYR A 31 0.46 -4.90 -4.45
CA TYR A 31 -0.74 -5.22 -3.74
C TYR A 31 -0.93 -6.71 -3.65
N ARG A 32 -0.84 -7.40 -4.79
CA ARG A 32 -1.00 -8.83 -4.77
C ARG A 32 0.09 -9.53 -4.00
N LYS A 33 1.31 -9.01 -4.00
CA LYS A 33 2.36 -9.63 -3.21
C LYS A 33 2.08 -9.39 -1.74
N CYS A 34 1.77 -8.16 -1.37
CA CYS A 34 1.52 -7.84 0.03
C CYS A 34 0.30 -8.60 0.56
N ALA A 35 -0.77 -8.61 -0.23
CA ALA A 35 -1.98 -9.29 0.15
C ALA A 35 -1.78 -10.80 0.22
N LEU A 36 -1.20 -11.37 -0.82
CA LEU A 36 -0.98 -12.80 -0.87
C LEU A 36 0.01 -13.28 0.18
N LYS A 37 1.05 -12.49 0.42
CA LYS A 37 2.06 -12.85 1.40
C LYS A 37 1.52 -12.87 2.84
N TYR A 38 0.68 -11.89 3.20
CA TYR A 38 0.17 -11.77 4.59
C TYR A 38 -1.36 -11.87 4.70
N HIS A 39 -1.98 -12.46 3.70
CA HIS A 39 -3.45 -12.65 3.69
C HIS A 39 -3.95 -13.42 4.92
N PRO A 40 -5.07 -12.96 5.53
CA PRO A 40 -5.69 -13.60 6.70
C PRO A 40 -6.04 -15.08 6.45
N ASP A 41 -6.24 -15.42 5.18
CA ASP A 41 -6.59 -16.79 4.77
C ASP A 41 -5.51 -17.80 5.12
N LYS A 42 -4.29 -17.34 5.31
CA LYS A 42 -3.18 -18.24 5.64
C LYS A 42 -2.35 -17.68 6.78
N ASN A 43 -2.36 -16.36 6.91
CA ASN A 43 -1.65 -15.70 7.97
C ASN A 43 -2.64 -15.25 9.03
N PRO A 44 -2.68 -15.95 10.17
CA PRO A 44 -3.62 -15.66 11.25
C PRO A 44 -3.22 -14.47 12.11
N SER A 45 -2.01 -13.96 11.90
CA SER A 45 -1.51 -12.86 12.69
C SER A 45 -2.31 -11.61 12.43
N GLU A 46 -2.61 -10.89 13.48
CA GLU A 46 -3.36 -9.66 13.39
C GLU A 46 -2.60 -8.63 12.57
N GLU A 47 -1.29 -8.57 12.78
CA GLU A 47 -0.43 -7.65 12.06
C GLU A 47 -0.47 -7.94 10.57
N ALA A 48 -0.48 -9.21 10.24
CA ALA A 48 -0.52 -9.64 8.85
C ALA A 48 -1.78 -9.13 8.21
N ALA A 49 -2.84 -9.23 8.95
CA ALA A 49 -4.13 -8.73 8.53
C ALA A 49 -4.10 -7.21 8.37
N GLU A 50 -3.40 -6.56 9.29
CA GLU A 50 -3.26 -5.10 9.25
C GLU A 50 -2.55 -4.68 7.98
N LYS A 51 -1.50 -5.43 7.66
CA LYS A 51 -0.71 -5.20 6.46
C LYS A 51 -1.57 -5.39 5.23
N PHE A 52 -2.40 -6.41 5.28
CA PHE A 52 -3.31 -6.73 4.19
C PHE A 52 -4.26 -5.54 3.94
N LYS A 53 -4.86 -5.04 5.02
CA LYS A 53 -5.82 -3.94 4.92
C LYS A 53 -5.16 -2.65 4.44
N GLU A 54 -3.97 -2.36 4.95
CA GLU A 54 -3.25 -1.17 4.52
C GLU A 54 -2.86 -1.28 3.06
N ALA A 55 -2.47 -2.48 2.67
CA ALA A 55 -2.11 -2.74 1.29
C ALA A 55 -3.30 -2.53 0.38
N SER A 56 -4.48 -2.96 0.85
CA SER A 56 -5.68 -2.82 0.08
C SER A 56 -6.10 -1.35 -0.04
N ALA A 57 -5.93 -0.56 1.04
CA ALA A 57 -6.24 0.86 0.99
C ALA A 57 -5.30 1.58 0.02
N ALA A 58 -4.04 1.17 0.07
CA ALA A 58 -3.03 1.70 -0.82
C ALA A 58 -3.43 1.40 -2.24
N TYR A 59 -3.89 0.18 -2.44
CA TYR A 59 -4.39 -0.26 -3.73
C TYR A 59 -5.57 0.59 -4.17
N GLU A 60 -6.43 0.92 -3.24
CA GLU A 60 -7.65 1.66 -3.54
C GLU A 60 -7.33 2.99 -4.22
N ILE A 61 -6.33 3.69 -3.74
CA ILE A 61 -5.96 4.97 -4.32
C ILE A 61 -4.90 4.81 -5.39
N LEU A 62 -3.87 4.08 -5.06
CA LEU A 62 -2.73 3.90 -5.94
C LEU A 62 -3.09 3.13 -7.24
N SER A 63 -3.95 2.11 -7.14
CA SER A 63 -4.35 1.33 -8.33
C SER A 63 -5.14 2.20 -9.31
N ASP A 64 -5.58 3.36 -8.82
CA ASP A 64 -6.31 4.27 -9.65
C ASP A 64 -5.43 5.43 -10.01
N PRO A 65 -5.04 5.53 -11.26
CA PRO A 65 -4.06 6.53 -11.74
C PRO A 65 -4.44 7.95 -11.37
N GLU A 66 -5.72 8.24 -11.37
CA GLU A 66 -6.15 9.59 -11.11
C GLU A 66 -6.21 9.85 -9.63
N LYS A 67 -6.46 8.79 -8.88
CA LYS A 67 -6.53 8.87 -7.45
C LYS A 67 -5.13 8.86 -6.89
N ARG A 68 -4.24 8.30 -7.67
CA ARG A 68 -2.86 8.18 -7.33
C ARG A 68 -2.23 9.56 -7.43
N ASP A 69 -2.56 10.29 -8.52
CA ASP A 69 -2.05 11.65 -8.71
C ASP A 69 -2.61 12.54 -7.64
N ILE A 70 -3.88 12.36 -7.36
CA ILE A 70 -4.56 13.11 -6.35
C ILE A 70 -3.95 12.87 -4.98
N TYR A 71 -3.78 11.60 -4.62
CA TYR A 71 -3.21 11.28 -3.33
C TYR A 71 -1.77 11.76 -3.25
N ASP A 72 -1.03 11.61 -4.33
CA ASP A 72 0.37 12.00 -4.39
C ASP A 72 0.54 13.47 -4.06
N GLN A 73 -0.40 14.29 -4.55
CA GLN A 73 -0.37 15.72 -4.28
C GLN A 73 -0.56 15.98 -2.79
N PHE A 74 -1.46 15.23 -2.17
CA PHE A 74 -1.67 15.32 -0.73
C PHE A 74 -0.50 14.72 0.05
N GLY A 75 0.14 13.73 -0.57
CA GLY A 75 1.25 13.05 0.06
C GLY A 75 0.82 12.22 1.25
N GLY A 1 8.12 -2.44 17.91
CA GLY A 1 6.75 -1.98 17.60
C GLY A 1 6.60 -0.49 17.81
N GLU A 2 5.88 0.16 16.92
CA GLU A 2 5.66 1.60 17.03
C GLU A 2 4.35 1.89 17.74
N PHE A 3 3.48 0.86 17.82
CA PHE A 3 2.17 0.96 18.49
C PHE A 3 1.28 2.01 17.84
N GLY A 4 1.60 2.35 16.61
CA GLY A 4 0.84 3.33 15.87
C GLY A 4 1.32 3.39 14.43
N SER A 5 0.51 3.91 13.55
CA SER A 5 0.89 3.96 12.16
C SER A 5 0.52 5.28 11.51
N MET A 6 1.45 5.83 10.76
CA MET A 6 1.26 7.05 10.04
C MET A 6 1.90 6.88 8.68
N VAL A 7 1.29 7.43 7.64
CA VAL A 7 1.80 7.22 6.31
C VAL A 7 1.81 8.54 5.55
N LYS A 8 2.98 9.07 5.33
CA LYS A 8 3.13 10.31 4.61
C LYS A 8 3.54 10.03 3.17
N GLU A 9 3.41 11.06 2.33
CA GLU A 9 3.88 11.04 0.93
C GLU A 9 5.14 10.16 0.72
N THR A 10 5.17 9.46 -0.42
CA THR A 10 6.25 8.57 -0.82
C THR A 10 6.17 7.21 -0.11
N LYS A 11 5.76 7.23 1.16
CA LYS A 11 5.66 6.03 1.96
C LYS A 11 4.68 5.03 1.40
N PHE A 12 3.61 5.49 0.80
CA PHE A 12 2.63 4.57 0.22
C PHE A 12 3.26 3.75 -0.91
N TYR A 13 4.13 4.40 -1.69
CA TYR A 13 4.81 3.70 -2.77
C TYR A 13 5.81 2.74 -2.17
N ASP A 14 6.51 3.22 -1.14
CA ASP A 14 7.52 2.46 -0.42
C ASP A 14 6.90 1.21 0.24
N ILE A 15 5.72 1.39 0.82
CA ILE A 15 5.00 0.29 1.47
C ILE A 15 4.66 -0.81 0.47
N LEU A 16 4.09 -0.44 -0.68
CA LEU A 16 3.81 -1.42 -1.72
C LEU A 16 5.09 -1.99 -2.33
N GLY A 17 6.15 -1.20 -2.31
CA GLY A 17 7.40 -1.64 -2.90
C GLY A 17 7.49 -1.24 -4.35
N VAL A 18 6.69 -0.26 -4.71
CA VAL A 18 6.66 0.25 -6.07
C VAL A 18 7.30 1.63 -6.12
N PRO A 19 7.77 2.06 -7.30
CA PRO A 19 8.34 3.40 -7.48
C PRO A 19 7.26 4.47 -7.40
N VAL A 20 7.66 5.71 -7.21
CA VAL A 20 6.72 6.81 -7.23
C VAL A 20 6.06 6.87 -8.61
N THR A 21 6.87 6.54 -9.61
CA THR A 21 6.46 6.56 -11.00
C THR A 21 5.78 5.22 -11.38
N ALA A 22 5.30 4.51 -10.37
CA ALA A 22 4.68 3.21 -10.57
C ALA A 22 3.44 3.28 -11.45
N THR A 23 3.24 2.23 -12.18
CA THR A 23 2.08 2.10 -13.02
C THR A 23 1.05 1.22 -12.35
N ASP A 24 -0.14 1.16 -12.92
CA ASP A 24 -1.25 0.37 -12.36
C ASP A 24 -0.85 -1.08 -12.18
N VAL A 25 -0.10 -1.60 -13.15
CA VAL A 25 0.34 -2.99 -13.12
C VAL A 25 1.29 -3.24 -11.95
N GLU A 26 2.24 -2.32 -11.77
CA GLU A 26 3.25 -2.43 -10.71
C GLU A 26 2.56 -2.32 -9.37
N ILE A 27 1.61 -1.41 -9.32
CA ILE A 27 0.81 -1.18 -8.16
C ILE A 27 -0.01 -2.42 -7.78
N LYS A 28 -0.66 -3.02 -8.77
CA LYS A 28 -1.47 -4.21 -8.53
C LYS A 28 -0.65 -5.40 -8.10
N LYS A 29 0.50 -5.59 -8.72
CA LYS A 29 1.33 -6.73 -8.36
C LYS A 29 1.90 -6.57 -6.96
N ALA A 30 2.25 -5.36 -6.60
CA ALA A 30 2.68 -5.06 -5.27
C ALA A 30 1.57 -5.32 -4.29
N TYR A 31 0.35 -4.91 -4.66
CA TYR A 31 -0.80 -5.13 -3.84
C TYR A 31 -1.08 -6.61 -3.69
N ARG A 32 -1.11 -7.33 -4.82
CA ARG A 32 -1.37 -8.74 -4.77
C ARG A 32 -0.29 -9.49 -4.00
N LYS A 33 0.95 -9.03 -4.06
CA LYS A 33 1.97 -9.70 -3.28
C LYS A 33 1.85 -9.33 -1.82
N CYS A 34 1.71 -8.05 -1.53
CA CYS A 34 1.65 -7.61 -0.14
C CYS A 34 0.43 -8.19 0.57
N ALA A 35 -0.73 -8.07 -0.05
CA ALA A 35 -1.96 -8.56 0.53
C ALA A 35 -1.95 -10.08 0.66
N LEU A 36 -1.57 -10.77 -0.40
CA LEU A 36 -1.54 -12.23 -0.38
C LEU A 36 -0.47 -12.78 0.57
N LYS A 37 0.67 -12.12 0.65
CA LYS A 37 1.74 -12.55 1.55
C LYS A 37 1.35 -12.42 3.03
N TYR A 38 0.66 -11.33 3.40
CA TYR A 38 0.33 -11.05 4.80
C TYR A 38 -1.18 -11.06 5.06
N HIS A 39 -1.93 -11.67 4.16
CA HIS A 39 -3.39 -11.73 4.29
C HIS A 39 -3.85 -12.33 5.61
N PRO A 40 -4.83 -11.69 6.26
CA PRO A 40 -5.35 -12.12 7.57
C PRO A 40 -6.02 -13.49 7.52
N ASP A 41 -6.31 -13.97 6.31
CA ASP A 41 -6.93 -15.27 6.12
C ASP A 41 -5.97 -16.41 6.41
N LYS A 42 -4.67 -16.11 6.47
CA LYS A 42 -3.65 -17.12 6.75
C LYS A 42 -2.69 -16.59 7.77
N ASN A 43 -2.40 -15.31 7.67
CA ASN A 43 -1.52 -14.62 8.60
C ASN A 43 -2.39 -14.02 9.70
N PRO A 44 -2.37 -14.61 10.89
CA PRO A 44 -3.21 -14.18 12.01
C PRO A 44 -2.64 -12.99 12.78
N SER A 45 -1.39 -12.64 12.52
CA SER A 45 -0.74 -11.58 13.24
C SER A 45 -1.41 -10.26 12.96
N GLU A 46 -1.47 -9.46 13.98
CA GLU A 46 -2.09 -8.16 13.91
C GLU A 46 -1.33 -7.29 12.93
N GLU A 47 -0.01 -7.35 13.01
CA GLU A 47 0.86 -6.55 12.16
C GLU A 47 0.69 -6.92 10.71
N ALA A 48 0.53 -8.21 10.46
CA ALA A 48 0.32 -8.70 9.10
C ALA A 48 -0.95 -8.12 8.55
N ALA A 49 -1.93 -8.11 9.40
CA ALA A 49 -3.23 -7.55 9.09
C ALA A 49 -3.12 -6.05 8.84
N GLU A 50 -2.27 -5.40 9.64
CA GLU A 50 -2.02 -3.97 9.53
C GLU A 50 -1.40 -3.67 8.17
N LYS A 51 -0.49 -4.55 7.78
CA LYS A 51 0.16 -4.46 6.49
C LYS A 51 -0.85 -4.61 5.36
N PHE A 52 -1.79 -5.50 5.55
CA PHE A 52 -2.85 -5.69 4.61
C PHE A 52 -3.65 -4.38 4.46
N LYS A 53 -3.97 -3.78 5.60
CA LYS A 53 -4.70 -2.52 5.63
C LYS A 53 -3.93 -1.37 4.97
N GLU A 54 -2.63 -1.29 5.23
CA GLU A 54 -1.82 -0.21 4.65
C GLU A 54 -1.64 -0.42 3.14
N ALA A 55 -1.48 -1.69 2.74
CA ALA A 55 -1.33 -2.04 1.34
C ALA A 55 -2.59 -1.74 0.56
N SER A 56 -3.72 -2.06 1.17
CA SER A 56 -4.99 -1.86 0.55
C SER A 56 -5.32 -0.38 0.39
N ALA A 57 -4.99 0.44 1.40
CA ALA A 57 -5.23 1.89 1.32
C ALA A 57 -4.35 2.49 0.23
N ALA A 58 -3.13 2.00 0.15
CA ALA A 58 -2.19 2.41 -0.87
C ALA A 58 -2.76 2.08 -2.21
N TYR A 59 -3.31 0.89 -2.31
CA TYR A 59 -3.96 0.41 -3.52
C TYR A 59 -5.14 1.30 -3.87
N GLU A 60 -5.89 1.69 -2.87
CA GLU A 60 -7.09 2.47 -3.06
C GLU A 60 -6.79 3.76 -3.79
N ILE A 61 -5.69 4.40 -3.44
CA ILE A 61 -5.34 5.65 -4.08
C ILE A 61 -4.44 5.42 -5.30
N LEU A 62 -3.41 4.65 -5.11
CA LEU A 62 -2.42 4.40 -6.15
C LEU A 62 -2.98 3.63 -7.35
N SER A 63 -3.82 2.62 -7.11
CA SER A 63 -4.37 1.79 -8.19
C SER A 63 -5.36 2.58 -9.04
N ASP A 64 -5.71 3.75 -8.57
CA ASP A 64 -6.56 4.65 -9.32
C ASP A 64 -5.73 5.85 -9.70
N PRO A 65 -5.31 5.91 -10.95
CA PRO A 65 -4.39 6.96 -11.45
C PRO A 65 -4.89 8.35 -11.15
N GLU A 66 -6.19 8.50 -11.08
CA GLU A 66 -6.78 9.79 -10.81
C GLU A 66 -6.49 10.16 -9.38
N LYS A 67 -6.56 9.18 -8.53
CA LYS A 67 -6.35 9.33 -7.13
C LYS A 67 -4.87 9.35 -6.84
N ARG A 68 -4.14 8.71 -7.74
CA ARG A 68 -2.72 8.61 -7.66
C ARG A 68 -2.12 9.96 -7.97
N ASP A 69 -2.64 10.62 -9.00
CA ASP A 69 -2.17 11.94 -9.38
C ASP A 69 -2.56 12.94 -8.34
N ILE A 70 -3.74 12.77 -7.80
CA ILE A 70 -4.19 13.59 -6.70
C ILE A 70 -3.29 13.41 -5.50
N TYR A 71 -2.97 12.15 -5.18
CA TYR A 71 -2.04 11.83 -4.10
C TYR A 71 -0.68 12.45 -4.36
N ASP A 72 -0.20 12.28 -5.58
CA ASP A 72 1.09 12.81 -6.02
C ASP A 72 1.16 14.33 -5.84
N GLN A 73 0.10 14.99 -6.24
CA GLN A 73 0.02 16.44 -6.15
C GLN A 73 -0.09 16.90 -4.70
N PHE A 74 -0.86 16.16 -3.93
CA PHE A 74 -1.04 16.44 -2.50
C PHE A 74 0.25 16.15 -1.74
N GLY A 75 0.98 15.16 -2.22
CA GLY A 75 2.22 14.76 -1.58
C GLY A 75 3.41 15.53 -2.09
N GLY A 1 8.17 0.55 16.99
CA GLY A 1 7.12 1.26 16.22
C GLY A 1 7.37 2.76 16.19
N GLU A 2 6.98 3.40 15.11
CA GLU A 2 7.17 4.83 14.97
C GLU A 2 6.01 5.57 15.61
N PHE A 3 6.33 6.37 16.62
CA PHE A 3 5.32 7.12 17.36
C PHE A 3 4.70 8.21 16.47
N GLY A 4 5.53 8.87 15.69
CA GLY A 4 5.04 9.91 14.84
C GLY A 4 6.13 10.54 13.99
N SER A 5 5.77 11.53 13.24
CA SER A 5 6.69 12.23 12.37
C SER A 5 6.09 13.58 11.97
N MET A 6 6.94 14.52 11.61
CA MET A 6 6.45 15.84 11.18
C MET A 6 5.58 15.69 9.94
N VAL A 7 6.02 14.85 9.03
CA VAL A 7 5.29 14.61 7.79
C VAL A 7 5.29 13.12 7.47
N LYS A 8 4.11 12.52 7.47
CA LYS A 8 4.00 11.11 7.13
C LYS A 8 3.52 10.97 5.69
N GLU A 9 4.37 10.42 4.85
CA GLU A 9 4.05 10.30 3.42
C GLU A 9 4.54 9.01 2.83
N THR A 10 3.93 8.67 1.69
CA THR A 10 4.31 7.53 0.86
C THR A 10 4.06 6.22 1.58
N LYS A 11 3.23 6.27 2.62
CA LYS A 11 2.95 5.08 3.41
C LYS A 11 2.37 3.98 2.56
N PHE A 12 1.49 4.33 1.65
CA PHE A 12 0.86 3.35 0.81
C PHE A 12 1.85 2.79 -0.20
N TYR A 13 2.77 3.62 -0.70
CA TYR A 13 3.78 3.14 -1.65
C TYR A 13 4.70 2.18 -0.93
N ASP A 14 5.15 2.58 0.26
CA ASP A 14 6.00 1.75 1.11
C ASP A 14 5.35 0.43 1.46
N ILE A 15 4.08 0.49 1.83
CA ILE A 15 3.34 -0.71 2.20
C ILE A 15 3.24 -1.71 1.03
N LEU A 16 2.83 -1.22 -0.14
CA LEU A 16 2.76 -2.08 -1.33
C LEU A 16 4.16 -2.52 -1.81
N GLY A 17 5.17 -1.70 -1.56
CA GLY A 17 6.52 -2.02 -2.00
C GLY A 17 6.81 -1.39 -3.34
N VAL A 18 5.95 -0.49 -3.73
CA VAL A 18 6.07 0.24 -4.98
C VAL A 18 6.71 1.59 -4.72
N PRO A 19 7.35 2.19 -5.73
CA PRO A 19 7.96 3.51 -5.58
C PRO A 19 6.89 4.59 -5.54
N VAL A 20 7.27 5.77 -5.12
CA VAL A 20 6.35 6.90 -5.19
C VAL A 20 5.98 7.09 -6.67
N THR A 21 6.96 6.85 -7.52
CA THR A 21 6.85 6.93 -8.97
C THR A 21 6.13 5.70 -9.56
N ALA A 22 5.50 4.89 -8.72
CA ALA A 22 4.87 3.66 -9.14
C ALA A 22 3.80 3.85 -10.20
N THR A 23 3.75 2.89 -11.08
CA THR A 23 2.73 2.82 -12.09
C THR A 23 1.67 1.83 -11.65
N ASP A 24 0.52 1.87 -12.28
CA ASP A 24 -0.60 1.00 -11.90
C ASP A 24 -0.25 -0.47 -12.01
N VAL A 25 0.55 -0.80 -12.99
CA VAL A 25 0.96 -2.17 -13.20
C VAL A 25 1.77 -2.68 -12.00
N GLU A 26 2.69 -1.84 -11.52
CA GLU A 26 3.53 -2.17 -10.36
C GLU A 26 2.64 -2.31 -9.14
N ILE A 27 1.65 -1.46 -9.09
CA ILE A 27 0.70 -1.41 -8.01
C ILE A 27 -0.17 -2.68 -7.98
N LYS A 28 -0.59 -3.15 -9.15
CA LYS A 28 -1.42 -4.34 -9.26
C LYS A 28 -0.68 -5.56 -8.72
N LYS A 29 0.57 -5.69 -9.11
CA LYS A 29 1.37 -6.82 -8.69
C LYS A 29 1.80 -6.70 -7.23
N ALA A 30 2.07 -5.49 -6.79
CA ALA A 30 2.40 -5.24 -5.41
C ALA A 30 1.22 -5.58 -4.53
N TYR A 31 0.05 -5.20 -4.98
CA TYR A 31 -1.18 -5.50 -4.27
C TYR A 31 -1.39 -7.00 -4.22
N ARG A 32 -1.28 -7.65 -5.37
CA ARG A 32 -1.51 -9.07 -5.46
C ARG A 32 -0.50 -9.83 -4.61
N LYS A 33 0.76 -9.37 -4.60
CA LYS A 33 1.75 -10.06 -3.80
C LYS A 33 1.55 -9.76 -2.34
N CYS A 34 1.25 -8.51 -2.00
CA CYS A 34 1.07 -8.14 -0.61
C CYS A 34 -0.08 -8.93 0.01
N ALA A 35 -1.21 -8.94 -0.67
CA ALA A 35 -2.38 -9.66 -0.17
C ALA A 35 -2.12 -11.16 -0.11
N LEU A 36 -1.60 -11.73 -1.18
CA LEU A 36 -1.34 -13.17 -1.23
C LEU A 36 -0.28 -13.59 -0.22
N LYS A 37 0.75 -12.79 -0.10
CA LYS A 37 1.84 -13.09 0.82
C LYS A 37 1.45 -12.93 2.29
N TYR A 38 0.63 -11.91 2.60
CA TYR A 38 0.28 -11.59 4.00
C TYR A 38 -1.20 -11.72 4.36
N HIS A 39 -1.98 -12.38 3.54
CA HIS A 39 -3.41 -12.57 3.84
C HIS A 39 -3.62 -13.44 5.11
N PRO A 40 -4.68 -13.17 5.89
CA PRO A 40 -4.96 -13.90 7.15
C PRO A 40 -5.25 -15.39 6.93
N ASP A 41 -5.61 -15.74 5.71
CA ASP A 41 -5.96 -17.14 5.34
C ASP A 41 -4.76 -18.08 5.49
N LYS A 42 -3.57 -17.52 5.49
CA LYS A 42 -2.34 -18.29 5.60
C LYS A 42 -1.40 -17.65 6.59
N ASN A 43 -1.53 -16.35 6.72
CA ASN A 43 -0.71 -15.57 7.61
C ASN A 43 -1.54 -15.17 8.83
N PRO A 44 -1.27 -15.80 9.97
CA PRO A 44 -2.05 -15.60 11.21
C PRO A 44 -1.84 -14.24 11.88
N SER A 45 -0.79 -13.54 11.48
CA SER A 45 -0.48 -12.27 12.08
C SER A 45 -1.47 -11.20 11.69
N GLU A 46 -1.99 -10.55 12.69
CA GLU A 46 -2.93 -9.46 12.50
C GLU A 46 -2.27 -8.30 11.81
N GLU A 47 -0.98 -8.11 12.06
CA GLU A 47 -0.20 -7.05 11.42
C GLU A 47 -0.23 -7.28 9.91
N ALA A 48 -0.13 -8.53 9.52
CA ALA A 48 -0.17 -8.93 8.13
C ALA A 48 -1.53 -8.64 7.55
N ALA A 49 -2.52 -8.92 8.33
CA ALA A 49 -3.89 -8.62 7.95
C ALA A 49 -4.09 -7.11 7.82
N GLU A 50 -3.48 -6.36 8.74
CA GLU A 50 -3.58 -4.91 8.71
C GLU A 50 -2.90 -4.35 7.48
N LYS A 51 -1.74 -4.92 7.15
CA LYS A 51 -1.02 -4.48 5.98
C LYS A 51 -1.81 -4.83 4.73
N PHE A 52 -2.56 -5.95 4.79
CA PHE A 52 -3.49 -6.30 3.74
C PHE A 52 -4.56 -5.23 3.58
N LYS A 53 -5.17 -4.82 4.70
CA LYS A 53 -6.21 -3.80 4.68
C LYS A 53 -5.66 -2.48 4.14
N GLU A 54 -4.48 -2.12 4.58
CA GLU A 54 -3.84 -0.91 4.11
C GLU A 54 -3.46 -1.05 2.64
N ALA A 55 -3.04 -2.24 2.25
CA ALA A 55 -2.67 -2.51 0.87
C ALA A 55 -3.89 -2.38 -0.03
N SER A 56 -5.03 -2.86 0.45
CA SER A 56 -6.24 -2.78 -0.31
C SER A 56 -6.67 -1.32 -0.49
N ALA A 57 -6.52 -0.51 0.57
CA ALA A 57 -6.84 0.92 0.47
C ALA A 57 -5.87 1.60 -0.49
N ALA A 58 -4.62 1.18 -0.41
CA ALA A 58 -3.58 1.68 -1.28
C ALA A 58 -3.94 1.36 -2.70
N TYR A 59 -4.38 0.14 -2.91
CA TYR A 59 -4.85 -0.32 -4.19
C TYR A 59 -6.00 0.54 -4.67
N GLU A 60 -6.89 0.88 -3.77
CA GLU A 60 -8.08 1.63 -4.11
C GLU A 60 -7.72 2.95 -4.79
N ILE A 61 -6.72 3.65 -4.28
CA ILE A 61 -6.32 4.92 -4.87
C ILE A 61 -5.20 4.75 -5.89
N LEU A 62 -4.20 4.00 -5.51
CA LEU A 62 -3.04 3.77 -6.34
C LEU A 62 -3.37 3.06 -7.65
N SER A 63 -4.29 2.09 -7.62
CA SER A 63 -4.67 1.36 -8.82
C SER A 63 -5.31 2.27 -9.86
N ASP A 64 -5.70 3.46 -9.44
CA ASP A 64 -6.26 4.43 -10.35
C ASP A 64 -5.23 5.52 -10.55
N PRO A 65 -4.68 5.62 -11.75
CA PRO A 65 -3.58 6.57 -12.08
C PRO A 65 -3.90 8.01 -11.70
N GLU A 66 -5.17 8.34 -11.71
CA GLU A 66 -5.57 9.69 -11.41
C GLU A 66 -5.71 9.89 -9.92
N LYS A 67 -6.05 8.82 -9.22
CA LYS A 67 -6.17 8.85 -7.80
C LYS A 67 -4.80 8.72 -7.19
N ARG A 68 -3.95 8.07 -7.96
CA ARG A 68 -2.58 7.82 -7.59
C ARG A 68 -1.81 9.12 -7.62
N ASP A 69 -2.09 9.95 -8.64
CA ASP A 69 -1.45 11.25 -8.76
C ASP A 69 -1.96 12.15 -7.68
N ILE A 70 -3.25 12.04 -7.42
CA ILE A 70 -3.89 12.80 -6.37
C ILE A 70 -3.27 12.45 -5.03
N TYR A 71 -3.12 11.15 -4.78
CA TYR A 71 -2.48 10.67 -3.57
C TYR A 71 -1.04 11.17 -3.50
N ASP A 72 -0.34 11.08 -4.61
CA ASP A 72 1.07 11.50 -4.70
C ASP A 72 1.28 12.93 -4.20
N GLN A 73 0.39 13.83 -4.62
CA GLN A 73 0.50 15.23 -4.25
C GLN A 73 0.33 15.39 -2.74
N PHE A 74 -0.69 14.73 -2.21
CA PHE A 74 -0.96 14.77 -0.77
C PHE A 74 0.08 13.98 0.01
N GLY A 75 0.63 12.95 -0.62
CA GLY A 75 1.64 12.13 0.03
C GLY A 75 1.06 10.93 0.74
N GLY A 1 1.15 0.28 18.39
CA GLY A 1 0.90 1.58 17.77
C GLY A 1 2.17 2.35 17.49
N GLU A 2 3.08 1.75 16.73
CA GLU A 2 4.33 2.42 16.41
C GLU A 2 4.18 3.32 15.22
N PHE A 3 4.77 4.49 15.30
CA PHE A 3 4.73 5.46 14.23
C PHE A 3 5.95 6.36 14.30
N GLY A 4 6.26 7.01 13.21
CA GLY A 4 7.33 7.95 13.22
C GLY A 4 6.81 9.37 13.22
N SER A 5 7.37 10.21 14.07
CA SER A 5 6.92 11.60 14.14
C SER A 5 7.36 12.36 12.90
N MET A 6 6.51 12.34 11.89
CA MET A 6 6.80 12.94 10.61
C MET A 6 5.51 13.11 9.83
N VAL A 7 5.61 13.76 8.69
CA VAL A 7 4.49 13.88 7.80
C VAL A 7 4.40 12.59 7.01
N LYS A 8 3.28 11.88 7.13
CA LYS A 8 3.15 10.62 6.43
C LYS A 8 3.00 10.86 4.95
N GLU A 9 4.07 10.60 4.24
CA GLU A 9 4.15 10.82 2.82
C GLU A 9 4.82 9.62 2.17
N THR A 10 4.31 9.21 0.99
CA THR A 10 4.87 8.11 0.24
C THR A 10 4.70 6.76 0.98
N LYS A 11 3.96 6.81 2.07
CA LYS A 11 3.74 5.64 2.91
C LYS A 11 3.07 4.55 2.15
N PHE A 12 2.13 4.92 1.33
CA PHE A 12 1.39 3.95 0.55
C PHE A 12 2.25 3.30 -0.52
N TYR A 13 3.18 4.07 -1.12
CA TYR A 13 4.08 3.51 -2.11
C TYR A 13 5.06 2.58 -1.40
N ASP A 14 5.57 3.04 -0.27
CA ASP A 14 6.48 2.26 0.57
C ASP A 14 5.86 0.96 1.04
N ILE A 15 4.62 1.04 1.48
CA ILE A 15 3.91 -0.13 1.96
C ILE A 15 3.75 -1.19 0.86
N LEU A 16 3.29 -0.78 -0.32
CA LEU A 16 3.19 -1.72 -1.44
C LEU A 16 4.56 -2.15 -1.97
N GLY A 17 5.56 -1.30 -1.81
CA GLY A 17 6.89 -1.61 -2.32
C GLY A 17 7.09 -1.08 -3.71
N VAL A 18 6.21 -0.20 -4.12
CA VAL A 18 6.25 0.41 -5.43
C VAL A 18 6.92 1.77 -5.36
N PRO A 19 7.50 2.22 -6.48
CA PRO A 19 8.10 3.55 -6.56
C PRO A 19 7.02 4.61 -6.51
N VAL A 20 7.38 5.83 -6.21
CA VAL A 20 6.41 6.91 -6.20
C VAL A 20 5.89 7.10 -7.62
N THR A 21 6.76 6.78 -8.57
CA THR A 21 6.47 6.90 -9.99
C THR A 21 5.84 5.59 -10.53
N ALA A 22 5.31 4.78 -9.62
CA ALA A 22 4.75 3.48 -9.96
C ALA A 22 3.59 3.56 -10.92
N THR A 23 3.48 2.54 -11.74
CA THR A 23 2.41 2.40 -12.70
C THR A 23 1.34 1.49 -12.11
N ASP A 24 0.18 1.42 -12.75
CA ASP A 24 -0.93 0.59 -12.28
C ASP A 24 -0.49 -0.86 -12.16
N VAL A 25 0.29 -1.32 -13.12
CA VAL A 25 0.73 -2.70 -13.16
C VAL A 25 1.59 -3.04 -11.94
N GLU A 26 2.51 -2.14 -11.61
CA GLU A 26 3.40 -2.31 -10.46
C GLU A 26 2.57 -2.30 -9.19
N ILE A 27 1.60 -1.43 -9.19
CA ILE A 27 0.69 -1.28 -8.08
C ILE A 27 -0.15 -2.55 -7.87
N LYS A 28 -0.65 -3.14 -8.96
CA LYS A 28 -1.47 -4.34 -8.88
C LYS A 28 -0.65 -5.51 -8.36
N LYS A 29 0.57 -5.65 -8.87
CA LYS A 29 1.44 -6.75 -8.47
C LYS A 29 1.96 -6.58 -7.04
N ALA A 30 2.22 -5.36 -6.65
CA ALA A 30 2.61 -5.07 -5.29
C ALA A 30 1.48 -5.40 -4.35
N TYR A 31 0.27 -5.05 -4.77
CA TYR A 31 -0.91 -5.37 -4.00
C TYR A 31 -1.07 -6.87 -3.90
N ARG A 32 -0.97 -7.56 -5.03
CA ARG A 32 -1.15 -9.00 -5.04
C ARG A 32 -0.08 -9.69 -4.21
N LYS A 33 1.16 -9.16 -4.23
CA LYS A 33 2.19 -9.78 -3.43
C LYS A 33 1.95 -9.48 -1.96
N CYS A 34 1.63 -8.24 -1.65
CA CYS A 34 1.40 -7.87 -0.25
C CYS A 34 0.23 -8.64 0.34
N ALA A 35 -0.87 -8.72 -0.41
CA ALA A 35 -2.04 -9.43 0.04
C ALA A 35 -1.78 -10.94 0.14
N LEU A 36 -1.21 -11.52 -0.91
CA LEU A 36 -0.93 -12.96 -0.92
C LEU A 36 0.09 -13.35 0.13
N LYS A 37 1.08 -12.53 0.31
CA LYS A 37 2.11 -12.78 1.29
C LYS A 37 1.58 -12.74 2.74
N TYR A 38 0.69 -11.76 3.03
CA TYR A 38 0.22 -11.54 4.41
C TYR A 38 -1.30 -11.71 4.61
N HIS A 39 -1.98 -12.33 3.67
CA HIS A 39 -3.44 -12.54 3.79
C HIS A 39 -3.81 -13.44 4.99
N PRO A 40 -4.92 -13.11 5.69
CA PRO A 40 -5.43 -13.91 6.84
C PRO A 40 -5.70 -15.38 6.49
N ASP A 41 -5.92 -15.65 5.20
CA ASP A 41 -6.20 -17.02 4.72
C ASP A 41 -5.08 -17.99 5.08
N LYS A 42 -3.86 -17.49 5.11
CA LYS A 42 -2.70 -18.33 5.36
C LYS A 42 -1.82 -17.75 6.46
N ASN A 43 -2.00 -16.46 6.71
CA ASN A 43 -1.27 -15.77 7.76
C ASN A 43 -2.20 -15.43 8.89
N PRO A 44 -2.08 -16.15 10.01
CA PRO A 44 -2.95 -15.96 11.18
C PRO A 44 -2.59 -14.72 11.99
N SER A 45 -1.44 -14.14 11.70
CA SER A 45 -0.97 -13.00 12.42
C SER A 45 -1.82 -11.78 12.16
N GLU A 46 -2.12 -11.08 13.22
CA GLU A 46 -2.88 -9.87 13.15
C GLU A 46 -2.14 -8.85 12.34
N GLU A 47 -0.83 -8.79 12.54
CA GLU A 47 0.02 -7.85 11.84
C GLU A 47 -0.06 -8.06 10.35
N ALA A 48 -0.10 -9.31 9.95
CA ALA A 48 -0.21 -9.65 8.54
C ALA A 48 -1.51 -9.12 7.98
N ALA A 49 -2.53 -9.28 8.77
CA ALA A 49 -3.85 -8.79 8.44
C ALA A 49 -3.84 -7.27 8.36
N GLU A 50 -3.10 -6.66 9.29
CA GLU A 50 -2.98 -5.20 9.36
C GLU A 50 -2.29 -4.70 8.10
N LYS A 51 -1.27 -5.43 7.69
CA LYS A 51 -0.53 -5.10 6.48
C LYS A 51 -1.44 -5.15 5.28
N PHE A 52 -2.31 -6.15 5.27
CA PHE A 52 -3.32 -6.27 4.26
C PHE A 52 -4.23 -5.01 4.27
N LYS A 53 -4.60 -4.54 5.47
CA LYS A 53 -5.45 -3.35 5.60
C LYS A 53 -4.77 -2.13 4.98
N GLU A 54 -3.48 -1.99 5.25
CA GLU A 54 -2.70 -0.92 4.67
C GLU A 54 -2.52 -1.09 3.16
N ALA A 55 -2.28 -2.33 2.74
CA ALA A 55 -2.07 -2.64 1.34
C ALA A 55 -3.31 -2.35 0.52
N SER A 56 -4.46 -2.69 1.09
CA SER A 56 -5.71 -2.48 0.43
C SER A 56 -6.04 -0.98 0.29
N ALA A 57 -5.72 -0.17 1.31
CA ALA A 57 -5.94 1.27 1.23
C ALA A 57 -5.05 1.88 0.15
N ALA A 58 -3.83 1.39 0.10
CA ALA A 58 -2.86 1.81 -0.89
C ALA A 58 -3.40 1.50 -2.26
N TYR A 59 -3.94 0.31 -2.40
CA TYR A 59 -4.56 -0.13 -3.63
C TYR A 59 -5.73 0.76 -3.98
N GLU A 60 -6.49 1.15 -2.98
CA GLU A 60 -7.68 1.94 -3.20
C GLU A 60 -7.36 3.25 -3.92
N ILE A 61 -6.26 3.90 -3.54
CA ILE A 61 -5.89 5.14 -4.20
C ILE A 61 -4.96 4.91 -5.37
N LEU A 62 -3.95 4.11 -5.15
CA LEU A 62 -2.94 3.83 -6.14
C LEU A 62 -3.47 3.10 -7.37
N SER A 63 -4.40 2.16 -7.18
CA SER A 63 -4.98 1.40 -8.30
C SER A 63 -5.79 2.31 -9.22
N ASP A 64 -6.00 3.55 -8.79
CA ASP A 64 -6.74 4.50 -9.58
C ASP A 64 -5.84 5.67 -9.86
N PRO A 65 -5.37 5.78 -11.10
CA PRO A 65 -4.40 6.80 -11.54
C PRO A 65 -4.79 8.21 -11.12
N GLU A 66 -6.08 8.50 -11.10
CA GLU A 66 -6.53 9.82 -10.73
C GLU A 66 -6.31 10.04 -9.25
N LYS A 67 -6.58 9.00 -8.49
CA LYS A 67 -6.42 9.03 -7.06
C LYS A 67 -4.95 8.99 -6.74
N ARG A 68 -4.23 8.27 -7.55
CA ARG A 68 -2.83 8.08 -7.43
C ARG A 68 -2.13 9.41 -7.62
N ASP A 69 -2.57 10.16 -8.64
CA ASP A 69 -2.02 11.49 -8.91
C ASP A 69 -2.40 12.44 -7.84
N ILE A 70 -3.60 12.29 -7.33
CA ILE A 70 -4.06 13.07 -6.22
C ILE A 70 -3.15 12.82 -5.00
N TYR A 71 -2.91 11.56 -4.71
CA TYR A 71 -2.02 11.20 -3.61
C TYR A 71 -0.60 11.74 -3.87
N ASP A 72 -0.13 11.57 -5.09
CA ASP A 72 1.18 12.04 -5.51
C ASP A 72 1.32 13.58 -5.38
N GLN A 73 0.36 14.31 -5.91
CA GLN A 73 0.41 15.77 -5.91
C GLN A 73 0.27 16.35 -4.52
N PHE A 74 -0.61 15.77 -3.73
CA PHE A 74 -0.84 16.27 -2.39
C PHE A 74 0.15 15.67 -1.40
N GLY A 75 0.95 14.74 -1.89
CA GLY A 75 1.99 14.18 -1.05
C GLY A 75 3.29 14.91 -1.26
N GLY A 1 5.93 9.54 16.72
CA GLY A 1 6.66 10.27 17.76
C GLY A 1 8.16 10.01 17.70
N GLU A 2 8.61 8.96 18.39
CA GLU A 2 10.03 8.61 18.45
C GLU A 2 10.58 8.28 17.08
N PHE A 3 9.78 7.58 16.31
CA PHE A 3 10.17 7.14 14.98
C PHE A 3 9.74 8.15 13.95
N GLY A 4 9.52 9.38 14.40
CA GLY A 4 9.05 10.41 13.51
C GLY A 4 7.63 10.15 13.12
N SER A 5 7.38 10.08 11.81
CA SER A 5 6.06 9.81 11.28
C SER A 5 5.05 10.83 11.82
N MET A 6 5.49 12.07 11.93
CA MET A 6 4.63 13.16 12.40
C MET A 6 3.65 13.54 11.32
N VAL A 7 3.89 13.00 10.14
CA VAL A 7 3.03 13.16 8.99
C VAL A 7 3.08 11.86 8.20
N LYS A 8 1.97 11.45 7.64
CA LYS A 8 1.97 10.26 6.83
C LYS A 8 2.00 10.60 5.35
N GLU A 9 3.14 10.40 4.73
CA GLU A 9 3.32 10.70 3.33
C GLU A 9 4.05 9.56 2.63
N THR A 10 3.58 9.22 1.42
CA THR A 10 4.17 8.20 0.54
C THR A 10 4.30 6.79 1.17
N LYS A 11 3.79 6.64 2.38
CA LYS A 11 3.85 5.38 3.10
C LYS A 11 3.10 4.28 2.39
N PHE A 12 2.11 4.65 1.61
CA PHE A 12 1.39 3.66 0.85
C PHE A 12 2.26 3.04 -0.22
N TYR A 13 3.18 3.84 -0.76
CA TYR A 13 4.11 3.32 -1.76
C TYR A 13 5.08 2.38 -1.06
N ASP A 14 5.53 2.80 0.13
CA ASP A 14 6.42 1.99 0.97
C ASP A 14 5.78 0.68 1.38
N ILE A 15 4.53 0.74 1.76
CA ILE A 15 3.79 -0.43 2.19
C ILE A 15 3.68 -1.48 1.07
N LEU A 16 3.29 -1.05 -0.12
CA LEU A 16 3.27 -1.97 -1.26
C LEU A 16 4.68 -2.37 -1.68
N GLY A 17 5.64 -1.51 -1.41
CA GLY A 17 7.01 -1.78 -1.79
C GLY A 17 7.35 -1.23 -3.15
N VAL A 18 6.48 -0.40 -3.65
CA VAL A 18 6.65 0.22 -4.95
C VAL A 18 7.25 1.61 -4.79
N PRO A 19 7.87 2.16 -5.85
CA PRO A 19 8.41 3.52 -5.81
C PRO A 19 7.28 4.52 -5.76
N VAL A 20 7.58 5.75 -5.42
CA VAL A 20 6.55 6.76 -5.39
C VAL A 20 6.15 7.12 -6.82
N THR A 21 7.01 6.74 -7.75
CA THR A 21 6.78 6.93 -9.17
C THR A 21 6.30 5.60 -9.80
N ALA A 22 5.69 4.76 -8.97
CA ALA A 22 5.24 3.46 -9.40
C ALA A 22 4.16 3.52 -10.47
N THR A 23 4.19 2.56 -11.35
CA THR A 23 3.22 2.42 -12.39
C THR A 23 2.12 1.46 -11.92
N ASP A 24 1.02 1.41 -12.66
CA ASP A 24 -0.13 0.58 -12.31
C ASP A 24 0.27 -0.87 -12.17
N VAL A 25 1.12 -1.33 -13.06
CA VAL A 25 1.56 -2.71 -13.06
C VAL A 25 2.35 -3.04 -11.78
N GLU A 26 3.25 -2.14 -11.41
CA GLU A 26 4.09 -2.33 -10.22
C GLU A 26 3.24 -2.31 -8.99
N ILE A 27 2.31 -1.39 -8.99
CA ILE A 27 1.38 -1.22 -7.91
C ILE A 27 0.49 -2.44 -7.73
N LYS A 28 -0.06 -2.92 -8.83
CA LYS A 28 -0.92 -4.05 -8.80
C LYS A 28 -0.20 -5.31 -8.38
N LYS A 29 0.99 -5.55 -8.93
CA LYS A 29 1.72 -6.76 -8.59
C LYS A 29 2.20 -6.73 -7.15
N ALA A 30 2.50 -5.54 -6.65
CA ALA A 30 2.86 -5.36 -5.26
C ALA A 30 1.68 -5.71 -4.38
N TYR A 31 0.49 -5.27 -4.80
CA TYR A 31 -0.73 -5.62 -4.11
C TYR A 31 -0.93 -7.11 -4.15
N ARG A 32 -0.75 -7.67 -5.34
CA ARG A 32 -0.91 -9.08 -5.55
C ARG A 32 0.01 -9.86 -4.67
N LYS A 33 1.26 -9.45 -4.58
CA LYS A 33 2.19 -10.18 -3.75
C LYS A 33 1.88 -9.95 -2.28
N CYS A 34 1.64 -8.71 -1.89
CA CYS A 34 1.41 -8.40 -0.48
C CYS A 34 0.16 -9.09 0.06
N ALA A 35 -0.94 -8.93 -0.66
CA ALA A 35 -2.20 -9.51 -0.23
C ALA A 35 -2.17 -11.04 -0.29
N LEU A 36 -1.69 -11.58 -1.41
CA LEU A 36 -1.64 -13.03 -1.59
C LEU A 36 -0.68 -13.71 -0.63
N LYS A 37 0.47 -13.09 -0.39
CA LYS A 37 1.46 -13.64 0.52
C LYS A 37 0.97 -13.68 1.96
N TYR A 38 0.26 -12.63 2.38
CA TYR A 38 -0.19 -12.49 3.77
C TYR A 38 -1.71 -12.48 3.91
N HIS A 39 -2.39 -13.09 2.96
CA HIS A 39 -3.86 -13.15 2.98
C HIS A 39 -4.38 -13.91 4.20
N PRO A 40 -5.52 -13.48 4.75
CA PRO A 40 -6.14 -14.11 5.94
C PRO A 40 -6.61 -15.54 5.69
N ASP A 41 -6.73 -15.89 4.41
CA ASP A 41 -7.14 -17.23 4.00
C ASP A 41 -6.15 -18.30 4.42
N LYS A 42 -4.90 -17.91 4.61
CA LYS A 42 -3.86 -18.87 4.98
C LYS A 42 -2.94 -18.30 6.05
N ASN A 43 -2.94 -16.99 6.17
CA ASN A 43 -2.16 -16.31 7.18
C ASN A 43 -3.10 -15.77 8.24
N PRO A 44 -3.13 -16.41 9.42
CA PRO A 44 -4.02 -16.04 10.50
C PRO A 44 -3.53 -14.85 11.32
N SER A 45 -2.31 -14.43 11.07
CA SER A 45 -1.72 -13.34 11.84
C SER A 45 -2.50 -12.07 11.65
N GLU A 46 -2.73 -11.43 12.74
CA GLU A 46 -3.43 -10.17 12.77
C GLU A 46 -2.64 -9.10 12.02
N GLU A 47 -1.33 -9.15 12.18
CA GLU A 47 -0.41 -8.22 11.51
C GLU A 47 -0.52 -8.39 10.00
N ALA A 48 -0.64 -9.63 9.58
CA ALA A 48 -0.80 -9.96 8.17
C ALA A 48 -2.07 -9.37 7.65
N ALA A 49 -3.07 -9.47 8.46
CA ALA A 49 -4.36 -8.88 8.13
C ALA A 49 -4.24 -7.37 8.05
N GLU A 50 -3.45 -6.79 8.96
CA GLU A 50 -3.26 -5.35 9.00
C GLU A 50 -2.53 -4.89 7.74
N LYS A 51 -1.52 -5.63 7.34
CA LYS A 51 -0.80 -5.30 6.13
C LYS A 51 -1.65 -5.56 4.89
N PHE A 52 -2.52 -6.57 4.97
CA PHE A 52 -3.44 -6.88 3.89
C PHE A 52 -4.38 -5.69 3.64
N LYS A 53 -5.00 -5.17 4.70
CA LYS A 53 -5.92 -4.04 4.59
C LYS A 53 -5.23 -2.77 4.12
N GLU A 54 -4.02 -2.57 4.57
CA GLU A 54 -3.24 -1.42 4.15
C GLU A 54 -2.90 -1.54 2.68
N ALA A 55 -2.58 -2.76 2.26
CA ALA A 55 -2.25 -3.03 0.88
C ALA A 55 -3.45 -2.80 -0.01
N SER A 56 -4.62 -3.22 0.46
CA SER A 56 -5.82 -3.07 -0.31
C SER A 56 -6.21 -1.60 -0.43
N ALA A 57 -6.08 -0.82 0.66
CA ALA A 57 -6.40 0.61 0.62
C ALA A 57 -5.43 1.33 -0.30
N ALA A 58 -4.16 0.93 -0.21
CA ALA A 58 -3.11 1.46 -1.04
C ALA A 58 -3.42 1.19 -2.47
N TYR A 59 -3.85 -0.03 -2.74
CA TYR A 59 -4.25 -0.45 -4.06
C TYR A 59 -5.43 0.37 -4.53
N GLU A 60 -6.34 0.66 -3.64
CA GLU A 60 -7.54 1.40 -3.99
C GLU A 60 -7.21 2.77 -4.57
N ILE A 61 -6.21 3.44 -4.02
CA ILE A 61 -5.82 4.74 -4.54
C ILE A 61 -4.74 4.63 -5.59
N LEU A 62 -3.72 3.89 -5.27
CA LEU A 62 -2.56 3.72 -6.13
C LEU A 62 -2.89 3.01 -7.45
N SER A 63 -3.76 2.01 -7.43
CA SER A 63 -4.14 1.27 -8.65
C SER A 63 -4.88 2.16 -9.63
N ASP A 64 -5.24 3.35 -9.20
CA ASP A 64 -5.89 4.31 -10.06
C ASP A 64 -5.00 5.51 -10.19
N PRO A 65 -4.44 5.72 -11.38
CA PRO A 65 -3.47 6.81 -11.64
C PRO A 65 -4.01 8.17 -11.24
N GLU A 66 -5.31 8.32 -11.38
CA GLU A 66 -5.95 9.57 -11.06
C GLU A 66 -6.00 9.75 -9.56
N LYS A 67 -6.27 8.66 -8.86
CA LYS A 67 -6.36 8.64 -7.43
C LYS A 67 -4.99 8.73 -6.84
N ARG A 68 -4.05 8.18 -7.58
CA ARG A 68 -2.68 8.10 -7.18
C ARG A 68 -2.11 9.50 -7.17
N ASP A 69 -2.42 10.26 -8.21
CA ASP A 69 -1.95 11.64 -8.33
C ASP A 69 -2.64 12.52 -7.31
N ILE A 70 -3.92 12.26 -7.14
CA ILE A 70 -4.72 12.96 -6.16
C ILE A 70 -4.16 12.75 -4.77
N TYR A 71 -3.90 11.51 -4.43
CA TYR A 71 -3.32 11.20 -3.14
C TYR A 71 -1.90 11.77 -3.05
N ASP A 72 -1.18 11.68 -4.14
CA ASP A 72 0.22 12.09 -4.21
C ASP A 72 0.41 13.57 -3.86
N GLN A 73 -0.40 14.45 -4.43
CA GLN A 73 -0.25 15.88 -4.20
C GLN A 73 -1.01 16.37 -2.98
N PHE A 74 -2.17 15.78 -2.72
CA PHE A 74 -3.01 16.21 -1.60
C PHE A 74 -2.65 15.46 -0.33
N GLY A 75 -1.72 14.54 -0.43
CA GLY A 75 -1.28 13.77 0.71
C GLY A 75 -0.15 14.48 1.43
N GLY A 1 9.48 4.50 23.36
CA GLY A 1 8.16 4.51 24.03
C GLY A 1 7.04 4.87 23.09
N GLU A 2 7.06 6.08 22.59
CA GLU A 2 6.05 6.56 21.67
C GLU A 2 6.33 6.06 20.26
N PHE A 3 5.27 5.90 19.48
CA PHE A 3 5.38 5.46 18.09
C PHE A 3 6.21 6.46 17.29
N GLY A 4 5.90 7.72 17.46
CA GLY A 4 6.60 8.77 16.75
C GLY A 4 5.66 9.53 15.85
N SER A 5 6.13 10.61 15.29
CA SER A 5 5.29 11.42 14.43
C SER A 5 6.07 11.89 13.20
N MET A 6 5.36 12.00 12.09
CA MET A 6 5.93 12.46 10.83
C MET A 6 4.82 12.71 9.84
N VAL A 7 5.11 13.44 8.80
CA VAL A 7 4.14 13.65 7.74
C VAL A 7 4.05 12.38 6.90
N LYS A 8 2.85 11.82 6.83
CA LYS A 8 2.66 10.61 6.07
C LYS A 8 2.61 10.93 4.59
N GLU A 9 3.70 10.66 3.91
CA GLU A 9 3.81 10.95 2.51
C GLU A 9 4.53 9.80 1.81
N THR A 10 4.02 9.40 0.64
CA THR A 10 4.57 8.30 -0.18
C THR A 10 4.57 6.94 0.55
N LYS A 11 3.90 6.92 1.69
CA LYS A 11 3.78 5.73 2.53
C LYS A 11 3.11 4.61 1.79
N PHE A 12 2.13 4.94 1.02
CA PHE A 12 1.40 3.94 0.29
C PHE A 12 2.25 3.28 -0.80
N TYR A 13 3.17 4.04 -1.39
CA TYR A 13 4.07 3.46 -2.39
C TYR A 13 5.02 2.51 -1.67
N ASP A 14 5.51 2.97 -0.51
CA ASP A 14 6.40 2.18 0.35
C ASP A 14 5.75 0.91 0.82
N ILE A 15 4.50 1.02 1.24
CA ILE A 15 3.75 -0.13 1.73
C ILE A 15 3.62 -1.22 0.66
N LEU A 16 3.20 -0.84 -0.54
CA LEU A 16 3.14 -1.79 -1.64
C LEU A 16 4.52 -2.26 -2.10
N GLY A 17 5.52 -1.44 -1.90
CA GLY A 17 6.85 -1.79 -2.36
C GLY A 17 7.06 -1.35 -3.79
N VAL A 18 6.29 -0.35 -4.18
CA VAL A 18 6.37 0.22 -5.51
C VAL A 18 7.01 1.59 -5.46
N PRO A 19 7.59 2.05 -6.55
CA PRO A 19 8.16 3.40 -6.62
C PRO A 19 7.06 4.43 -6.63
N VAL A 20 7.40 5.67 -6.33
CA VAL A 20 6.44 6.75 -6.43
C VAL A 20 5.98 6.85 -7.90
N THR A 21 6.94 6.63 -8.79
CA THR A 21 6.73 6.69 -10.23
C THR A 21 6.08 5.37 -10.75
N ALA A 22 5.49 4.59 -9.84
CA ALA A 22 4.92 3.29 -10.17
C ALA A 22 3.80 3.34 -11.18
N THR A 23 3.74 2.31 -11.99
CA THR A 23 2.71 2.14 -12.97
C THR A 23 1.62 1.21 -12.40
N ASP A 24 0.48 1.12 -13.07
CA ASP A 24 -0.65 0.30 -12.60
C ASP A 24 -0.24 -1.15 -12.42
N VAL A 25 0.54 -1.65 -13.35
CA VAL A 25 0.99 -3.03 -13.32
C VAL A 25 1.89 -3.29 -12.11
N GLU A 26 2.80 -2.35 -11.85
CA GLU A 26 3.72 -2.45 -10.70
C GLU A 26 2.91 -2.40 -9.42
N ILE A 27 1.93 -1.54 -9.44
CA ILE A 27 1.04 -1.36 -8.32
C ILE A 27 0.23 -2.64 -8.04
N LYS A 28 -0.30 -3.24 -9.08
CA LYS A 28 -1.10 -4.46 -8.93
C LYS A 28 -0.27 -5.65 -8.48
N LYS A 29 0.93 -5.81 -9.04
CA LYS A 29 1.76 -6.93 -8.67
C LYS A 29 2.19 -6.82 -7.23
N ALA A 30 2.49 -5.62 -6.80
CA ALA A 30 2.84 -5.34 -5.44
C ALA A 30 1.67 -5.64 -4.55
N TYR A 31 0.48 -5.25 -4.99
CA TYR A 31 -0.71 -5.52 -4.24
C TYR A 31 -0.95 -7.01 -4.13
N ARG A 32 -0.92 -7.70 -5.27
CA ARG A 32 -1.15 -9.13 -5.26
C ARG A 32 -0.09 -9.86 -4.43
N LYS A 33 1.16 -9.45 -4.53
CA LYS A 33 2.21 -10.10 -3.75
C LYS A 33 2.03 -9.78 -2.27
N CYS A 34 1.77 -8.52 -1.94
CA CYS A 34 1.59 -8.16 -0.54
C CYS A 34 0.37 -8.87 0.05
N ALA A 35 -0.72 -8.90 -0.71
CA ALA A 35 -1.94 -9.54 -0.27
C ALA A 35 -1.79 -11.05 -0.19
N LEU A 36 -1.27 -11.66 -1.24
CA LEU A 36 -1.09 -13.11 -1.26
C LEU A 36 -0.14 -13.56 -0.17
N LYS A 37 0.91 -12.79 0.02
CA LYS A 37 1.91 -13.11 1.03
C LYS A 37 1.38 -12.99 2.47
N TYR A 38 0.51 -11.97 2.75
CA TYR A 38 0.04 -11.72 4.13
C TYR A 38 -1.49 -11.68 4.29
N HIS A 39 -2.24 -12.22 3.34
CA HIS A 39 -3.72 -12.19 3.46
C HIS A 39 -4.21 -12.95 4.68
N PRO A 40 -5.13 -12.33 5.46
CA PRO A 40 -5.67 -12.90 6.71
C PRO A 40 -6.44 -14.20 6.51
N ASP A 41 -6.90 -14.43 5.27
CA ASP A 41 -7.63 -15.64 4.94
C ASP A 41 -6.77 -16.89 5.11
N LYS A 42 -5.46 -16.72 5.03
CA LYS A 42 -4.55 -17.85 5.17
C LYS A 42 -3.48 -17.54 6.23
N ASN A 43 -3.16 -16.27 6.37
CA ASN A 43 -2.16 -15.81 7.31
C ASN A 43 -2.84 -15.17 8.51
N PRO A 44 -2.82 -15.87 9.65
CA PRO A 44 -3.52 -15.44 10.86
C PRO A 44 -2.87 -14.28 11.61
N SER A 45 -1.63 -13.95 11.27
CA SER A 45 -0.91 -12.91 11.97
C SER A 45 -1.63 -11.58 11.83
N GLU A 46 -1.76 -10.90 12.93
CA GLU A 46 -2.44 -9.61 12.94
C GLU A 46 -1.72 -8.61 12.08
N GLU A 47 -0.41 -8.62 12.15
CA GLU A 47 0.45 -7.72 11.38
C GLU A 47 0.26 -7.97 9.90
N ALA A 48 0.16 -9.24 9.56
CA ALA A 48 -0.03 -9.65 8.18
C ALA A 48 -1.33 -9.11 7.67
N ALA A 49 -2.31 -9.22 8.50
CA ALA A 49 -3.64 -8.71 8.20
C ALA A 49 -3.61 -7.20 8.07
N GLU A 50 -2.82 -6.55 8.94
CA GLU A 50 -2.69 -5.10 8.92
C GLU A 50 -2.07 -4.68 7.59
N LYS A 51 -1.08 -5.44 7.18
CA LYS A 51 -0.40 -5.20 5.92
C LYS A 51 -1.37 -5.34 4.77
N PHE A 52 -2.24 -6.34 4.85
CA PHE A 52 -3.26 -6.54 3.85
C PHE A 52 -4.18 -5.31 3.78
N LYS A 53 -4.61 -4.83 4.96
CA LYS A 53 -5.48 -3.66 5.04
C LYS A 53 -4.81 -2.44 4.41
N GLU A 54 -3.54 -2.25 4.71
CA GLU A 54 -2.78 -1.13 4.18
C GLU A 54 -2.54 -1.27 2.68
N ALA A 55 -2.23 -2.49 2.26
CA ALA A 55 -1.96 -2.79 0.87
C ALA A 55 -3.21 -2.55 0.04
N SER A 56 -4.35 -2.96 0.58
CA SER A 56 -5.59 -2.81 -0.09
C SER A 56 -6.00 -1.33 -0.20
N ALA A 57 -5.77 -0.54 0.86
CA ALA A 57 -6.07 0.90 0.82
C ALA A 57 -5.17 1.58 -0.20
N ALA A 58 -3.93 1.15 -0.23
CA ALA A 58 -2.95 1.64 -1.17
C ALA A 58 -3.41 1.32 -2.56
N TYR A 59 -3.91 0.12 -2.74
CA TYR A 59 -4.45 -0.32 -4.00
C TYR A 59 -5.64 0.53 -4.39
N GLU A 60 -6.43 0.91 -3.42
CA GLU A 60 -7.63 1.68 -3.65
C GLU A 60 -7.32 3.00 -4.35
N ILE A 61 -6.26 3.66 -3.92
CA ILE A 61 -5.88 4.92 -4.53
C ILE A 61 -4.89 4.72 -5.66
N LEU A 62 -3.85 3.98 -5.38
CA LEU A 62 -2.76 3.76 -6.32
C LEU A 62 -3.20 2.99 -7.59
N SER A 63 -4.05 1.97 -7.43
CA SER A 63 -4.50 1.18 -8.59
C SER A 63 -5.42 2.00 -9.50
N ASP A 64 -5.75 3.19 -9.06
CA ASP A 64 -6.53 4.12 -9.83
C ASP A 64 -5.66 5.30 -10.15
N PRO A 65 -5.18 5.38 -11.39
CA PRO A 65 -4.23 6.42 -11.83
C PRO A 65 -4.69 7.83 -11.51
N GLU A 66 -5.98 8.03 -11.47
CA GLU A 66 -6.51 9.34 -11.21
C GLU A 66 -6.46 9.62 -9.73
N LYS A 67 -6.54 8.56 -8.95
CA LYS A 67 -6.49 8.64 -7.53
C LYS A 67 -5.05 8.63 -7.09
N ARG A 68 -4.22 8.05 -7.92
CA ARG A 68 -2.81 7.98 -7.72
C ARG A 68 -2.24 9.37 -7.90
N ASP A 69 -2.80 10.06 -8.90
CA ASP A 69 -2.46 11.44 -9.21
C ASP A 69 -2.92 12.32 -8.08
N ILE A 70 -4.11 12.04 -7.60
CA ILE A 70 -4.67 12.74 -6.45
C ILE A 70 -3.79 12.54 -5.22
N TYR A 71 -3.41 11.29 -4.96
CA TYR A 71 -2.52 10.97 -3.86
C TYR A 71 -1.18 11.67 -4.03
N ASP A 72 -0.69 11.66 -5.25
CA ASP A 72 0.56 12.32 -5.61
C ASP A 72 0.52 13.83 -5.34
N GLN A 73 -0.60 14.46 -5.68
CA GLN A 73 -0.78 15.91 -5.49
C GLN A 73 -0.84 16.28 -4.01
N PHE A 74 -1.52 15.46 -3.24
CA PHE A 74 -1.67 15.73 -1.81
C PHE A 74 -0.53 15.12 -1.01
N GLY A 75 0.30 14.35 -1.69
CA GLY A 75 1.44 13.75 -1.04
C GLY A 75 2.67 13.79 -1.92
N GLY A 1 15.39 2.51 19.45
CA GLY A 1 14.59 3.75 19.63
C GLY A 1 13.25 3.64 18.95
N GLU A 2 12.48 4.71 19.00
CA GLU A 2 11.17 4.72 18.37
C GLU A 2 11.32 4.98 16.89
N PHE A 3 10.34 4.54 16.12
CA PHE A 3 10.35 4.75 14.68
C PHE A 3 10.21 6.22 14.36
N GLY A 4 9.41 6.90 15.16
CA GLY A 4 9.17 8.30 14.98
C GLY A 4 7.77 8.53 14.49
N SER A 5 7.42 7.86 13.42
CA SER A 5 6.08 7.91 12.89
C SER A 5 5.72 6.57 12.28
N MET A 6 4.46 6.20 12.37
CA MET A 6 4.00 4.96 11.78
C MET A 6 3.53 5.22 10.38
N VAL A 7 4.27 4.68 9.41
CA VAL A 7 3.98 4.88 7.98
C VAL A 7 4.10 6.36 7.62
N LYS A 8 5.28 6.75 7.14
CA LYS A 8 5.59 8.11 6.73
C LYS A 8 4.60 8.62 5.68
N GLU A 9 4.45 9.95 5.59
CA GLU A 9 3.58 10.58 4.60
C GLU A 9 3.97 10.07 3.21
N THR A 10 2.99 10.05 2.28
CA THR A 10 3.05 9.27 1.01
C THR A 10 2.81 7.83 1.42
N LYS A 11 1.88 7.73 2.37
CA LYS A 11 1.58 6.52 3.11
C LYS A 11 1.20 5.35 2.23
N PHE A 12 0.40 5.58 1.22
CA PHE A 12 -0.02 4.49 0.38
C PHE A 12 1.14 3.96 -0.46
N TYR A 13 2.04 4.85 -0.86
CA TYR A 13 3.22 4.42 -1.58
C TYR A 13 4.13 3.66 -0.62
N ASP A 14 4.26 4.21 0.59
CA ASP A 14 5.06 3.61 1.67
C ASP A 14 4.56 2.21 2.01
N ILE A 15 3.25 2.09 2.17
CA ILE A 15 2.62 0.84 2.54
C ILE A 15 2.85 -0.26 1.48
N LEU A 16 2.61 0.08 0.22
CA LEU A 16 2.87 -0.88 -0.86
C LEU A 16 4.37 -1.15 -1.05
N GLY A 17 5.21 -0.18 -0.71
CA GLY A 17 6.63 -0.35 -0.92
C GLY A 17 7.04 0.11 -2.30
N VAL A 18 6.21 0.97 -2.86
CA VAL A 18 6.42 1.52 -4.18
C VAL A 18 6.87 2.98 -4.08
N PRO A 19 7.54 3.51 -5.12
CA PRO A 19 7.97 4.90 -5.14
C PRO A 19 6.78 5.84 -5.26
N VAL A 20 7.00 7.10 -4.97
CA VAL A 20 5.96 8.11 -5.13
C VAL A 20 5.57 8.17 -6.61
N THR A 21 6.54 7.91 -7.47
CA THR A 21 6.37 7.93 -8.90
C THR A 21 6.01 6.51 -9.42
N ALA A 22 5.39 5.70 -8.57
CA ALA A 22 5.04 4.32 -8.91
C ALA A 22 4.10 4.22 -10.10
N THR A 23 4.29 3.17 -10.87
CA THR A 23 3.47 2.87 -12.02
C THR A 23 2.51 1.73 -11.70
N ASP A 24 1.55 1.47 -12.61
CA ASP A 24 0.48 0.47 -12.38
C ASP A 24 1.05 -0.89 -12.02
N VAL A 25 2.07 -1.30 -12.74
CA VAL A 25 2.68 -2.60 -12.53
C VAL A 25 3.33 -2.69 -11.15
N GLU A 26 4.04 -1.63 -10.78
CA GLU A 26 4.75 -1.59 -9.51
C GLU A 26 3.74 -1.60 -8.38
N ILE A 27 2.70 -0.84 -8.58
CA ILE A 27 1.60 -0.73 -7.66
C ILE A 27 0.90 -2.07 -7.46
N LYS A 28 0.57 -2.71 -8.56
CA LYS A 28 -0.10 -3.97 -8.52
C LYS A 28 0.75 -5.05 -7.87
N LYS A 29 2.01 -5.15 -8.28
CA LYS A 29 2.89 -6.20 -7.77
C LYS A 29 3.14 -6.02 -6.28
N ALA A 30 3.21 -4.79 -5.84
CA ALA A 30 3.35 -4.46 -4.45
C ALA A 30 2.14 -4.91 -3.68
N TYR A 31 0.98 -4.69 -4.27
CA TYR A 31 -0.26 -5.14 -3.70
C TYR A 31 -0.26 -6.64 -3.62
N ARG A 32 0.15 -7.26 -4.72
CA ARG A 32 0.18 -8.70 -4.83
C ARG A 32 1.09 -9.29 -3.79
N LYS A 33 2.26 -8.70 -3.61
CA LYS A 33 3.19 -9.22 -2.63
C LYS A 33 2.69 -8.94 -1.24
N CYS A 34 2.16 -7.76 -1.01
CA CYS A 34 1.67 -7.40 0.31
C CYS A 34 0.53 -8.33 0.72
N ALA A 35 -0.43 -8.51 -0.17
CA ALA A 35 -1.56 -9.38 0.10
C ALA A 35 -1.12 -10.84 0.25
N LEU A 36 -0.29 -11.32 -0.66
CA LEU A 36 0.18 -12.70 -0.58
C LEU A 36 0.96 -12.95 0.69
N LYS A 37 1.79 -12.01 1.03
CA LYS A 37 2.63 -12.11 2.21
C LYS A 37 1.82 -12.04 3.53
N TYR A 38 0.81 -11.15 3.60
CA TYR A 38 0.08 -10.95 4.86
C TYR A 38 -1.45 -11.11 4.76
N HIS A 39 -1.95 -11.81 3.77
CA HIS A 39 -3.41 -12.03 3.65
C HIS A 39 -3.96 -12.83 4.83
N PRO A 40 -5.13 -12.43 5.34
CA PRO A 40 -5.77 -13.09 6.49
C PRO A 40 -6.19 -14.53 6.17
N ASP A 41 -6.23 -14.85 4.89
CA ASP A 41 -6.60 -16.18 4.41
C ASP A 41 -5.60 -17.23 4.87
N LYS A 42 -4.37 -16.80 5.13
CA LYS A 42 -3.32 -17.73 5.57
C LYS A 42 -2.57 -17.15 6.75
N ASN A 43 -2.56 -15.84 6.85
CA ASN A 43 -1.93 -15.14 7.95
C ASN A 43 -3.00 -14.74 8.95
N PRO A 44 -3.04 -15.42 10.10
CA PRO A 44 -4.05 -15.18 11.12
C PRO A 44 -3.80 -13.92 11.94
N SER A 45 -2.63 -13.32 11.75
CA SER A 45 -2.28 -12.14 12.49
C SER A 45 -3.20 -11.01 12.10
N GLU A 46 -3.67 -10.31 13.09
CA GLU A 46 -4.54 -9.19 12.87
C GLU A 46 -3.80 -8.07 12.18
N GLU A 47 -2.53 -7.95 12.50
CA GLU A 47 -1.63 -6.94 11.93
C GLU A 47 -1.54 -7.17 10.43
N ALA A 48 -1.46 -8.44 10.07
CA ALA A 48 -1.36 -8.85 8.68
C ALA A 48 -2.59 -8.45 7.94
N ALA A 49 -3.69 -8.65 8.60
CA ALA A 49 -4.99 -8.28 8.08
C ALA A 49 -5.06 -6.78 7.89
N GLU A 50 -4.49 -6.04 8.86
CA GLU A 50 -4.48 -4.59 8.81
C GLU A 50 -3.71 -4.14 7.58
N LYS A 51 -2.59 -4.80 7.36
CA LYS A 51 -1.72 -4.51 6.23
C LYS A 51 -2.43 -4.80 4.91
N PHE A 52 -3.14 -5.91 4.88
CA PHE A 52 -3.91 -6.29 3.72
C PHE A 52 -4.93 -5.22 3.36
N LYS A 53 -5.65 -4.73 4.36
CA LYS A 53 -6.66 -3.71 4.16
C LYS A 53 -6.04 -2.41 3.64
N GLU A 54 -4.87 -2.06 4.15
CA GLU A 54 -4.18 -0.87 3.69
C GLU A 54 -3.68 -1.04 2.28
N ALA A 55 -3.15 -2.23 1.98
CA ALA A 55 -2.63 -2.53 0.67
C ALA A 55 -3.73 -2.48 -0.36
N SER A 56 -4.88 -3.01 0.00
CA SER A 56 -6.01 -3.03 -0.87
C SER A 56 -6.54 -1.64 -1.15
N ALA A 57 -6.60 -0.78 -0.12
CA ALA A 57 -7.07 0.59 -0.31
C ALA A 57 -6.10 1.36 -1.20
N ALA A 58 -4.82 1.11 -0.98
CA ALA A 58 -3.76 1.72 -1.75
C ALA A 58 -3.92 1.32 -3.18
N TYR A 59 -4.16 0.05 -3.39
CA TYR A 59 -4.40 -0.49 -4.71
C TYR A 59 -5.63 0.13 -5.34
N GLU A 60 -6.65 0.36 -4.54
CA GLU A 60 -7.89 0.89 -5.06
C GLU A 60 -7.69 2.24 -5.74
N ILE A 61 -6.85 3.09 -5.16
CA ILE A 61 -6.59 4.40 -5.77
C ILE A 61 -5.39 4.36 -6.69
N LEU A 62 -4.32 3.77 -6.23
CA LEU A 62 -3.08 3.70 -6.96
C LEU A 62 -3.22 2.89 -8.27
N SER A 63 -3.97 1.80 -8.24
CA SER A 63 -4.20 0.96 -9.44
C SER A 63 -4.97 1.72 -10.52
N ASP A 64 -5.51 2.87 -10.15
CA ASP A 64 -6.18 3.75 -11.10
C ASP A 64 -5.33 4.98 -11.22
N PRO A 65 -4.61 5.11 -12.32
CA PRO A 65 -3.65 6.23 -12.55
C PRO A 65 -4.28 7.59 -12.34
N GLU A 66 -5.56 7.67 -12.62
CA GLU A 66 -6.28 8.91 -12.46
C GLU A 66 -6.42 9.24 -11.00
N LYS A 67 -6.65 8.21 -10.22
CA LYS A 67 -6.82 8.33 -8.80
C LYS A 67 -5.46 8.40 -8.15
N ARG A 68 -4.50 7.85 -8.83
CA ARG A 68 -3.14 7.82 -8.40
C ARG A 68 -2.58 9.23 -8.47
N ASP A 69 -2.88 9.92 -9.59
CA ASP A 69 -2.44 11.30 -9.78
C ASP A 69 -3.15 12.18 -8.80
N ILE A 70 -4.42 11.89 -8.60
CA ILE A 70 -5.22 12.62 -7.67
C ILE A 70 -4.67 12.46 -6.26
N TYR A 71 -4.36 11.22 -5.90
CA TYR A 71 -3.74 10.94 -4.60
C TYR A 71 -2.41 11.67 -4.48
N ASP A 72 -1.61 11.57 -5.52
CA ASP A 72 -0.28 12.17 -5.55
C ASP A 72 -0.33 13.68 -5.35
N GLN A 73 -1.27 14.32 -6.05
CA GLN A 73 -1.40 15.78 -6.01
C GLN A 73 -1.83 16.28 -4.64
N PHE A 74 -2.73 15.56 -4.00
CA PHE A 74 -3.22 15.97 -2.69
C PHE A 74 -2.34 15.40 -1.58
N GLY A 75 -1.53 14.43 -1.93
CA GLY A 75 -0.62 13.84 -0.96
C GLY A 75 -1.22 12.62 -0.28
N GLY A 1 4.72 0.79 17.38
CA GLY A 1 3.97 2.04 17.65
C GLY A 1 4.79 3.00 18.49
N GLU A 2 4.10 3.88 19.22
CA GLU A 2 4.75 4.85 20.10
C GLU A 2 5.72 5.74 19.32
N PHE A 3 5.29 6.20 18.14
CA PHE A 3 6.14 7.03 17.31
C PHE A 3 5.33 8.09 16.60
N GLY A 4 6.00 9.11 16.14
CA GLY A 4 5.35 10.16 15.40
C GLY A 4 5.85 10.20 13.99
N SER A 5 4.95 10.41 13.05
CA SER A 5 5.32 10.48 11.66
C SER A 5 5.55 11.94 11.28
N MET A 6 6.79 12.28 10.95
CA MET A 6 7.10 13.65 10.61
C MET A 6 7.11 13.84 9.10
N VAL A 7 6.12 14.59 8.61
CA VAL A 7 5.93 14.90 7.18
C VAL A 7 6.30 13.72 6.28
N LYS A 8 5.53 12.64 6.42
CA LYS A 8 5.78 11.45 5.60
C LYS A 8 4.75 11.29 4.51
N GLU A 9 5.17 11.34 3.27
CA GLU A 9 4.29 11.09 2.16
C GLU A 9 4.78 9.88 1.39
N THR A 10 4.03 9.50 0.35
CA THR A 10 4.34 8.32 -0.49
C THR A 10 4.43 7.03 0.34
N LYS A 11 3.81 7.07 1.51
CA LYS A 11 3.78 5.96 2.46
C LYS A 11 3.16 4.74 1.83
N PHE A 12 2.14 4.96 1.03
CA PHE A 12 1.46 3.85 0.40
C PHE A 12 2.34 3.19 -0.66
N TYR A 13 3.23 3.96 -1.28
CA TYR A 13 4.14 3.40 -2.25
C TYR A 13 5.16 2.53 -1.52
N ASP A 14 5.64 3.06 -0.39
CA ASP A 14 6.58 2.33 0.48
C ASP A 14 5.96 1.06 0.99
N ILE A 15 4.72 1.15 1.43
CA ILE A 15 4.01 0.01 1.97
C ILE A 15 3.84 -1.11 0.92
N LEU A 16 3.36 -0.76 -0.27
CA LEU A 16 3.23 -1.75 -1.35
C LEU A 16 4.58 -2.25 -1.87
N GLY A 17 5.61 -1.42 -1.75
CA GLY A 17 6.92 -1.81 -2.27
C GLY A 17 7.12 -1.31 -3.69
N VAL A 18 6.30 -0.37 -4.07
CA VAL A 18 6.36 0.22 -5.40
C VAL A 18 6.98 1.61 -5.32
N PRO A 19 7.59 2.07 -6.41
CA PRO A 19 8.17 3.41 -6.45
C PRO A 19 7.09 4.47 -6.48
N VAL A 20 7.44 5.69 -6.17
CA VAL A 20 6.50 6.79 -6.25
C VAL A 20 6.02 6.92 -7.69
N THR A 21 6.94 6.64 -8.60
CA THR A 21 6.69 6.72 -10.03
C THR A 21 6.12 5.37 -10.55
N ALA A 22 5.54 4.59 -9.65
CA ALA A 22 5.00 3.28 -9.98
C ALA A 22 3.90 3.34 -11.00
N THR A 23 3.83 2.32 -11.81
CA THR A 23 2.79 2.17 -12.78
C THR A 23 1.65 1.36 -12.19
N ASP A 24 0.51 1.35 -12.87
CA ASP A 24 -0.64 0.58 -12.43
C ASP A 24 -0.27 -0.89 -12.30
N VAL A 25 0.58 -1.36 -13.22
CA VAL A 25 1.02 -2.76 -13.22
C VAL A 25 1.76 -3.10 -11.92
N GLU A 26 2.72 -2.25 -11.54
CA GLU A 26 3.45 -2.44 -10.28
C GLU A 26 2.52 -2.39 -9.11
N ILE A 27 1.57 -1.51 -9.19
CA ILE A 27 0.58 -1.34 -8.16
C ILE A 27 -0.27 -2.62 -7.99
N LYS A 28 -0.69 -3.20 -9.11
CA LYS A 28 -1.49 -4.43 -9.11
C LYS A 28 -0.70 -5.58 -8.47
N LYS A 29 0.53 -5.77 -8.94
CA LYS A 29 1.38 -6.87 -8.48
C LYS A 29 1.81 -6.69 -7.04
N ALA A 30 2.07 -5.47 -6.65
CA ALA A 30 2.43 -5.16 -5.29
C ALA A 30 1.29 -5.49 -4.37
N TYR A 31 0.08 -5.15 -4.80
CA TYR A 31 -1.10 -5.49 -4.06
C TYR A 31 -1.23 -6.99 -3.98
N ARG A 32 -1.03 -7.64 -5.11
CA ARG A 32 -1.14 -9.09 -5.21
C ARG A 32 -0.16 -9.75 -4.28
N LYS A 33 1.07 -9.30 -4.28
CA LYS A 33 2.06 -9.92 -3.44
C LYS A 33 1.82 -9.58 -1.98
N CYS A 34 1.50 -8.34 -1.69
CA CYS A 34 1.27 -7.96 -0.29
C CYS A 34 0.09 -8.72 0.31
N ALA A 35 -1.00 -8.80 -0.42
CA ALA A 35 -2.18 -9.49 0.05
C ALA A 35 -1.96 -11.01 0.10
N LEU A 36 -1.41 -11.58 -0.96
CA LEU A 36 -1.17 -13.01 -1.01
C LEU A 36 -0.15 -13.47 0.02
N LYS A 37 0.89 -12.68 0.21
CA LYS A 37 1.93 -13.00 1.16
C LYS A 37 1.42 -12.97 2.61
N TYR A 38 0.56 -12.00 2.93
CA TYR A 38 0.12 -11.82 4.33
C TYR A 38 -1.39 -11.99 4.56
N HIS A 39 -2.09 -12.60 3.62
CA HIS A 39 -3.55 -12.78 3.77
C HIS A 39 -3.90 -13.70 4.96
N PRO A 40 -4.97 -13.38 5.70
CA PRO A 40 -5.41 -14.18 6.87
C PRO A 40 -5.88 -15.58 6.47
N ASP A 41 -6.14 -15.75 5.18
CA ASP A 41 -6.60 -17.04 4.65
C ASP A 41 -5.55 -18.12 4.84
N LYS A 42 -4.28 -17.72 4.89
CA LYS A 42 -3.19 -18.68 5.08
C LYS A 42 -2.23 -18.21 6.17
N ASN A 43 -2.14 -16.89 6.31
CA ASN A 43 -1.30 -16.29 7.33
C ASN A 43 -2.15 -16.00 8.55
N PRO A 44 -1.89 -16.71 9.66
CA PRO A 44 -2.68 -16.59 10.88
C PRO A 44 -2.32 -15.36 11.72
N SER A 45 -1.36 -14.59 11.27
CA SER A 45 -0.92 -13.44 12.01
C SER A 45 -1.88 -12.29 11.82
N GLU A 46 -2.26 -11.69 12.92
CA GLU A 46 -3.16 -10.56 12.92
C GLU A 46 -2.51 -9.37 12.25
N GLU A 47 -1.22 -9.22 12.50
CA GLU A 47 -0.42 -8.15 11.93
C GLU A 47 -0.44 -8.23 10.41
N ALA A 48 -0.37 -9.46 9.92
CA ALA A 48 -0.42 -9.73 8.49
C ALA A 48 -1.75 -9.28 7.93
N ALA A 49 -2.77 -9.53 8.70
CA ALA A 49 -4.10 -9.10 8.34
C ALA A 49 -4.18 -7.56 8.34
N GLU A 50 -3.50 -6.95 9.31
CA GLU A 50 -3.47 -5.50 9.46
C GLU A 50 -2.78 -4.86 8.26
N LYS A 51 -1.66 -5.44 7.88
CA LYS A 51 -0.89 -4.94 6.74
C LYS A 51 -1.65 -5.16 5.44
N PHE A 52 -2.44 -6.20 5.38
CA PHE A 52 -3.36 -6.42 4.28
C PHE A 52 -4.32 -5.23 4.13
N LYS A 53 -4.88 -4.78 5.24
CA LYS A 53 -5.84 -3.68 5.22
C LYS A 53 -5.21 -2.38 4.70
N GLU A 54 -4.01 -2.07 5.15
CA GLU A 54 -3.34 -0.86 4.69
C GLU A 54 -2.88 -1.00 3.23
N ALA A 55 -2.50 -2.22 2.85
CA ALA A 55 -2.07 -2.49 1.49
C ALA A 55 -3.24 -2.31 0.52
N SER A 56 -4.42 -2.73 0.94
CA SER A 56 -5.59 -2.63 0.12
C SER A 56 -6.02 -1.18 -0.08
N ALA A 57 -5.87 -0.36 0.97
CA ALA A 57 -6.19 1.08 0.88
C ALA A 57 -5.27 1.77 -0.12
N ALA A 58 -4.01 1.35 -0.10
CA ALA A 58 -3.01 1.86 -1.02
C ALA A 58 -3.45 1.53 -2.42
N TYR A 59 -3.90 0.31 -2.60
CA TYR A 59 -4.41 -0.16 -3.87
C TYR A 59 -5.62 0.65 -4.29
N GLU A 60 -6.44 1.01 -3.32
CA GLU A 60 -7.65 1.75 -3.62
C GLU A 60 -7.35 3.07 -4.33
N ILE A 61 -6.32 3.76 -3.89
CA ILE A 61 -5.96 5.03 -4.52
C ILE A 61 -4.96 4.84 -5.64
N LEU A 62 -3.95 4.07 -5.37
CA LEU A 62 -2.89 3.82 -6.33
C LEU A 62 -3.36 3.11 -7.60
N SER A 63 -4.27 2.15 -7.45
CA SER A 63 -4.82 1.39 -8.60
C SER A 63 -5.62 2.30 -9.52
N ASP A 64 -5.90 3.50 -9.06
CA ASP A 64 -6.60 4.47 -9.85
C ASP A 64 -5.67 5.63 -10.10
N PRO A 65 -5.12 5.73 -11.31
CA PRO A 65 -4.10 6.73 -11.68
C PRO A 65 -4.48 8.15 -11.31
N GLU A 66 -5.75 8.45 -11.36
CA GLU A 66 -6.19 9.78 -11.03
C GLU A 66 -6.08 10.00 -9.54
N LYS A 67 -6.36 8.94 -8.79
CA LYS A 67 -6.30 8.96 -7.36
C LYS A 67 -4.85 8.90 -6.95
N ARG A 68 -4.08 8.27 -7.80
CA ARG A 68 -2.66 8.09 -7.61
C ARG A 68 -1.99 9.46 -7.71
N ASP A 69 -2.43 10.27 -8.67
CA ASP A 69 -1.94 11.63 -8.85
C ASP A 69 -2.45 12.51 -7.74
N ILE A 70 -3.69 12.27 -7.35
CA ILE A 70 -4.31 12.97 -6.24
C ILE A 70 -3.51 12.71 -4.96
N TYR A 71 -3.18 11.46 -4.73
CA TYR A 71 -2.37 11.08 -3.57
C TYR A 71 -1.00 11.77 -3.61
N ASP A 72 -0.40 11.77 -4.77
CA ASP A 72 0.91 12.43 -4.96
C ASP A 72 0.84 13.92 -4.63
N GLN A 73 -0.16 14.59 -5.17
CA GLN A 73 -0.34 16.03 -4.99
C GLN A 73 -0.75 16.38 -3.57
N PHE A 74 -1.61 15.57 -2.98
CA PHE A 74 -2.08 15.80 -1.63
C PHE A 74 -1.20 15.11 -0.62
N GLY A 75 -0.14 14.50 -1.12
CA GLY A 75 0.83 13.88 -0.24
C GLY A 75 1.75 14.91 0.37
#